data_2MMZ
#
_entry.id   2MMZ
#
_entity_poly.entity_id   1
_entity_poly.type   'polypeptide(L)'
_entity_poly.pdbx_seq_one_letter_code
;GSFTMGAGGGGSAEQLDALVKKDKVVVFLKGTPEQPQCGFSNAVVQILRLHGVRDYAAYNVLDDPELRQGIKDYSNWPTI
PQVYLNGEFVGGCDILLQMHQNGDLVEELKKLGIHSALLDE
;
_entity_poly.pdbx_strand_id   A
#
# COMPACT_ATOMS: atom_id res chain seq x y z
N GLY A 1 9.14 -3.93 -17.03
CA GLY A 1 8.11 -3.89 -15.97
C GLY A 1 6.86 -3.19 -16.48
N SER A 2 6.29 -2.30 -15.67
CA SER A 2 4.93 -1.74 -15.86
C SER A 2 4.87 -0.26 -16.29
N PHE A 3 5.99 0.30 -16.76
CA PHE A 3 6.21 1.72 -17.10
C PHE A 3 6.05 2.69 -15.91
N THR A 4 6.69 3.86 -16.00
CA THR A 4 6.84 4.83 -14.89
C THR A 4 5.70 5.86 -14.79
N MET A 5 5.65 6.56 -13.66
CA MET A 5 4.75 7.68 -13.36
C MET A 5 5.21 9.02 -13.96
N GLY A 6 4.31 10.01 -14.06
CA GLY A 6 4.62 11.38 -14.50
C GLY A 6 3.56 12.47 -14.26
N ALA A 7 2.32 12.12 -13.92
CA ALA A 7 1.21 13.08 -13.80
C ALA A 7 1.18 13.88 -12.47
N GLY A 8 0.29 14.87 -12.39
CA GLY A 8 -0.01 15.69 -11.22
C GLY A 8 -1.44 16.25 -11.22
N GLY A 9 -1.96 16.62 -10.04
CA GLY A 9 -3.28 17.24 -9.86
C GLY A 9 -3.76 17.29 -8.39
N GLY A 10 -4.82 18.05 -8.11
CA GLY A 10 -5.39 18.20 -6.77
C GLY A 10 -6.27 17.03 -6.34
N GLY A 11 -5.65 15.96 -5.83
CA GLY A 11 -6.31 14.75 -5.30
C GLY A 11 -7.03 13.86 -6.32
N SER A 12 -6.94 14.24 -7.59
CA SER A 12 -7.60 13.61 -8.74
C SER A 12 -7.12 12.19 -9.01
N ALA A 13 -7.99 11.35 -9.56
CA ALA A 13 -7.66 9.96 -9.86
C ALA A 13 -6.42 9.80 -10.76
N GLU A 14 -6.22 10.66 -11.76
CA GLU A 14 -5.01 10.67 -12.60
C GLU A 14 -3.70 10.99 -11.83
N GLN A 15 -3.78 11.69 -10.69
CA GLN A 15 -2.66 11.93 -9.76
C GLN A 15 -2.45 10.74 -8.83
N LEU A 16 -3.51 10.25 -8.20
CA LEU A 16 -3.49 9.06 -7.33
C LEU A 16 -2.95 7.82 -8.06
N ASP A 17 -3.22 7.72 -9.35
CA ASP A 17 -2.67 6.72 -10.27
C ASP A 17 -1.13 6.78 -10.33
N ALA A 18 -0.59 7.99 -10.46
CA ALA A 18 0.85 8.21 -10.55
C ALA A 18 1.49 7.99 -9.17
N LEU A 19 0.72 8.26 -8.11
CA LEU A 19 1.09 8.02 -6.72
C LEU A 19 1.22 6.53 -6.40
N VAL A 20 0.27 5.67 -6.80
CA VAL A 20 0.46 4.20 -6.70
C VAL A 20 1.52 3.68 -7.66
N LYS A 21 1.86 4.41 -8.73
CA LYS A 21 2.92 4.07 -9.67
C LYS A 21 4.31 4.62 -9.33
N LYS A 22 4.49 5.24 -8.16
CA LYS A 22 5.80 5.68 -7.64
C LYS A 22 6.67 4.55 -7.08
N ASP A 23 6.08 3.45 -6.61
CA ASP A 23 6.83 2.26 -6.19
C ASP A 23 6.07 0.97 -6.53
N LYS A 24 6.68 -0.17 -6.21
CA LYS A 24 6.03 -1.48 -6.27
C LYS A 24 5.34 -1.91 -4.98
N VAL A 25 5.62 -1.20 -3.90
CA VAL A 25 5.04 -1.44 -2.57
C VAL A 25 4.73 -0.07 -2.02
N VAL A 26 3.59 0.42 -2.46
CA VAL A 26 3.13 1.73 -2.01
C VAL A 26 2.11 1.48 -0.92
N VAL A 27 2.46 1.89 0.30
CA VAL A 27 1.68 1.69 1.52
C VAL A 27 1.05 3.00 1.93
N PHE A 28 -0.09 2.93 2.59
CA PHE A 28 -1.03 4.04 2.64
C PHE A 28 -1.76 4.02 3.96
N LEU A 29 -1.46 4.95 4.86
CA LEU A 29 -2.08 4.98 6.18
C LEU A 29 -2.24 6.42 6.69
N LYS A 30 -3.19 6.68 7.59
CA LYS A 30 -3.36 8.00 8.23
C LYS A 30 -2.34 8.16 9.38
N GLY A 31 -1.05 8.15 9.02
CA GLY A 31 0.04 7.86 9.95
C GLY A 31 1.36 7.46 9.28
N THR A 32 2.27 6.93 10.09
CA THR A 32 3.63 6.49 9.72
C THR A 32 3.92 5.06 10.20
N PRO A 33 4.93 4.38 9.63
CA PRO A 33 5.33 3.04 10.07
C PRO A 33 5.99 3.04 11.46
N GLU A 34 6.48 4.20 11.91
CA GLU A 34 7.26 4.39 13.15
C GLU A 34 6.44 4.85 14.37
N GLN A 35 5.18 5.29 14.20
CA GLN A 35 4.30 5.68 15.30
C GLN A 35 2.84 5.24 15.02
N PRO A 36 2.16 4.54 15.95
CA PRO A 36 0.80 4.00 15.77
C PRO A 36 -0.26 5.11 15.82
N GLN A 37 -0.47 5.73 14.67
CA GLN A 37 -1.57 6.64 14.30
C GLN A 37 -2.90 6.33 15.01
N CYS A 38 -3.45 5.17 14.67
CA CYS A 38 -4.67 4.55 15.15
C CYS A 38 -4.58 3.05 14.79
N GLY A 39 -5.56 2.24 15.19
CA GLY A 39 -5.57 0.78 15.02
C GLY A 39 -5.18 0.25 13.63
N PHE A 40 -4.60 -0.94 13.60
CA PHE A 40 -4.15 -1.68 12.43
C PHE A 40 -3.06 -1.06 11.53
N SER A 41 -2.31 -0.06 12.01
CA SER A 41 -1.19 0.54 11.24
C SER A 41 0.11 -0.26 11.28
N ASN A 42 0.34 -1.01 12.34
CA ASN A 42 1.49 -1.91 12.47
C ASN A 42 1.21 -3.26 11.82
N ALA A 43 -0.04 -3.69 11.73
CA ALA A 43 -0.43 -4.99 11.17
C ALA A 43 0.00 -5.15 9.71
N VAL A 44 -0.04 -4.06 8.94
CA VAL A 44 0.48 -4.01 7.59
C VAL A 44 2.01 -4.08 7.53
N VAL A 45 2.69 -3.40 8.44
CA VAL A 45 4.16 -3.31 8.47
C VAL A 45 4.79 -4.60 9.03
N GLN A 46 4.16 -5.24 10.01
CA GLN A 46 4.46 -6.61 10.46
C GLN A 46 4.38 -7.58 9.28
N ILE A 47 3.27 -7.62 8.52
CA ILE A 47 3.14 -8.56 7.39
C ILE A 47 4.22 -8.30 6.33
N LEU A 48 4.44 -7.04 5.97
CA LEU A 48 5.49 -6.68 5.01
C LEU A 48 6.89 -7.09 5.47
N ARG A 49 7.33 -6.70 6.68
CA ARG A 49 8.65 -7.02 7.19
C ARG A 49 8.90 -8.52 7.42
N LEU A 50 7.88 -9.29 7.80
CA LEU A 50 7.91 -10.76 7.89
C LEU A 50 8.20 -11.39 6.53
N HIS A 51 7.55 -10.87 5.48
CA HIS A 51 7.77 -11.26 4.09
C HIS A 51 9.10 -10.76 3.50
N GLY A 52 9.93 -10.00 4.25
CA GLY A 52 11.19 -9.46 3.75
C GLY A 52 11.05 -8.11 3.01
N VAL A 53 9.92 -7.42 3.18
CA VAL A 53 9.59 -6.16 2.50
C VAL A 53 9.58 -5.01 3.51
N ARG A 54 10.61 -4.16 3.42
CA ARG A 54 10.91 -3.08 4.37
C ARG A 54 11.23 -1.74 3.72
N ASP A 55 11.41 -1.75 2.40
CA ASP A 55 11.69 -0.62 1.52
C ASP A 55 10.44 -0.18 0.72
N TYR A 56 9.22 -0.36 1.27
CA TYR A 56 8.01 0.28 0.72
C TYR A 56 8.17 1.81 0.83
N ALA A 57 7.30 2.52 0.14
CA ALA A 57 7.03 3.92 0.46
C ALA A 57 5.77 3.96 1.33
N ALA A 58 5.91 4.29 2.61
CA ALA A 58 4.76 4.41 3.50
C ALA A 58 4.21 5.85 3.36
N TYR A 59 3.10 6.05 2.66
CA TYR A 59 2.44 7.34 2.51
C TYR A 59 1.53 7.65 3.70
N ASN A 60 1.94 8.68 4.45
CA ASN A 60 1.10 9.36 5.39
C ASN A 60 0.11 10.27 4.66
N VAL A 61 -1.18 9.91 4.73
CA VAL A 61 -2.26 10.69 4.11
C VAL A 61 -2.80 11.83 5.00
N LEU A 62 -2.19 12.12 6.15
CA LEU A 62 -2.50 13.30 6.98
C LEU A 62 -1.63 14.52 6.63
N ASP A 63 -0.54 14.31 5.89
CA ASP A 63 0.43 15.35 5.52
C ASP A 63 -0.16 16.36 4.53
N ASP A 64 -0.88 15.85 3.53
CA ASP A 64 -1.57 16.60 2.48
C ASP A 64 -3.09 16.28 2.42
N PRO A 65 -3.98 17.29 2.38
CA PRO A 65 -5.42 17.07 2.28
C PRO A 65 -5.80 16.40 0.96
N GLU A 66 -5.04 16.64 -0.11
CA GLU A 66 -5.19 16.00 -1.40
C GLU A 66 -4.87 14.51 -1.36
N LEU A 67 -3.85 14.10 -0.58
CA LEU A 67 -3.60 12.68 -0.32
C LEU A 67 -4.79 12.09 0.42
N ARG A 68 -5.24 12.77 1.49
CA ARG A 68 -6.34 12.35 2.37
C ARG A 68 -7.64 12.12 1.59
N GLN A 69 -8.16 13.18 0.99
CA GLN A 69 -9.43 13.16 0.28
C GLN A 69 -9.34 12.45 -1.06
N GLY A 70 -8.17 12.53 -1.70
CA GLY A 70 -7.88 11.78 -2.89
C GLY A 70 -7.98 10.27 -2.66
N ILE A 71 -7.41 9.73 -1.57
CA ILE A 71 -7.43 8.29 -1.30
C ILE A 71 -8.78 7.82 -0.76
N LYS A 72 -9.43 8.64 0.08
CA LYS A 72 -10.80 8.37 0.57
C LYS A 72 -11.77 8.22 -0.60
N ASP A 73 -11.77 9.16 -1.54
CA ASP A 73 -12.64 9.11 -2.73
C ASP A 73 -12.26 7.96 -3.69
N TYR A 74 -10.98 7.81 -4.04
CA TYR A 74 -10.47 6.76 -4.93
C TYR A 74 -10.87 5.36 -4.44
N SER A 75 -10.80 5.12 -3.12
CA SER A 75 -11.20 3.85 -2.47
C SER A 75 -12.71 3.74 -2.18
N ASN A 76 -13.43 4.85 -2.32
CA ASN A 76 -14.78 5.09 -1.80
C ASN A 76 -14.97 4.76 -0.29
N TRP A 77 -13.95 4.99 0.53
CA TRP A 77 -13.88 4.58 1.94
C TRP A 77 -13.56 5.78 2.85
N PRO A 78 -14.04 5.78 4.11
CA PRO A 78 -13.73 6.86 5.07
C PRO A 78 -12.31 6.71 5.67
N THR A 79 -11.85 5.48 5.90
CA THR A 79 -10.56 5.21 6.56
C THR A 79 -10.10 3.77 6.34
N ILE A 80 -8.84 3.62 5.93
CA ILE A 80 -8.13 2.35 5.74
C ILE A 80 -6.64 2.49 6.16
N PRO A 81 -5.93 1.38 6.40
CA PRO A 81 -4.60 1.23 5.79
C PRO A 81 -4.66 0.36 4.53
N GLN A 82 -3.90 0.69 3.47
CA GLN A 82 -3.85 -0.07 2.22
C GLN A 82 -2.40 -0.40 1.82
N VAL A 83 -2.23 -1.38 0.93
CA VAL A 83 -1.05 -1.50 0.09
C VAL A 83 -1.46 -1.78 -1.35
N TYR A 84 -0.78 -1.12 -2.28
CA TYR A 84 -0.91 -1.36 -3.72
C TYR A 84 0.39 -1.99 -4.21
N LEU A 85 0.29 -3.09 -4.95
CA LEU A 85 1.44 -3.75 -5.56
C LEU A 85 1.43 -3.53 -7.07
N ASN A 86 2.55 -3.00 -7.58
CA ASN A 86 2.70 -2.63 -9.00
C ASN A 86 1.62 -1.62 -9.47
N GLY A 87 1.20 -0.72 -8.58
CA GLY A 87 0.06 0.19 -8.76
C GLY A 87 -1.35 -0.44 -8.69
N GLU A 88 -1.50 -1.73 -8.42
CA GLU A 88 -2.79 -2.45 -8.41
C GLU A 88 -3.26 -2.71 -6.99
N PHE A 89 -4.59 -2.68 -6.82
CA PHE A 89 -5.24 -2.84 -5.53
C PHE A 89 -5.47 -4.30 -5.15
N VAL A 90 -5.18 -4.52 -3.89
CA VAL A 90 -4.39 -5.64 -3.40
C VAL A 90 -4.77 -5.89 -1.95
N GLY A 91 -4.90 -4.81 -1.17
CA GLY A 91 -6.02 -4.72 -0.25
C GLY A 91 -5.88 -3.70 0.87
N GLY A 92 -6.98 -3.49 1.61
CA GLY A 92 -6.98 -2.82 2.91
C GLY A 92 -6.57 -3.75 4.06
N CYS A 93 -6.35 -3.20 5.26
CA CYS A 93 -5.74 -3.96 6.37
C CYS A 93 -6.55 -5.17 6.87
N ASP A 94 -7.88 -5.16 6.73
CA ASP A 94 -8.69 -6.36 7.01
C ASP A 94 -8.47 -7.49 5.98
N ILE A 95 -8.30 -7.14 4.70
CA ILE A 95 -8.08 -8.09 3.60
C ILE A 95 -6.68 -8.69 3.68
N LEU A 96 -5.67 -7.85 3.93
CA LEU A 96 -4.29 -8.28 4.07
C LEU A 96 -4.13 -9.39 5.14
N LEU A 97 -4.92 -9.31 6.21
CA LEU A 97 -4.94 -10.26 7.33
C LEU A 97 -5.50 -11.63 6.94
N GLN A 98 -6.36 -11.70 5.91
CA GLN A 98 -6.82 -12.94 5.32
C GLN A 98 -5.75 -13.53 4.39
N MET A 99 -5.26 -12.71 3.46
CA MET A 99 -4.42 -13.12 2.35
C MET A 99 -3.00 -13.51 2.77
N HIS A 100 -2.47 -12.89 3.83
CA HIS A 100 -1.18 -13.27 4.44
C HIS A 100 -1.12 -14.76 4.74
N GLN A 101 -2.19 -15.17 5.39
CA GLN A 101 -2.29 -16.38 6.18
C GLN A 101 -2.79 -17.55 5.34
N ASN A 102 -3.48 -17.25 4.24
CA ASN A 102 -3.73 -18.14 3.13
C ASN A 102 -2.53 -18.26 2.15
N GLY A 103 -1.76 -17.18 1.95
CA GLY A 103 -0.53 -17.19 1.12
C GLY A 103 -0.75 -16.61 -0.29
N ASP A 104 -1.82 -15.86 -0.51
CA ASP A 104 -2.10 -15.22 -1.81
C ASP A 104 -1.32 -13.93 -2.04
N LEU A 105 -0.66 -13.38 -1.01
CA LEU A 105 0.23 -12.23 -1.15
C LEU A 105 1.56 -12.62 -1.82
N VAL A 106 1.89 -13.90 -1.70
CA VAL A 106 3.20 -14.51 -1.95
C VAL A 106 3.37 -14.73 -3.46
N GLU A 107 2.29 -15.16 -4.11
CA GLU A 107 2.12 -15.24 -5.56
C GLU A 107 2.09 -13.84 -6.20
N GLU A 108 1.41 -12.90 -5.55
CA GLU A 108 1.37 -11.48 -5.93
C GLU A 108 2.78 -10.86 -5.90
N LEU A 109 3.57 -11.13 -4.86
CA LEU A 109 4.98 -10.72 -4.76
C LEU A 109 5.85 -11.35 -5.86
N LYS A 110 5.62 -12.61 -6.22
CA LYS A 110 6.34 -13.31 -7.31
C LYS A 110 6.11 -12.66 -8.68
N LYS A 111 4.98 -11.99 -8.95
CA LYS A 111 4.75 -11.23 -10.21
C LYS A 111 5.81 -10.14 -10.42
N LEU A 112 6.17 -9.44 -9.34
CA LEU A 112 7.18 -8.39 -9.34
C LEU A 112 8.62 -8.93 -9.40
N GLY A 113 8.83 -10.21 -9.12
CA GLY A 113 10.16 -10.79 -8.86
C GLY A 113 10.61 -10.63 -7.40
N ILE A 114 9.67 -10.40 -6.46
CA ILE A 114 9.94 -10.33 -5.02
C ILE A 114 9.73 -11.70 -4.36
N HIS A 115 10.57 -11.98 -3.38
CA HIS A 115 10.67 -13.25 -2.67
C HIS A 115 10.31 -13.11 -1.20
N SER A 116 9.15 -13.66 -0.82
CA SER A 116 8.70 -13.78 0.57
C SER A 116 9.71 -14.58 1.41
N ALA A 117 10.29 -13.97 2.44
CA ALA A 117 11.25 -14.58 3.36
C ALA A 117 10.69 -15.76 4.21
N LEU A 118 9.39 -16.05 4.10
CA LEU A 118 8.72 -17.22 4.66
C LEU A 118 8.97 -18.50 3.82
N LEU A 119 9.51 -18.34 2.60
CA LEU A 119 10.05 -19.39 1.75
C LEU A 119 11.30 -20.04 2.35
N ASP A 120 12.12 -19.26 3.06
CA ASP A 120 13.45 -19.67 3.55
C ASP A 120 13.45 -20.23 5.00
N GLU A 121 12.25 -20.53 5.50
CA GLU A 121 11.96 -21.12 6.80
C GLU A 121 12.08 -22.65 6.80
N GLY A 1 7.79 -0.72 -12.38
CA GLY A 1 6.45 -1.28 -12.50
C GLY A 1 6.33 -2.13 -13.74
N SER A 2 6.59 -3.43 -13.61
CA SER A 2 6.57 -4.42 -14.70
C SER A 2 5.18 -4.71 -15.29
N PHE A 3 4.12 -4.21 -14.63
CA PHE A 3 2.75 -4.17 -15.13
C PHE A 3 2.15 -2.77 -14.85
N THR A 4 0.97 -2.55 -15.42
CA THR A 4 0.15 -1.32 -15.34
C THR A 4 0.80 -0.06 -15.95
N MET A 5 -0.03 0.94 -16.21
CA MET A 5 0.32 2.21 -16.87
C MET A 5 1.17 3.18 -16.00
N GLY A 6 1.52 4.31 -16.60
CA GLY A 6 1.92 5.57 -15.94
C GLY A 6 0.97 6.71 -16.30
N ALA A 7 0.90 7.73 -15.43
CA ALA A 7 -0.02 8.88 -15.51
C ALA A 7 0.56 10.17 -14.88
N GLY A 8 -0.21 11.27 -14.90
CA GLY A 8 0.10 12.51 -14.18
C GLY A 8 -1.02 13.57 -14.22
N GLY A 9 -1.06 14.43 -13.20
CA GLY A 9 -2.02 15.54 -13.06
C GLY A 9 -1.89 16.30 -11.73
N GLY A 10 -2.70 17.35 -11.55
CA GLY A 10 -2.75 18.21 -10.35
C GLY A 10 -3.73 17.77 -9.25
N GLY A 11 -4.15 16.50 -9.24
CA GLY A 11 -5.27 15.99 -8.45
C GLY A 11 -6.10 14.96 -9.22
N SER A 12 -7.13 14.40 -8.57
CA SER A 12 -8.03 13.38 -9.12
C SER A 12 -7.36 12.05 -9.49
N ALA A 13 -8.11 11.10 -10.04
CA ALA A 13 -7.67 9.71 -10.19
C ALA A 13 -6.37 9.54 -11.00
N GLU A 14 -6.12 10.37 -12.02
CA GLU A 14 -4.87 10.37 -12.80
C GLU A 14 -3.63 10.81 -12.01
N GLN A 15 -3.81 11.60 -10.95
CA GLN A 15 -2.74 11.92 -9.99
C GLN A 15 -2.55 10.76 -9.02
N LEU A 16 -3.63 10.24 -8.43
CA LEU A 16 -3.58 9.11 -7.51
C LEU A 16 -3.00 7.84 -8.17
N ASP A 17 -3.24 7.65 -9.47
CA ASP A 17 -2.62 6.61 -10.31
C ASP A 17 -1.09 6.83 -10.41
N ALA A 18 -0.68 8.08 -10.54
CA ALA A 18 0.72 8.45 -10.64
C ALA A 18 1.42 8.30 -9.28
N LEU A 19 0.66 8.48 -8.20
CA LEU A 19 1.05 8.30 -6.81
C LEU A 19 1.30 6.82 -6.48
N VAL A 20 0.36 5.91 -6.82
CA VAL A 20 0.61 4.46 -6.71
C VAL A 20 1.71 3.97 -7.65
N LYS A 21 2.02 4.71 -8.73
CA LYS A 21 3.18 4.40 -9.57
C LYS A 21 4.54 5.01 -9.17
N LYS A 22 4.68 5.62 -7.98
CA LYS A 22 6.00 6.00 -7.42
C LYS A 22 6.86 4.79 -7.01
N ASP A 23 6.24 3.73 -6.52
CA ASP A 23 6.94 2.50 -6.13
C ASP A 23 6.20 1.25 -6.61
N LYS A 24 6.78 0.09 -6.32
CA LYS A 24 6.11 -1.22 -6.48
C LYS A 24 5.36 -1.69 -5.25
N VAL A 25 5.59 -1.03 -4.12
CA VAL A 25 4.98 -1.33 -2.81
C VAL A 25 4.62 0.02 -2.22
N VAL A 26 3.46 0.50 -2.61
CA VAL A 26 3.01 1.80 -2.12
C VAL A 26 1.98 1.58 -1.04
N VAL A 27 2.34 1.99 0.19
CA VAL A 27 1.57 1.77 1.42
C VAL A 27 0.95 3.07 1.86
N PHE A 28 -0.20 2.96 2.51
CA PHE A 28 -1.14 4.06 2.65
C PHE A 28 -1.82 3.94 3.99
N LEU A 29 -1.49 4.83 4.93
CA LEU A 29 -2.04 4.79 6.26
C LEU A 29 -2.18 6.20 6.86
N LYS A 30 -3.14 6.41 7.79
CA LYS A 30 -3.35 7.71 8.45
C LYS A 30 -2.33 7.88 9.59
N GLY A 31 -1.06 7.93 9.21
CA GLY A 31 0.07 7.68 10.11
C GLY A 31 1.34 7.23 9.39
N THR A 32 2.23 6.58 10.13
CA THR A 32 3.58 6.15 9.68
C THR A 32 3.93 4.75 10.19
N PRO A 33 4.97 4.10 9.61
CA PRO A 33 5.48 2.83 10.12
C PRO A 33 6.30 2.99 11.42
N GLU A 34 6.83 4.19 11.70
CA GLU A 34 7.70 4.48 12.86
C GLU A 34 6.95 4.93 14.13
N GLN A 35 5.71 5.42 13.99
CA GLN A 35 4.82 5.77 15.11
C GLN A 35 3.42 5.20 14.86
N PRO A 36 2.83 4.42 15.79
CA PRO A 36 1.47 3.91 15.64
C PRO A 36 0.45 5.04 15.87
N GLN A 37 0.03 5.63 14.75
CA GLN A 37 -1.14 6.52 14.58
C GLN A 37 -2.30 6.16 15.52
N CYS A 38 -2.78 4.93 15.39
CA CYS A 38 -3.87 4.33 16.16
C CYS A 38 -3.71 2.79 16.10
N GLY A 39 -4.78 2.03 15.90
CA GLY A 39 -4.71 0.65 15.40
C GLY A 39 -4.23 0.55 13.93
N PHE A 40 -4.29 -0.68 13.39
CA PHE A 40 -4.08 -1.10 11.99
C PHE A 40 -2.67 -0.89 11.40
N SER A 41 -1.95 0.15 11.81
CA SER A 41 -0.77 0.69 11.13
C SER A 41 0.46 -0.20 11.18
N ASN A 42 0.67 -0.87 12.33
CA ASN A 42 1.75 -1.82 12.53
C ASN A 42 1.36 -3.21 11.99
N ALA A 43 0.06 -3.55 11.96
CA ALA A 43 -0.43 -4.83 11.44
C ALA A 43 -0.03 -5.03 9.97
N VAL A 44 -0.20 -4.00 9.13
CA VAL A 44 0.16 -4.04 7.74
C VAL A 44 1.67 -4.02 7.51
N VAL A 45 2.41 -3.26 8.34
CA VAL A 45 3.87 -3.11 8.23
C VAL A 45 4.60 -4.35 8.76
N GLN A 46 4.06 -5.01 9.79
CA GLN A 46 4.51 -6.32 10.25
C GLN A 46 4.35 -7.37 9.16
N ILE A 47 3.20 -7.47 8.47
CA ILE A 47 3.03 -8.44 7.39
C ILE A 47 4.09 -8.22 6.29
N LEU A 48 4.34 -6.96 5.92
CA LEU A 48 5.38 -6.62 4.96
C LEU A 48 6.78 -7.05 5.40
N ARG A 49 7.28 -6.61 6.55
CA ARG A 49 8.61 -6.98 7.03
C ARG A 49 8.77 -8.47 7.37
N LEU A 50 7.72 -9.18 7.80
CA LEU A 50 7.72 -10.64 7.98
C LEU A 50 7.95 -11.38 6.65
N HIS A 51 7.38 -10.86 5.56
CA HIS A 51 7.66 -11.28 4.18
C HIS A 51 8.99 -10.73 3.63
N GLY A 52 9.78 -10.01 4.44
CA GLY A 52 11.08 -9.45 4.08
C GLY A 52 11.05 -8.03 3.48
N VAL A 53 9.88 -7.39 3.41
CA VAL A 53 9.65 -6.16 2.64
C VAL A 53 9.64 -4.90 3.52
N ARG A 54 10.54 -3.96 3.20
CA ARG A 54 10.78 -2.70 3.92
C ARG A 54 11.04 -1.49 3.01
N ASP A 55 11.23 -1.75 1.71
CA ASP A 55 11.45 -0.76 0.65
C ASP A 55 10.14 -0.26 0.01
N TYR A 56 9.01 -0.30 0.75
CA TYR A 56 7.80 0.40 0.36
C TYR A 56 8.02 1.92 0.48
N ALA A 57 7.12 2.67 -0.15
CA ALA A 57 6.86 4.06 0.19
C ALA A 57 5.62 4.09 1.09
N ALA A 58 5.79 4.43 2.37
CA ALA A 58 4.68 4.50 3.32
C ALA A 58 4.10 5.93 3.32
N TYR A 59 2.98 6.15 2.64
CA TYR A 59 2.28 7.44 2.58
C TYR A 59 1.41 7.68 3.81
N ASN A 60 1.77 8.71 4.57
CA ASN A 60 0.93 9.32 5.56
C ASN A 60 -0.15 10.19 4.92
N VAL A 61 -1.41 9.76 5.02
CA VAL A 61 -2.57 10.50 4.47
C VAL A 61 -3.15 11.55 5.43
N LEU A 62 -2.52 11.81 6.58
CA LEU A 62 -2.82 12.98 7.44
C LEU A 62 -1.92 14.19 7.10
N ASP A 63 -0.85 13.96 6.34
CA ASP A 63 0.18 14.96 6.02
C ASP A 63 -0.35 16.08 5.13
N ASP A 64 -1.21 15.69 4.17
CA ASP A 64 -1.93 16.56 3.26
C ASP A 64 -3.43 16.18 3.17
N PRO A 65 -4.36 17.15 3.28
CA PRO A 65 -5.79 16.88 3.11
C PRO A 65 -6.13 16.45 1.67
N GLU A 66 -5.29 16.82 0.71
CA GLU A 66 -5.30 16.35 -0.66
C GLU A 66 -5.06 14.84 -0.78
N LEU A 67 -4.11 14.31 -0.01
CA LEU A 67 -3.92 12.86 0.10
C LEU A 67 -5.12 12.22 0.81
N ARG A 68 -5.62 12.86 1.87
CA ARG A 68 -6.75 12.33 2.66
C ARG A 68 -8.03 12.19 1.83
N GLN A 69 -8.45 13.26 1.16
CA GLN A 69 -9.59 13.26 0.24
C GLN A 69 -9.31 12.38 -0.98
N GLY A 70 -8.11 12.53 -1.52
CA GLY A 70 -7.65 11.75 -2.66
C GLY A 70 -7.83 10.25 -2.44
N ILE A 71 -7.49 9.74 -1.24
CA ILE A 71 -7.57 8.31 -0.95
C ILE A 71 -8.97 7.87 -0.49
N LYS A 72 -9.71 8.72 0.23
CA LYS A 72 -11.11 8.43 0.58
C LYS A 72 -12.00 8.29 -0.66
N ASP A 73 -11.69 9.00 -1.74
CA ASP A 73 -12.38 8.82 -3.02
C ASP A 73 -11.80 7.65 -3.85
N TYR A 74 -10.48 7.58 -4.02
CA TYR A 74 -9.79 6.60 -4.87
C TYR A 74 -9.82 5.15 -4.34
N SER A 75 -9.95 4.98 -3.03
CA SER A 75 -10.28 3.68 -2.39
C SER A 75 -11.78 3.49 -2.15
N ASN A 76 -12.59 4.50 -2.46
CA ASN A 76 -14.03 4.60 -2.18
C ASN A 76 -14.42 4.32 -0.70
N TRP A 77 -13.51 4.48 0.27
CA TRP A 77 -13.74 4.07 1.67
C TRP A 77 -13.53 5.23 2.67
N PRO A 78 -14.34 5.33 3.74
CA PRO A 78 -14.26 6.41 4.73
C PRO A 78 -12.90 6.57 5.41
N THR A 79 -12.18 5.46 5.68
CA THR A 79 -10.70 5.32 5.75
C THR A 79 -10.32 3.92 6.21
N ILE A 80 -9.50 3.23 5.41
CA ILE A 80 -8.84 1.95 5.73
C ILE A 80 -7.40 2.02 5.20
N PRO A 81 -6.36 1.62 5.97
CA PRO A 81 -5.01 1.62 5.44
C PRO A 81 -4.77 0.37 4.58
N GLN A 82 -4.04 0.52 3.48
CA GLN A 82 -4.01 -0.45 2.38
C GLN A 82 -2.67 -0.44 1.63
N VAL A 83 -2.47 -1.35 0.68
CA VAL A 83 -1.24 -1.41 -0.11
C VAL A 83 -1.56 -1.68 -1.58
N TYR A 84 -0.83 -0.99 -2.43
CA TYR A 84 -0.87 -1.17 -3.88
C TYR A 84 0.44 -1.81 -4.35
N LEU A 85 0.33 -2.90 -5.11
CA LEU A 85 1.47 -3.59 -5.71
C LEU A 85 1.48 -3.40 -7.22
N ASN A 86 2.62 -2.95 -7.76
CA ASN A 86 2.78 -2.65 -9.19
C ASN A 86 1.77 -1.59 -9.70
N GLY A 87 1.45 -0.61 -8.83
CA GLY A 87 0.36 0.36 -8.94
C GLY A 87 -1.09 -0.14 -8.78
N GLU A 88 -1.40 -1.43 -8.53
CA GLU A 88 -2.78 -1.96 -8.45
C GLU A 88 -3.20 -2.26 -7.01
N PHE A 89 -4.49 -2.10 -6.72
CA PHE A 89 -5.07 -2.41 -5.42
C PHE A 89 -5.31 -3.90 -5.24
N VAL A 90 -5.03 -4.30 -4.01
CA VAL A 90 -4.33 -5.53 -3.69
C VAL A 90 -4.71 -5.95 -2.29
N GLY A 91 -4.80 -4.99 -1.36
CA GLY A 91 -5.81 -5.07 -0.31
C GLY A 91 -5.71 -4.06 0.84
N GLY A 92 -6.79 -3.93 1.61
CA GLY A 92 -6.83 -3.19 2.88
C GLY A 92 -6.55 -4.09 4.09
N CYS A 93 -6.29 -3.52 5.26
CA CYS A 93 -5.76 -4.27 6.42
C CYS A 93 -6.56 -5.53 6.83
N ASP A 94 -7.89 -5.48 6.83
CA ASP A 94 -8.71 -6.66 7.19
C ASP A 94 -8.61 -7.78 6.14
N ILE A 95 -8.37 -7.40 4.88
CA ILE A 95 -8.19 -8.30 3.73
C ILE A 95 -6.77 -8.87 3.72
N LEU A 96 -5.78 -7.99 3.94
CA LEU A 96 -4.37 -8.35 4.07
C LEU A 96 -4.17 -9.42 5.14
N LEU A 97 -4.97 -9.41 6.21
CA LEU A 97 -4.99 -10.45 7.23
C LEU A 97 -5.40 -11.80 6.63
N GLN A 98 -6.54 -11.86 5.93
CA GLN A 98 -7.00 -13.09 5.28
C GLN A 98 -5.95 -13.65 4.31
N MET A 99 -5.44 -12.79 3.43
CA MET A 99 -4.54 -13.13 2.34
C MET A 99 -3.13 -13.48 2.82
N HIS A 100 -2.66 -12.91 3.92
CA HIS A 100 -1.40 -13.31 4.59
C HIS A 100 -1.45 -14.77 4.98
N GLN A 101 -2.54 -15.08 5.68
CA GLN A 101 -2.66 -16.25 6.51
C GLN A 101 -3.27 -17.45 5.73
N ASN A 102 -3.69 -17.16 4.50
CA ASN A 102 -3.90 -18.05 3.37
C ASN A 102 -2.69 -18.14 2.40
N GLY A 103 -1.95 -17.05 2.17
CA GLY A 103 -0.68 -17.04 1.40
C GLY A 103 -0.81 -16.45 -0.02
N ASP A 104 -1.93 -15.82 -0.35
CA ASP A 104 -2.17 -15.24 -1.69
C ASP A 104 -1.34 -13.97 -1.94
N LEU A 105 -0.74 -13.41 -0.88
CA LEU A 105 0.16 -12.24 -1.00
C LEU A 105 1.49 -12.61 -1.65
N VAL A 106 1.83 -13.88 -1.50
CA VAL A 106 3.11 -14.51 -1.84
C VAL A 106 3.19 -14.71 -3.36
N GLU A 107 2.06 -15.03 -3.98
CA GLU A 107 1.90 -15.10 -5.44
C GLU A 107 1.96 -13.69 -6.07
N GLU A 108 1.39 -12.71 -5.37
CA GLU A 108 1.45 -11.30 -5.75
C GLU A 108 2.87 -10.72 -5.64
N LEU A 109 3.65 -11.11 -4.63
CA LEU A 109 5.08 -10.78 -4.52
C LEU A 109 5.90 -11.37 -5.68
N LYS A 110 5.60 -12.60 -6.12
CA LYS A 110 6.24 -13.24 -7.29
C LYS A 110 5.95 -12.50 -8.61
N LYS A 111 4.80 -11.84 -8.74
CA LYS A 111 4.49 -10.91 -9.87
C LYS A 111 5.35 -9.63 -9.87
N LEU A 112 5.99 -9.27 -8.77
CA LEU A 112 7.03 -8.24 -8.68
C LEU A 112 8.45 -8.84 -8.68
N GLY A 113 8.57 -10.16 -8.77
CA GLY A 113 9.82 -10.92 -8.67
C GLY A 113 10.36 -11.07 -7.24
N ILE A 114 9.64 -10.59 -6.22
CA ILE A 114 10.13 -10.54 -4.84
C ILE A 114 9.95 -11.90 -4.15
N HIS A 115 11.00 -12.31 -3.43
CA HIS A 115 10.99 -13.47 -2.57
C HIS A 115 10.41 -13.15 -1.18
N SER A 116 9.27 -13.73 -0.82
CA SER A 116 8.78 -13.78 0.56
C SER A 116 9.75 -14.58 1.42
N ALA A 117 10.32 -13.98 2.46
CA ALA A 117 11.30 -14.59 3.36
C ALA A 117 10.81 -15.86 4.08
N LEU A 118 9.49 -16.08 4.14
CA LEU A 118 8.81 -17.23 4.70
C LEU A 118 9.02 -18.52 3.87
N LEU A 119 9.49 -18.37 2.63
CA LEU A 119 9.91 -19.44 1.72
C LEU A 119 11.13 -20.24 2.21
N ASP A 120 11.90 -19.73 3.18
CA ASP A 120 13.10 -20.39 3.73
C ASP A 120 13.07 -20.54 5.27
N GLU A 121 11.88 -20.51 5.85
CA GLU A 121 11.57 -20.64 7.28
C GLU A 121 11.06 -22.02 7.69
N GLY A 1 3.98 18.53 -5.17
CA GLY A 1 5.29 17.99 -4.76
C GLY A 1 6.33 18.20 -5.83
N SER A 2 6.78 17.14 -6.49
CA SER A 2 7.78 17.19 -7.58
C SER A 2 7.13 17.33 -8.96
N PHE A 3 7.80 18.09 -9.83
CA PHE A 3 7.47 18.14 -11.26
C PHE A 3 8.02 16.92 -11.98
N THR A 4 7.18 16.23 -12.77
CA THR A 4 7.53 15.00 -13.50
C THR A 4 6.85 14.95 -14.89
N MET A 5 7.28 14.01 -15.72
CA MET A 5 6.61 13.61 -16.98
C MET A 5 5.23 12.96 -16.76
N GLY A 6 4.52 12.67 -17.85
CA GLY A 6 3.17 12.12 -17.87
C GLY A 6 2.08 13.17 -17.67
N ALA A 7 0.88 12.91 -18.18
CA ALA A 7 -0.28 13.79 -18.07
C ALA A 7 -1.12 13.53 -16.81
N GLY A 8 -1.86 14.54 -16.36
CA GLY A 8 -2.75 14.47 -15.21
C GLY A 8 -2.11 14.75 -13.85
N GLY A 9 -0.93 15.38 -13.82
CA GLY A 9 -0.34 15.89 -12.59
C GLY A 9 -1.21 16.99 -11.98
N GLY A 10 -1.37 17.02 -10.65
CA GLY A 10 -2.20 17.99 -9.94
C GLY A 10 -3.62 17.51 -9.58
N GLY A 11 -3.75 16.23 -9.23
CA GLY A 11 -4.94 15.62 -8.66
C GLY A 11 -5.80 14.82 -9.63
N SER A 12 -6.94 14.36 -9.11
CA SER A 12 -7.85 13.36 -9.68
C SER A 12 -7.23 11.94 -9.77
N ALA A 13 -8.02 10.97 -10.22
CA ALA A 13 -7.63 9.56 -10.27
C ALA A 13 -6.37 9.31 -11.12
N GLU A 14 -6.20 10.05 -12.22
CA GLU A 14 -5.00 10.08 -13.07
C GLU A 14 -3.69 10.50 -12.35
N GLN A 15 -3.79 11.21 -11.22
CA GLN A 15 -2.67 11.53 -10.33
C GLN A 15 -2.42 10.43 -9.29
N LEU A 16 -3.45 9.98 -8.57
CA LEU A 16 -3.38 8.90 -7.59
C LEU A 16 -2.81 7.59 -8.20
N ASP A 17 -3.14 7.32 -9.46
CA ASP A 17 -2.58 6.18 -10.20
C ASP A 17 -1.06 6.34 -10.41
N ALA A 18 -0.62 7.57 -10.70
CA ALA A 18 0.78 7.90 -10.91
C ALA A 18 1.53 7.91 -9.57
N LEU A 19 0.84 8.29 -8.48
CA LEU A 19 1.30 8.21 -7.10
C LEU A 19 1.59 6.77 -6.68
N VAL A 20 0.70 5.81 -6.96
CA VAL A 20 1.01 4.38 -6.69
C VAL A 20 2.08 3.83 -7.62
N LYS A 21 2.22 4.37 -8.84
CA LYS A 21 3.24 3.98 -9.80
C LYS A 21 4.66 4.53 -9.57
N LYS A 22 4.88 5.27 -8.48
CA LYS A 22 6.20 5.67 -7.98
C LYS A 22 7.09 4.47 -7.65
N ASP A 23 6.53 3.43 -7.04
CA ASP A 23 7.30 2.28 -6.56
C ASP A 23 6.55 0.98 -6.80
N LYS A 24 7.22 -0.14 -6.55
CA LYS A 24 6.57 -1.45 -6.50
C LYS A 24 5.80 -1.68 -5.22
N VAL A 25 6.16 -0.98 -4.15
CA VAL A 25 5.50 -1.05 -2.85
C VAL A 25 5.20 0.36 -2.38
N VAL A 26 3.92 0.65 -2.32
CA VAL A 26 3.40 1.95 -1.86
C VAL A 26 2.26 1.69 -0.88
N VAL A 27 2.45 2.19 0.33
CA VAL A 27 1.65 1.89 1.53
C VAL A 27 0.91 3.13 1.96
N PHE A 28 -0.23 2.98 2.60
CA PHE A 28 -1.23 4.04 2.66
C PHE A 28 -1.93 4.04 3.99
N LEU A 29 -1.65 5.02 4.84
CA LEU A 29 -2.19 5.01 6.18
C LEU A 29 -2.30 6.43 6.77
N LYS A 30 -3.28 6.70 7.64
CA LYS A 30 -3.41 8.00 8.34
C LYS A 30 -2.42 8.06 9.51
N GLY A 31 -1.13 7.96 9.19
CA GLY A 31 -0.07 7.58 10.13
C GLY A 31 1.24 7.28 9.42
N THR A 32 2.20 6.72 10.14
CA THR A 32 3.55 6.38 9.62
C THR A 32 4.06 5.06 10.19
N PRO A 33 5.02 4.39 9.54
CA PRO A 33 5.52 3.09 9.98
C PRO A 33 6.22 3.15 11.34
N GLU A 34 6.88 4.27 11.69
CA GLU A 34 7.54 4.43 13.00
C GLU A 34 6.60 4.89 14.12
N GLN A 35 5.41 5.40 13.78
CA GLN A 35 4.34 5.78 14.70
C GLN A 35 2.97 5.32 14.16
N PRO A 36 2.59 4.07 14.45
CA PRO A 36 1.29 3.50 14.11
C PRO A 36 0.18 4.33 14.76
N GLN A 37 -0.73 4.88 13.94
CA GLN A 37 -1.55 6.01 14.34
C GLN A 37 -2.67 5.67 15.33
N CYS A 38 -3.19 4.45 15.26
CA CYS A 38 -4.45 4.01 15.86
C CYS A 38 -4.45 2.46 15.86
N GLY A 39 -5.60 1.80 15.69
CA GLY A 39 -5.67 0.37 15.39
C GLY A 39 -5.19 0.02 13.97
N PHE A 40 -4.71 -1.21 13.80
CA PHE A 40 -4.35 -1.88 12.53
C PHE A 40 -3.30 -1.24 11.59
N SER A 41 -2.80 -0.04 11.85
CA SER A 41 -1.71 0.58 11.06
C SER A 41 -0.37 -0.15 11.11
N ASN A 42 -0.07 -0.83 12.20
CA ASN A 42 1.15 -1.65 12.30
C ASN A 42 0.99 -3.00 11.63
N ALA A 43 -0.23 -3.55 11.57
CA ALA A 43 -0.48 -4.87 11.01
C ALA A 43 -0.03 -4.98 9.55
N VAL A 44 -0.20 -3.93 8.75
CA VAL A 44 0.32 -3.86 7.40
C VAL A 44 1.85 -3.80 7.34
N VAL A 45 2.48 -3.08 8.26
CA VAL A 45 3.93 -2.90 8.33
C VAL A 45 4.63 -4.15 8.87
N GLN A 46 4.00 -4.84 9.82
CA GLN A 46 4.35 -6.18 10.29
C GLN A 46 4.29 -7.17 9.13
N ILE A 47 3.17 -7.26 8.39
CA ILE A 47 3.04 -8.20 7.28
C ILE A 47 4.13 -7.96 6.22
N LEU A 48 4.40 -6.70 5.88
CA LEU A 48 5.47 -6.33 4.95
C LEU A 48 6.86 -6.75 5.46
N ARG A 49 7.27 -6.33 6.67
CA ARG A 49 8.57 -6.69 7.23
C ARG A 49 8.77 -8.20 7.44
N LEU A 50 7.72 -8.95 7.81
CA LEU A 50 7.74 -10.41 7.92
C LEU A 50 8.03 -11.07 6.56
N HIS A 51 7.46 -10.52 5.49
CA HIS A 51 7.72 -10.93 4.11
C HIS A 51 9.06 -10.43 3.54
N GLY A 52 9.87 -9.71 4.34
CA GLY A 52 11.19 -9.23 3.94
C GLY A 52 11.18 -7.87 3.24
N VAL A 53 10.15 -7.03 3.49
CA VAL A 53 9.91 -5.77 2.78
C VAL A 53 9.78 -4.58 3.73
N ARG A 54 10.62 -3.55 3.56
CA ARG A 54 10.56 -2.25 4.26
C ARG A 54 10.75 -1.07 3.30
N ASP A 55 10.99 -1.38 2.04
CA ASP A 55 11.37 -0.47 0.96
C ASP A 55 10.14 0.09 0.22
N TYR A 56 9.00 0.11 0.89
CA TYR A 56 7.81 0.81 0.45
C TYR A 56 7.99 2.33 0.52
N ALA A 57 7.09 3.07 -0.13
CA ALA A 57 6.84 4.48 0.21
C ALA A 57 5.52 4.54 1.00
N ALA A 58 5.59 4.84 2.29
CA ALA A 58 4.44 4.82 3.19
C ALA A 58 3.77 6.22 3.20
N TYR A 59 2.71 6.42 2.43
CA TYR A 59 1.91 7.65 2.35
C TYR A 59 1.19 7.94 3.65
N ASN A 60 1.61 9.02 4.30
CA ASN A 60 1.04 9.59 5.49
C ASN A 60 -0.11 10.54 5.17
N VAL A 61 -1.36 10.05 5.18
CA VAL A 61 -2.52 10.85 4.75
C VAL A 61 -3.09 11.81 5.81
N LEU A 62 -2.40 11.98 6.94
CA LEU A 62 -2.68 13.04 7.91
C LEU A 62 -2.09 14.40 7.49
N ASP A 63 -0.96 14.36 6.79
CA ASP A 63 -0.12 15.55 6.55
C ASP A 63 -0.80 16.57 5.63
N ASP A 64 -1.56 16.07 4.65
CA ASP A 64 -2.33 16.83 3.70
C ASP A 64 -3.78 16.31 3.61
N PRO A 65 -4.80 17.15 3.83
CA PRO A 65 -6.21 16.76 3.66
C PRO A 65 -6.57 16.49 2.20
N GLU A 66 -5.76 16.98 1.25
CA GLU A 66 -5.77 16.58 -0.14
C GLU A 66 -5.47 15.09 -0.32
N LEU A 67 -4.44 14.60 0.37
CA LEU A 67 -4.09 13.17 0.38
C LEU A 67 -5.21 12.36 1.05
N ARG A 68 -5.70 12.86 2.19
CA ARG A 68 -6.81 12.27 2.96
C ARG A 68 -8.05 12.05 2.09
N GLN A 69 -8.57 13.13 1.51
CA GLN A 69 -9.74 13.09 0.62
C GLN A 69 -9.48 12.28 -0.65
N GLY A 70 -8.26 12.45 -1.18
CA GLY A 70 -7.76 11.73 -2.34
C GLY A 70 -7.85 10.21 -2.16
N ILE A 71 -7.51 9.68 -0.98
CA ILE A 71 -7.54 8.25 -0.71
C ILE A 71 -8.90 7.74 -0.25
N LYS A 72 -9.65 8.56 0.50
CA LYS A 72 -11.08 8.32 0.81
C LYS A 72 -11.91 8.15 -0.47
N ASP A 73 -11.56 8.85 -1.53
CA ASP A 73 -12.16 8.65 -2.86
C ASP A 73 -11.52 7.44 -3.59
N TYR A 74 -10.21 7.46 -3.83
CA TYR A 74 -9.53 6.54 -4.76
C TYR A 74 -9.51 5.08 -4.29
N SER A 75 -9.39 4.87 -2.98
CA SER A 75 -9.55 3.57 -2.31
C SER A 75 -10.95 3.41 -1.70
N ASN A 76 -11.85 4.36 -1.98
CA ASN A 76 -13.29 4.36 -1.72
C ASN A 76 -13.77 4.16 -0.24
N TRP A 77 -12.88 4.24 0.75
CA TRP A 77 -13.23 3.96 2.16
C TRP A 77 -12.73 5.06 3.13
N PRO A 78 -13.47 5.41 4.19
CA PRO A 78 -13.14 6.55 5.06
C PRO A 78 -11.80 6.42 5.81
N THR A 79 -11.42 5.21 6.23
CA THR A 79 -10.06 4.87 6.71
C THR A 79 -9.88 3.36 6.76
N ILE A 80 -8.98 2.87 5.92
CA ILE A 80 -8.40 1.51 5.92
C ILE A 80 -6.91 1.65 5.58
N PRO A 81 -5.93 1.02 6.29
CA PRO A 81 -4.56 0.96 5.79
C PRO A 81 -4.47 0.07 4.55
N GLN A 82 -3.78 0.50 3.49
CA GLN A 82 -3.73 -0.23 2.22
C GLN A 82 -2.28 -0.46 1.77
N VAL A 83 -2.07 -1.38 0.81
CA VAL A 83 -0.86 -1.40 0.00
C VAL A 83 -1.23 -1.63 -1.46
N TYR A 84 -0.62 -0.84 -2.35
CA TYR A 84 -0.63 -1.11 -3.78
C TYR A 84 0.69 -1.77 -4.18
N LEU A 85 0.62 -2.82 -5.02
CA LEU A 85 1.80 -3.47 -5.60
C LEU A 85 1.87 -3.26 -7.10
N ASN A 86 3.00 -2.74 -7.58
CA ASN A 86 3.20 -2.31 -8.96
C ASN A 86 2.11 -1.32 -9.46
N GLY A 87 1.55 -0.54 -8.55
CA GLY A 87 0.41 0.36 -8.77
C GLY A 87 -1.00 -0.23 -8.75
N GLU A 88 -1.21 -1.53 -8.44
CA GLU A 88 -2.54 -2.14 -8.35
C GLU A 88 -2.95 -2.39 -6.89
N PHE A 89 -4.23 -2.22 -6.60
CA PHE A 89 -4.80 -2.39 -5.28
C PHE A 89 -5.01 -3.87 -4.98
N VAL A 90 -4.57 -4.19 -3.77
CA VAL A 90 -3.94 -5.46 -3.47
C VAL A 90 -4.27 -5.89 -2.04
N GLY A 91 -4.53 -4.92 -1.15
CA GLY A 91 -5.52 -5.11 -0.11
C GLY A 91 -5.65 -3.95 0.88
N GLY A 92 -6.77 -3.93 1.61
CA GLY A 92 -6.95 -3.13 2.84
C GLY A 92 -6.68 -3.96 4.11
N CYS A 93 -6.56 -3.36 5.29
CA CYS A 93 -6.01 -4.04 6.46
C CYS A 93 -6.80 -5.23 7.04
N ASP A 94 -8.12 -5.33 6.78
CA ASP A 94 -8.85 -6.57 7.10
C ASP A 94 -8.62 -7.67 6.07
N ILE A 95 -8.46 -7.30 4.79
CA ILE A 95 -8.21 -8.20 3.65
C ILE A 95 -6.79 -8.75 3.71
N LEU A 96 -5.81 -7.88 3.99
CA LEU A 96 -4.41 -8.26 4.17
C LEU A 96 -4.24 -9.32 5.28
N LEU A 97 -5.09 -9.26 6.32
CA LEU A 97 -5.13 -10.22 7.42
C LEU A 97 -5.68 -11.60 7.00
N GLN A 98 -6.40 -11.69 5.88
CA GLN A 98 -6.73 -12.95 5.23
C GLN A 98 -5.57 -13.40 4.33
N MET A 99 -5.19 -12.52 3.39
CA MET A 99 -4.28 -12.83 2.30
C MET A 99 -2.86 -13.16 2.74
N HIS A 100 -2.39 -12.58 3.85
CA HIS A 100 -1.10 -12.94 4.48
C HIS A 100 -1.02 -14.43 4.78
N GLN A 101 -2.13 -14.91 5.32
CA GLN A 101 -2.24 -16.10 6.12
C GLN A 101 -2.62 -17.30 5.24
N ASN A 102 -3.52 -17.04 4.27
CA ASN A 102 -3.80 -17.85 3.09
C ASN A 102 -2.64 -17.81 2.04
N GLY A 103 -1.84 -16.76 2.01
CA GLY A 103 -0.63 -16.71 1.18
C GLY A 103 -0.87 -16.12 -0.21
N ASP A 104 -2.01 -15.48 -0.43
CA ASP A 104 -2.36 -14.80 -1.67
C ASP A 104 -1.52 -13.52 -1.90
N LEU A 105 -0.78 -13.05 -0.88
CA LEU A 105 0.18 -11.95 -1.05
C LEU A 105 1.48 -12.46 -1.68
N VAL A 106 1.77 -13.73 -1.42
CA VAL A 106 3.02 -14.39 -1.77
C VAL A 106 3.04 -14.70 -3.25
N GLU A 107 1.88 -15.04 -3.83
CA GLU A 107 1.69 -15.21 -5.28
C GLU A 107 1.76 -13.85 -5.98
N GLU A 108 1.15 -12.82 -5.38
CA GLU A 108 1.27 -11.43 -5.87
C GLU A 108 2.74 -10.94 -5.86
N LEU A 109 3.51 -11.28 -4.82
CA LEU A 109 4.96 -11.04 -4.76
C LEU A 109 5.72 -11.84 -5.82
N LYS A 110 5.42 -13.15 -5.99
CA LYS A 110 6.02 -14.01 -7.05
C LYS A 110 5.71 -13.48 -8.46
N LYS A 111 4.52 -12.90 -8.68
CA LYS A 111 4.13 -12.22 -9.94
C LYS A 111 4.89 -10.90 -10.16
N LEU A 112 5.34 -10.23 -9.09
CA LEU A 112 6.37 -9.15 -9.14
C LEU A 112 7.81 -9.68 -9.32
N GLY A 113 8.03 -10.99 -9.15
CA GLY A 113 9.33 -11.64 -9.05
C GLY A 113 9.93 -11.64 -7.64
N ILE A 114 9.34 -10.92 -6.68
CA ILE A 114 9.84 -10.83 -5.29
C ILE A 114 9.64 -12.16 -4.55
N HIS A 115 10.70 -12.55 -3.84
CA HIS A 115 10.76 -13.64 -2.88
C HIS A 115 10.37 -13.15 -1.48
N SER A 116 9.21 -13.58 -0.99
CA SER A 116 8.88 -13.53 0.43
C SER A 116 9.95 -14.25 1.27
N ALA A 117 10.23 -13.72 2.46
CA ALA A 117 11.13 -14.33 3.43
C ALA A 117 10.52 -15.59 4.08
N LEU A 118 9.19 -15.76 4.04
CA LEU A 118 8.46 -16.88 4.58
C LEU A 118 8.50 -18.12 3.67
N LEU A 119 9.03 -17.97 2.44
CA LEU A 119 9.34 -19.06 1.52
C LEU A 119 10.37 -20.06 2.08
N ASP A 120 11.18 -19.62 3.05
CA ASP A 120 12.26 -20.38 3.70
C ASP A 120 12.22 -20.23 5.22
N GLU A 121 11.01 -20.14 5.77
CA GLU A 121 10.67 -20.11 7.20
C GLU A 121 10.30 -21.49 7.75
N GLY A 1 8.40 -3.73 -16.68
CA GLY A 1 7.63 -2.52 -16.34
C GLY A 1 8.56 -1.42 -15.87
N SER A 2 8.01 -0.44 -15.15
CA SER A 2 8.74 0.72 -14.60
C SER A 2 8.14 1.18 -13.28
N PHE A 3 8.99 1.56 -12.31
CA PHE A 3 8.57 1.96 -10.95
C PHE A 3 8.65 3.48 -10.73
N THR A 4 8.18 4.24 -11.74
CA THR A 4 7.98 5.70 -11.68
C THR A 4 6.63 6.08 -12.28
N MET A 5 6.09 7.21 -11.81
CA MET A 5 5.10 8.11 -12.41
C MET A 5 4.13 7.52 -13.45
N GLY A 6 2.84 7.51 -13.10
CA GLY A 6 1.72 6.94 -13.85
C GLY A 6 0.93 7.94 -14.72
N ALA A 7 -0.38 7.76 -14.82
CA ALA A 7 -1.26 8.45 -15.77
C ALA A 7 -1.19 9.99 -15.76
N GLY A 8 -1.11 10.56 -14.56
CA GLY A 8 -0.79 11.98 -14.27
C GLY A 8 -1.98 12.93 -14.20
N GLY A 9 -1.93 13.87 -13.24
CA GLY A 9 -2.93 14.93 -13.02
C GLY A 9 -2.82 15.55 -11.62
N GLY A 10 -3.65 16.57 -11.32
CA GLY A 10 -3.71 17.25 -10.01
C GLY A 10 -4.83 16.77 -9.07
N GLY A 11 -5.53 15.70 -9.44
CA GLY A 11 -6.73 15.14 -8.80
C GLY A 11 -7.29 13.99 -9.66
N SER A 12 -8.37 13.35 -9.20
CA SER A 12 -8.97 12.15 -9.83
C SER A 12 -8.04 10.93 -9.90
N ALA A 13 -8.57 9.82 -10.38
CA ALA A 13 -7.89 8.53 -10.47
C ALA A 13 -6.56 8.61 -11.24
N GLU A 14 -6.47 9.44 -12.28
CA GLU A 14 -5.23 9.71 -13.02
C GLU A 14 -4.08 10.27 -12.15
N GLN A 15 -4.39 11.03 -11.08
CA GLN A 15 -3.41 11.48 -10.10
C GLN A 15 -3.02 10.36 -9.15
N LEU A 16 -4.02 9.71 -8.54
CA LEU A 16 -3.82 8.63 -7.58
C LEU A 16 -3.08 7.43 -8.20
N ASP A 17 -3.29 7.18 -9.49
CA ASP A 17 -2.56 6.16 -10.28
C ASP A 17 -1.06 6.49 -10.34
N ALA A 18 -0.73 7.78 -10.52
CA ALA A 18 0.64 8.24 -10.59
C ALA A 18 1.29 8.25 -9.19
N LEU A 19 0.46 8.45 -8.16
CA LEU A 19 0.83 8.31 -6.76
C LEU A 19 1.19 6.85 -6.40
N VAL A 20 0.39 5.85 -6.77
CA VAL A 20 0.76 4.43 -6.58
C VAL A 20 1.88 3.96 -7.48
N LYS A 21 2.18 4.64 -8.59
CA LYS A 21 3.33 4.34 -9.43
C LYS A 21 4.65 5.05 -9.05
N LYS A 22 4.70 5.81 -7.96
CA LYS A 22 5.94 6.41 -7.43
C LYS A 22 6.88 5.40 -6.77
N ASP A 23 6.39 4.19 -6.47
CA ASP A 23 7.24 3.04 -6.18
C ASP A 23 6.57 1.71 -6.60
N LYS A 24 7.23 0.59 -6.31
CA LYS A 24 6.64 -0.76 -6.49
C LYS A 24 5.86 -1.29 -5.31
N VAL A 25 6.07 -0.71 -4.14
CA VAL A 25 5.37 -1.07 -2.90
C VAL A 25 5.03 0.26 -2.28
N VAL A 26 3.83 0.73 -2.59
CA VAL A 26 3.39 2.04 -2.11
C VAL A 26 2.34 1.83 -1.04
N VAL A 27 2.67 2.28 0.17
CA VAL A 27 1.90 2.03 1.40
C VAL A 27 1.29 3.33 1.87
N PHE A 28 0.13 3.24 2.49
CA PHE A 28 -0.78 4.37 2.61
C PHE A 28 -1.50 4.31 3.94
N LEU A 29 -1.15 5.19 4.88
CA LEU A 29 -1.69 5.11 6.22
C LEU A 29 -1.79 6.50 6.86
N LYS A 30 -2.76 6.76 7.76
CA LYS A 30 -2.84 8.08 8.44
C LYS A 30 -1.88 8.11 9.62
N GLY A 31 -0.59 7.98 9.33
CA GLY A 31 0.42 7.42 10.24
C GLY A 31 1.72 7.09 9.51
N THR A 32 2.65 6.41 10.18
CA THR A 32 3.97 6.02 9.64
C THR A 32 4.34 4.62 10.11
N PRO A 33 5.35 3.96 9.53
CA PRO A 33 5.81 2.64 9.97
C PRO A 33 6.33 2.60 11.42
N GLU A 34 6.63 3.76 12.03
CA GLU A 34 6.99 3.89 13.45
C GLU A 34 5.77 3.96 14.39
N GLN A 35 4.58 4.19 13.86
CA GLN A 35 3.39 4.54 14.64
C GLN A 35 2.17 3.65 14.32
N PRO A 36 1.61 2.92 15.31
CA PRO A 36 0.22 2.45 15.26
C PRO A 36 -0.71 3.65 15.47
N GLN A 37 -0.78 4.55 14.49
CA GLN A 37 -1.57 5.79 14.46
C GLN A 37 -2.92 5.71 15.20
N CYS A 38 -3.62 4.61 14.90
CA CYS A 38 -4.89 4.16 15.44
C CYS A 38 -4.92 2.61 15.34
N GLY A 39 -3.82 1.97 15.75
CA GLY A 39 -3.55 0.54 15.52
C GLY A 39 -2.99 0.26 14.11
N PHE A 40 -3.84 0.42 13.10
CA PHE A 40 -3.74 -0.27 11.80
C PHE A 40 -2.46 -0.07 11.01
N SER A 41 -1.77 1.08 11.14
CA SER A 41 -0.56 1.43 10.39
C SER A 41 0.61 0.48 10.72
N ASN A 42 0.63 -0.11 11.92
CA ASN A 42 1.62 -1.13 12.28
C ASN A 42 1.23 -2.53 11.79
N ALA A 43 -0.06 -2.85 11.74
CA ALA A 43 -0.55 -4.16 11.32
C ALA A 43 -0.09 -4.54 9.92
N VAL A 44 -0.11 -3.58 9.00
CA VAL A 44 0.36 -3.72 7.64
C VAL A 44 1.88 -3.76 7.52
N VAL A 45 2.59 -3.00 8.36
CA VAL A 45 4.06 -2.92 8.36
C VAL A 45 4.71 -4.15 8.99
N GLN A 46 4.07 -4.74 10.01
CA GLN A 46 4.35 -6.09 10.50
C GLN A 46 4.22 -7.13 9.37
N ILE A 47 3.10 -7.14 8.63
CA ILE A 47 2.93 -8.09 7.51
C ILE A 47 4.03 -7.92 6.44
N LEU A 48 4.37 -6.68 6.09
CA LEU A 48 5.45 -6.37 5.15
C LEU A 48 6.82 -6.88 5.64
N ARG A 49 7.31 -6.42 6.80
CA ARG A 49 8.58 -6.86 7.37
C ARG A 49 8.66 -8.37 7.66
N LEU A 50 7.56 -9.06 8.00
CA LEU A 50 7.48 -10.52 8.12
C LEU A 50 7.71 -11.20 6.78
N HIS A 51 7.14 -10.65 5.69
CA HIS A 51 7.43 -11.07 4.32
C HIS A 51 8.82 -10.62 3.80
N GLY A 52 9.64 -9.96 4.63
CA GLY A 52 10.97 -9.50 4.26
C GLY A 52 11.02 -8.09 3.64
N VAL A 53 9.88 -7.39 3.57
CA VAL A 53 9.71 -6.16 2.80
C VAL A 53 9.80 -4.92 3.69
N ARG A 54 10.76 -4.04 3.37
CA ARG A 54 11.05 -2.76 3.99
C ARG A 54 11.19 -1.61 2.98
N ASP A 55 11.43 -1.98 1.74
CA ASP A 55 11.70 -1.13 0.57
C ASP A 55 10.42 -0.58 -0.09
N TYR A 56 9.34 -0.43 0.69
CA TYR A 56 8.18 0.38 0.31
C TYR A 56 8.53 1.88 0.34
N ALA A 57 7.62 2.69 -0.19
CA ALA A 57 7.43 4.09 0.19
C ALA A 57 6.12 4.19 0.98
N ALA A 58 6.19 4.57 2.26
CA ALA A 58 5.03 4.72 3.13
C ALA A 58 4.54 6.19 3.11
N TYR A 59 3.30 6.44 2.69
CA TYR A 59 2.64 7.74 2.60
C TYR A 59 1.81 8.05 3.85
N ASN A 60 2.12 9.19 4.49
CA ASN A 60 1.43 9.77 5.61
C ASN A 60 0.26 10.65 5.17
N VAL A 61 -0.96 10.12 5.24
CA VAL A 61 -2.16 10.87 4.81
C VAL A 61 -2.75 11.80 5.88
N LEU A 62 -2.07 11.99 7.02
CA LEU A 62 -2.42 13.01 8.03
C LEU A 62 -1.98 14.41 7.63
N ASP A 63 -0.78 14.53 7.06
CA ASP A 63 -0.15 15.83 6.71
C ASP A 63 -0.89 16.51 5.54
N ASP A 64 -1.38 15.70 4.60
CA ASP A 64 -1.96 16.09 3.33
C ASP A 64 -3.46 15.72 3.23
N PRO A 65 -4.40 16.67 3.45
CA PRO A 65 -5.83 16.42 3.28
C PRO A 65 -6.23 16.11 1.83
N GLU A 66 -5.36 16.49 0.88
CA GLU A 66 -5.33 16.06 -0.50
C GLU A 66 -5.23 14.54 -0.64
N LEU A 67 -4.21 13.95 0.01
CA LEU A 67 -3.99 12.51 0.03
C LEU A 67 -5.13 11.80 0.75
N ARG A 68 -5.59 12.39 1.88
CA ARG A 68 -6.69 11.86 2.71
C ARG A 68 -7.96 11.67 1.88
N GLN A 69 -8.40 12.73 1.21
CA GLN A 69 -9.54 12.71 0.30
C GLN A 69 -9.32 11.77 -0.89
N GLY A 70 -8.16 11.90 -1.52
CA GLY A 70 -7.78 11.10 -2.67
C GLY A 70 -7.86 9.60 -2.41
N ILE A 71 -7.47 9.16 -1.21
CA ILE A 71 -7.40 7.75 -0.83
C ILE A 71 -8.72 7.23 -0.26
N LYS A 72 -9.50 8.08 0.43
CA LYS A 72 -10.89 7.79 0.81
C LYS A 72 -11.77 7.53 -0.40
N ASP A 73 -11.55 8.25 -1.51
CA ASP A 73 -12.19 7.95 -2.79
C ASP A 73 -11.62 6.69 -3.46
N TYR A 74 -10.31 6.62 -3.71
CA TYR A 74 -9.70 5.54 -4.50
C TYR A 74 -9.81 4.14 -3.85
N SER A 75 -9.74 4.06 -2.51
CA SER A 75 -10.02 2.84 -1.74
C SER A 75 -11.51 2.68 -1.36
N ASN A 76 -12.36 3.64 -1.75
CA ASN A 76 -13.80 3.74 -1.47
C ASN A 76 -14.22 3.63 0.02
N TRP A 77 -13.33 3.94 0.98
CA TRP A 77 -13.53 3.72 2.41
C TRP A 77 -13.24 5.00 3.21
N PRO A 78 -14.07 5.37 4.19
CA PRO A 78 -13.83 6.59 4.97
C PRO A 78 -12.59 6.51 5.87
N THR A 79 -12.20 5.33 6.38
CA THR A 79 -10.97 5.18 7.20
C THR A 79 -10.38 3.77 7.21
N ILE A 80 -9.58 3.45 6.21
CA ILE A 80 -8.70 2.27 6.13
C ILE A 80 -7.32 2.66 5.56
N PRO A 81 -6.21 2.01 5.96
CA PRO A 81 -4.91 2.09 5.27
C PRO A 81 -4.68 0.91 4.30
N GLN A 82 -3.83 1.10 3.27
CA GLN A 82 -3.68 0.18 2.12
C GLN A 82 -2.21 -0.11 1.75
N VAL A 83 -2.00 -1.10 0.88
CA VAL A 83 -0.79 -1.21 0.06
C VAL A 83 -1.16 -1.53 -1.39
N TYR A 84 -0.39 -0.95 -2.31
CA TYR A 84 -0.51 -1.11 -3.75
C TYR A 84 0.82 -1.62 -4.30
N LEU A 85 0.79 -2.68 -5.11
CA LEU A 85 1.99 -3.27 -5.71
C LEU A 85 2.06 -3.00 -7.22
N ASN A 86 3.19 -2.48 -7.68
CA ASN A 86 3.38 -2.10 -9.09
C ASN A 86 2.28 -1.14 -9.61
N GLY A 87 1.79 -0.24 -8.75
CA GLY A 87 0.65 0.63 -9.00
C GLY A 87 -0.75 -0.02 -9.04
N GLU A 88 -0.93 -1.29 -8.62
CA GLU A 88 -2.22 -1.99 -8.61
C GLU A 88 -2.69 -2.29 -7.19
N PHE A 89 -3.99 -2.20 -6.97
CA PHE A 89 -4.64 -2.40 -5.67
C PHE A 89 -4.91 -3.86 -5.38
N VAL A 90 -4.68 -4.15 -4.11
CA VAL A 90 -3.91 -5.29 -3.64
C VAL A 90 -4.35 -5.58 -2.21
N GLY A 91 -4.45 -4.53 -1.38
CA GLY A 91 -5.58 -4.46 -0.47
C GLY A 91 -5.52 -3.44 0.66
N GLY A 92 -6.67 -3.25 1.32
CA GLY A 92 -6.80 -2.55 2.60
C GLY A 92 -6.47 -3.45 3.80
N CYS A 93 -6.37 -2.87 5.00
CA CYS A 93 -5.84 -3.55 6.18
C CYS A 93 -6.65 -4.78 6.67
N ASP A 94 -7.97 -4.85 6.44
CA ASP A 94 -8.73 -6.07 6.74
C ASP A 94 -8.51 -7.16 5.68
N ILE A 95 -8.29 -6.76 4.42
CA ILE A 95 -8.03 -7.65 3.29
C ILE A 95 -6.64 -8.26 3.39
N LEU A 96 -5.65 -7.44 3.74
CA LEU A 96 -4.28 -7.89 4.00
C LEU A 96 -4.23 -8.96 5.09
N LEU A 97 -5.13 -8.89 6.08
CA LEU A 97 -5.27 -9.88 7.16
C LEU A 97 -5.77 -11.24 6.63
N GLN A 98 -6.61 -11.24 5.59
CA GLN A 98 -6.99 -12.46 4.90
C GLN A 98 -5.80 -13.03 4.12
N MET A 99 -5.24 -12.21 3.24
CA MET A 99 -4.31 -12.62 2.19
C MET A 99 -2.93 -13.01 2.72
N HIS A 100 -2.50 -12.43 3.83
CA HIS A 100 -1.28 -12.85 4.54
C HIS A 100 -1.34 -14.33 4.90
N GLN A 101 -2.46 -14.66 5.53
CA GLN A 101 -2.62 -15.82 6.39
C GLN A 101 -3.13 -17.02 5.60
N ASN A 102 -3.67 -16.76 4.40
CA ASN A 102 -3.88 -17.71 3.31
C ASN A 102 -2.67 -17.79 2.35
N GLY A 103 -1.95 -16.68 2.09
CA GLY A 103 -0.75 -16.67 1.25
C GLY A 103 -0.97 -16.14 -0.17
N ASP A 104 -2.09 -15.49 -0.45
CA ASP A 104 -2.34 -14.83 -1.75
C ASP A 104 -1.49 -13.56 -1.92
N LEU A 105 -0.81 -13.07 -0.87
CA LEU A 105 0.16 -11.98 -1.02
C LEU A 105 1.43 -12.47 -1.73
N VAL A 106 1.68 -13.77 -1.61
CA VAL A 106 2.95 -14.41 -1.93
C VAL A 106 3.06 -14.64 -3.44
N GLU A 107 1.94 -15.01 -4.05
CA GLU A 107 1.77 -15.09 -5.50
C GLU A 107 1.77 -13.70 -6.14
N GLU A 108 1.21 -12.71 -5.43
CA GLU A 108 1.24 -11.29 -5.83
C GLU A 108 2.68 -10.72 -5.81
N LEU A 109 3.47 -11.05 -4.78
CA LEU A 109 4.90 -10.69 -4.69
C LEU A 109 5.72 -11.34 -5.81
N LYS A 110 5.39 -12.58 -6.21
CA LYS A 110 6.05 -13.28 -7.34
C LYS A 110 5.80 -12.60 -8.70
N LYS A 111 4.73 -11.79 -8.87
CA LYS A 111 4.54 -10.92 -10.06
C LYS A 111 5.64 -9.88 -10.21
N LEU A 112 6.17 -9.36 -9.10
CA LEU A 112 7.34 -8.48 -9.02
C LEU A 112 8.67 -9.25 -8.91
N GLY A 113 8.61 -10.59 -8.91
CA GLY A 113 9.75 -11.48 -8.66
C GLY A 113 10.23 -11.53 -7.21
N ILE A 114 9.58 -10.81 -6.28
CA ILE A 114 10.03 -10.68 -4.89
C ILE A 114 9.80 -11.98 -4.12
N HIS A 115 10.84 -12.40 -3.40
CA HIS A 115 10.83 -13.52 -2.47
C HIS A 115 10.22 -13.10 -1.13
N SER A 116 9.06 -13.64 -0.78
CA SER A 116 8.58 -13.62 0.60
C SER A 116 9.53 -14.41 1.51
N ALA A 117 9.98 -13.80 2.59
CA ALA A 117 10.84 -14.40 3.62
C ALA A 117 10.18 -15.57 4.40
N LEU A 118 8.93 -15.93 4.07
CA LEU A 118 8.17 -17.05 4.56
C LEU A 118 8.20 -18.26 3.60
N LEU A 119 8.79 -18.12 2.40
CA LEU A 119 8.83 -19.12 1.34
C LEU A 119 9.40 -20.47 1.78
N ASP A 120 10.33 -20.45 2.74
CA ASP A 120 11.13 -21.59 3.19
C ASP A 120 10.96 -21.81 4.71
N GLU A 121 9.76 -21.55 5.21
CA GLU A 121 9.31 -21.75 6.59
C GLU A 121 8.77 -23.16 6.85
N GLY A 1 10.88 11.45 -13.21
CA GLY A 1 9.86 12.07 -14.09
C GLY A 1 8.50 11.44 -13.88
N SER A 2 7.80 11.12 -14.98
CA SER A 2 6.54 10.38 -15.00
C SER A 2 5.42 10.97 -14.11
N PHE A 3 5.35 12.30 -14.00
CA PHE A 3 4.48 13.02 -13.05
C PHE A 3 4.33 14.49 -13.47
N THR A 4 3.14 15.09 -13.36
CA THR A 4 2.75 16.46 -13.83
C THR A 4 2.78 16.75 -15.32
N MET A 5 3.37 15.85 -16.09
CA MET A 5 3.50 15.85 -17.55
C MET A 5 3.86 14.43 -18.00
N GLY A 6 3.29 13.97 -19.12
CA GLY A 6 3.21 12.56 -19.51
C GLY A 6 2.24 11.71 -18.64
N ALA A 7 2.06 12.10 -17.38
CA ALA A 7 1.14 11.54 -16.39
C ALA A 7 0.47 12.66 -15.55
N GLY A 8 -0.49 12.26 -14.69
CA GLY A 8 -1.32 13.17 -13.88
C GLY A 8 -0.57 14.02 -12.84
N GLY A 9 -1.29 14.98 -12.27
CA GLY A 9 -0.80 15.99 -11.33
C GLY A 9 -1.91 16.98 -10.94
N GLY A 10 -2.00 17.35 -9.65
CA GLY A 10 -2.94 18.34 -9.14
C GLY A 10 -4.34 17.81 -8.76
N GLY A 11 -4.47 16.50 -8.56
CA GLY A 11 -5.73 15.81 -8.23
C GLY A 11 -6.33 15.05 -9.42
N SER A 12 -7.55 14.55 -9.20
CA SER A 12 -8.27 13.56 -10.02
C SER A 12 -7.62 12.17 -10.02
N ALA A 13 -8.36 11.18 -10.52
CA ALA A 13 -7.98 9.77 -10.56
C ALA A 13 -6.60 9.49 -11.20
N GLU A 14 -6.26 10.25 -12.24
CA GLU A 14 -4.96 10.17 -12.93
C GLU A 14 -3.77 10.69 -12.08
N GLN A 15 -4.00 11.52 -11.06
CA GLN A 15 -2.96 11.91 -10.08
C GLN A 15 -2.64 10.75 -9.15
N LEU A 16 -3.65 10.14 -8.52
CA LEU A 16 -3.51 9.00 -7.62
C LEU A 16 -2.92 7.80 -8.35
N ASP A 17 -3.24 7.62 -9.63
CA ASP A 17 -2.57 6.61 -10.48
C ASP A 17 -1.03 6.85 -10.59
N ALA A 18 -0.67 8.13 -10.76
CA ALA A 18 0.69 8.56 -10.99
C ALA A 18 1.49 8.62 -9.68
N LEU A 19 0.76 8.71 -8.56
CA LEU A 19 1.22 8.53 -7.19
C LEU A 19 1.52 7.05 -6.89
N VAL A 20 0.61 6.10 -7.17
CA VAL A 20 0.90 4.66 -6.95
C VAL A 20 1.99 4.12 -7.85
N LYS A 21 2.16 4.65 -9.07
CA LYS A 21 3.28 4.23 -9.94
C LYS A 21 4.66 4.81 -9.60
N LYS A 22 4.84 5.43 -8.43
CA LYS A 22 6.17 5.75 -7.87
C LYS A 22 7.01 4.53 -7.53
N ASP A 23 6.41 3.46 -6.99
CA ASP A 23 7.18 2.32 -6.51
C ASP A 23 6.50 0.98 -6.77
N LYS A 24 7.19 -0.11 -6.47
CA LYS A 24 6.60 -1.45 -6.55
C LYS A 24 5.68 -1.75 -5.38
N VAL A 25 5.88 -1.04 -4.26
CA VAL A 25 5.07 -1.11 -3.05
C VAL A 25 4.80 0.32 -2.60
N VAL A 26 3.54 0.69 -2.53
CA VAL A 26 3.10 1.98 -2.01
C VAL A 26 1.99 1.75 -0.99
N VAL A 27 2.25 2.19 0.22
CA VAL A 27 1.46 1.92 1.43
C VAL A 27 0.76 3.19 1.87
N PHE A 28 -0.38 3.08 2.51
CA PHE A 28 -1.34 4.19 2.59
C PHE A 28 -2.01 4.22 3.95
N LEU A 29 -1.61 5.17 4.80
CA LEU A 29 -2.08 5.17 6.18
C LEU A 29 -2.06 6.58 6.84
N LYS A 30 -2.87 6.78 7.89
CA LYS A 30 -2.89 8.04 8.67
C LYS A 30 -1.96 7.94 9.89
N GLY A 31 -0.67 7.83 9.61
CA GLY A 31 0.36 7.52 10.60
C GLY A 31 1.78 7.72 10.11
N THR A 32 2.57 6.66 10.32
CA THR A 32 3.95 6.31 9.90
C THR A 32 4.16 4.82 10.20
N PRO A 33 5.13 4.14 9.57
CA PRO A 33 5.34 2.70 9.76
C PRO A 33 5.82 2.29 11.17
N GLU A 34 6.46 3.17 11.93
CA GLU A 34 7.00 2.82 13.27
C GLU A 34 6.06 3.11 14.45
N GLN A 35 5.03 3.97 14.30
CA GLN A 35 4.08 4.30 15.38
C GLN A 35 2.67 3.71 15.13
N PRO A 36 1.98 3.17 16.14
CA PRO A 36 0.58 2.73 16.02
C PRO A 36 -0.37 3.93 16.16
N GLN A 37 -0.39 4.80 15.15
CA GLN A 37 -1.34 5.91 14.91
C GLN A 37 -2.78 5.69 15.42
N CYS A 38 -3.38 4.57 15.01
CA CYS A 38 -4.76 4.15 15.22
C CYS A 38 -4.82 2.63 14.93
N GLY A 39 -6.00 2.02 14.91
CA GLY A 39 -6.17 0.57 14.67
C GLY A 39 -5.51 0.07 13.38
N PHE A 40 -4.89 -1.12 13.47
CA PHE A 40 -4.37 -1.94 12.36
C PHE A 40 -3.35 -1.34 11.37
N SER A 41 -2.72 -0.21 11.67
CA SER A 41 -1.67 0.39 10.81
C SER A 41 -0.25 -0.17 10.99
N ASN A 42 0.07 -0.79 12.12
CA ASN A 42 1.30 -1.57 12.24
C ASN A 42 1.15 -2.96 11.62
N ALA A 43 -0.07 -3.50 11.59
CA ALA A 43 -0.34 -4.85 11.07
C ALA A 43 0.07 -4.99 9.59
N VAL A 44 -0.12 -3.94 8.79
CA VAL A 44 0.34 -3.89 7.42
C VAL A 44 1.87 -3.85 7.31
N VAL A 45 2.53 -3.13 8.22
CA VAL A 45 4.00 -2.99 8.25
C VAL A 45 4.67 -4.24 8.81
N GLN A 46 4.05 -4.90 9.80
CA GLN A 46 4.40 -6.23 10.26
C GLN A 46 4.31 -7.22 9.09
N ILE A 47 3.17 -7.33 8.40
CA ILE A 47 3.02 -8.30 7.32
C ILE A 47 4.07 -8.06 6.21
N LEU A 48 4.32 -6.81 5.85
CA LEU A 48 5.38 -6.44 4.90
C LEU A 48 6.79 -6.87 5.39
N ARG A 49 7.25 -6.39 6.55
CA ARG A 49 8.57 -6.72 7.11
C ARG A 49 8.76 -8.21 7.45
N LEU A 50 7.71 -8.92 7.85
CA LEU A 50 7.71 -10.37 8.03
C LEU A 50 7.96 -11.09 6.69
N HIS A 51 7.37 -10.58 5.60
CA HIS A 51 7.67 -11.03 4.24
C HIS A 51 9.00 -10.49 3.68
N GLY A 52 9.81 -9.76 4.46
CA GLY A 52 11.11 -9.25 4.03
C GLY A 52 11.09 -7.87 3.38
N VAL A 53 9.95 -7.17 3.41
CA VAL A 53 9.71 -5.92 2.65
C VAL A 53 9.72 -4.69 3.55
N ARG A 54 10.59 -3.73 3.21
CA ARG A 54 10.64 -2.34 3.68
C ARG A 54 10.66 -1.37 2.50
N ASP A 55 10.59 -1.94 1.30
CA ASP A 55 10.75 -1.34 -0.03
C ASP A 55 9.56 -0.49 -0.48
N TYR A 56 8.64 -0.24 0.44
CA TYR A 56 7.51 0.63 0.20
C TYR A 56 7.86 2.12 0.20
N ALA A 57 6.94 2.92 -0.34
CA ALA A 57 6.76 4.30 0.09
C ALA A 57 5.48 4.39 0.94
N ALA A 58 5.60 4.73 2.23
CA ALA A 58 4.47 4.86 3.14
C ALA A 58 3.86 6.27 2.95
N TYR A 59 2.76 6.40 2.22
CA TYR A 59 1.96 7.62 2.14
C TYR A 59 1.34 7.94 3.49
N ASN A 60 1.78 9.07 4.03
CA ASN A 60 1.28 9.65 5.24
C ASN A 60 0.14 10.62 4.93
N VAL A 61 -1.10 10.17 5.05
CA VAL A 61 -2.25 11.09 4.81
C VAL A 61 -2.44 12.11 5.96
N LEU A 62 -1.65 11.99 7.03
CA LEU A 62 -1.45 13.01 8.07
C LEU A 62 -0.83 14.30 7.54
N ASP A 63 0.09 14.20 6.59
CA ASP A 63 0.79 15.35 6.02
C ASP A 63 -0.06 16.15 5.01
N ASP A 64 -1.10 15.54 4.41
CA ASP A 64 -1.85 16.09 3.28
C ASP A 64 -3.36 15.75 3.29
N PRO A 65 -4.25 16.70 3.62
CA PRO A 65 -5.70 16.46 3.62
C PRO A 65 -6.32 16.38 2.22
N GLU A 66 -5.67 16.96 1.21
CA GLU A 66 -6.03 16.79 -0.19
C GLU A 66 -5.78 15.36 -0.67
N LEU A 67 -4.70 14.75 -0.19
CA LEU A 67 -4.32 13.37 -0.49
C LEU A 67 -5.23 12.40 0.27
N ARG A 68 -5.58 12.75 1.51
CA ARG A 68 -6.62 12.08 2.32
C ARG A 68 -7.96 12.02 1.59
N GLN A 69 -8.47 13.14 1.07
CA GLN A 69 -9.69 13.11 0.26
C GLN A 69 -9.49 12.33 -1.04
N GLY A 70 -8.33 12.55 -1.67
CA GLY A 70 -7.95 11.87 -2.91
C GLY A 70 -8.02 10.35 -2.80
N ILE A 71 -7.61 9.77 -1.65
CA ILE A 71 -7.62 8.33 -1.40
C ILE A 71 -8.96 7.82 -0.85
N LYS A 72 -9.68 8.62 -0.05
CA LYS A 72 -11.07 8.36 0.36
C LYS A 72 -12.02 8.25 -0.83
N ASP A 73 -11.71 8.96 -1.92
CA ASP A 73 -12.39 8.79 -3.21
C ASP A 73 -11.83 7.58 -3.98
N TYR A 74 -10.55 7.60 -4.36
CA TYR A 74 -9.91 6.62 -5.26
C TYR A 74 -10.00 5.18 -4.74
N SER A 75 -9.65 4.94 -3.48
CA SER A 75 -9.79 3.63 -2.81
C SER A 75 -11.16 3.43 -2.16
N ASN A 76 -12.07 4.41 -2.22
CA ASN A 76 -13.41 4.39 -1.62
C ASN A 76 -13.51 4.23 -0.09
N TRP A 77 -12.40 4.07 0.64
CA TRP A 77 -12.41 3.78 2.08
C TRP A 77 -12.25 5.03 2.93
N PRO A 78 -13.01 5.17 4.04
CA PRO A 78 -12.86 6.30 4.94
C PRO A 78 -11.49 6.34 5.65
N THR A 79 -10.89 5.20 6.05
CA THR A 79 -9.72 5.24 6.98
C THR A 79 -8.82 4.01 7.13
N ILE A 80 -9.18 2.90 6.50
CA ILE A 80 -8.50 1.60 6.65
C ILE A 80 -7.15 1.61 5.91
N PRO A 81 -6.06 1.03 6.45
CA PRO A 81 -4.76 1.08 5.75
C PRO A 81 -4.80 0.25 4.47
N GLN A 82 -4.17 0.72 3.39
CA GLN A 82 -4.13 -0.01 2.11
C GLN A 82 -2.69 -0.28 1.67
N VAL A 83 -2.49 -1.22 0.75
CA VAL A 83 -1.25 -1.31 -0.02
C VAL A 83 -1.57 -1.55 -1.48
N TYR A 84 -0.96 -0.73 -2.33
CA TYR A 84 -0.91 -0.93 -3.77
C TYR A 84 0.41 -1.61 -4.15
N LEU A 85 0.31 -2.68 -4.93
CA LEU A 85 1.47 -3.34 -5.55
C LEU A 85 1.43 -3.12 -7.06
N ASN A 86 2.57 -2.73 -7.62
CA ASN A 86 2.72 -2.45 -9.06
C ASN A 86 1.71 -1.38 -9.57
N GLY A 87 1.43 -0.37 -8.75
CA GLY A 87 0.45 0.67 -9.01
C GLY A 87 -1.03 0.25 -8.96
N GLU A 88 -1.42 -0.86 -8.34
CA GLU A 88 -2.80 -1.33 -8.29
C GLU A 88 -3.22 -1.90 -6.92
N PHE A 89 -4.51 -1.75 -6.61
CA PHE A 89 -5.13 -2.16 -5.35
C PHE A 89 -5.28 -3.68 -5.26
N VAL A 90 -5.01 -4.10 -4.04
CA VAL A 90 -4.33 -5.36 -3.74
C VAL A 90 -4.68 -5.82 -2.33
N GLY A 91 -4.84 -4.88 -1.39
CA GLY A 91 -5.61 -5.12 -0.19
C GLY A 91 -5.78 -3.93 0.76
N GLY A 92 -6.87 -3.91 1.53
CA GLY A 92 -6.99 -3.16 2.79
C GLY A 92 -6.55 -4.00 4.00
N CYS A 93 -6.30 -3.41 5.17
CA CYS A 93 -5.70 -4.16 6.29
C CYS A 93 -6.52 -5.38 6.76
N ASP A 94 -7.85 -5.29 6.79
CA ASP A 94 -8.71 -6.42 7.22
C ASP A 94 -8.71 -7.59 6.22
N ILE A 95 -8.40 -7.32 4.96
CA ILE A 95 -8.17 -8.31 3.89
C ILE A 95 -6.74 -8.87 4.01
N LEU A 96 -5.74 -8.01 4.21
CA LEU A 96 -4.33 -8.39 4.33
C LEU A 96 -4.11 -9.42 5.47
N LEU A 97 -4.88 -9.30 6.55
CA LEU A 97 -4.85 -10.21 7.72
C LEU A 97 -5.40 -11.61 7.38
N GLN A 98 -6.20 -11.75 6.33
CA GLN A 98 -6.59 -13.03 5.77
C GLN A 98 -5.53 -13.55 4.80
N MET A 99 -5.17 -12.73 3.81
CA MET A 99 -4.29 -13.11 2.71
C MET A 99 -2.88 -13.49 3.16
N HIS A 100 -2.38 -12.89 4.24
CA HIS A 100 -1.11 -13.27 4.87
C HIS A 100 -1.08 -14.75 5.21
N GLN A 101 -2.15 -15.16 5.86
CA GLN A 101 -2.23 -16.35 6.69
C GLN A 101 -2.75 -17.55 5.88
N ASN A 102 -3.36 -17.27 4.72
CA ASN A 102 -3.50 -18.16 3.58
C ASN A 102 -2.21 -18.21 2.71
N GLY A 103 -1.45 -17.12 2.58
CA GLY A 103 -0.23 -17.06 1.75
C GLY A 103 -0.50 -16.53 0.35
N ASP A 104 -1.65 -15.90 0.14
CA ASP A 104 -2.11 -15.32 -1.12
C ASP A 104 -1.36 -14.02 -1.48
N LEU A 105 -0.62 -13.47 -0.51
CA LEU A 105 0.28 -12.31 -0.70
C LEU A 105 1.58 -12.72 -1.36
N VAL A 106 1.92 -14.00 -1.23
CA VAL A 106 3.17 -14.58 -1.65
C VAL A 106 3.15 -14.78 -3.17
N GLU A 107 1.99 -15.11 -3.73
CA GLU A 107 1.73 -15.06 -5.17
C GLU A 107 1.87 -13.65 -5.73
N GLU A 108 1.26 -12.68 -5.05
CA GLU A 108 1.33 -11.25 -5.38
C GLU A 108 2.77 -10.69 -5.39
N LEU A 109 3.59 -11.07 -4.41
CA LEU A 109 5.03 -10.79 -4.38
C LEU A 109 5.79 -11.50 -5.52
N LYS A 110 5.50 -12.80 -5.77
CA LYS A 110 6.11 -13.58 -6.86
C LYS A 110 5.79 -13.01 -8.25
N LYS A 111 4.61 -12.39 -8.47
CA LYS A 111 4.25 -11.66 -9.70
C LYS A 111 5.22 -10.51 -9.99
N LEU A 112 5.71 -9.80 -8.97
CA LEU A 112 6.72 -8.76 -9.09
C LEU A 112 8.16 -9.30 -9.23
N GLY A 113 8.38 -10.58 -8.92
CA GLY A 113 9.71 -11.17 -8.74
C GLY A 113 10.33 -10.88 -7.36
N ILE A 114 9.53 -10.47 -6.36
CA ILE A 114 9.98 -10.28 -4.97
C ILE A 114 9.93 -11.60 -4.19
N HIS A 115 11.01 -11.85 -3.46
CA HIS A 115 11.11 -12.95 -2.50
C HIS A 115 10.39 -12.61 -1.18
N SER A 116 9.34 -13.37 -0.84
CA SER A 116 8.86 -13.46 0.53
C SER A 116 9.89 -14.16 1.41
N ALA A 117 10.39 -13.52 2.46
CA ALA A 117 11.33 -14.09 3.43
C ALA A 117 10.81 -15.35 4.15
N LEU A 118 9.50 -15.65 4.06
CA LEU A 118 8.85 -16.85 4.53
C LEU A 118 9.01 -18.05 3.60
N LEU A 119 9.67 -17.87 2.44
CA LEU A 119 9.97 -18.89 1.43
C LEU A 119 10.73 -20.09 2.01
N ASP A 120 11.43 -19.92 3.14
CA ASP A 120 12.13 -20.95 3.94
C ASP A 120 11.20 -21.97 4.64
N GLU A 121 9.98 -22.09 4.13
CA GLU A 121 8.98 -23.12 4.41
C GLU A 121 9.45 -24.53 4.00
N GLY A 1 -5.28 -4.60 -16.28
CA GLY A 1 -4.04 -4.75 -17.06
C GLY A 1 -2.86 -4.06 -16.39
N SER A 2 -1.63 -4.37 -16.81
CA SER A 2 -0.40 -3.91 -16.15
C SER A 2 0.03 -2.47 -16.47
N PHE A 3 -0.38 -1.91 -17.62
CA PHE A 3 -0.10 -0.52 -18.01
C PHE A 3 -1.32 0.38 -17.81
N THR A 4 -1.11 1.67 -17.51
CA THR A 4 -2.20 2.58 -17.08
C THR A 4 -2.11 4.02 -17.62
N MET A 5 -3.26 4.70 -17.58
CA MET A 5 -3.45 6.16 -17.45
C MET A 5 -2.38 7.09 -18.05
N GLY A 6 -1.45 7.59 -17.24
CA GLY A 6 -0.62 8.77 -17.51
C GLY A 6 -1.18 10.01 -16.80
N ALA A 7 -0.32 10.73 -16.07
CA ALA A 7 -0.74 11.71 -15.07
C ALA A 7 -1.30 13.02 -15.67
N GLY A 8 -2.42 13.49 -15.14
CA GLY A 8 -3.04 14.76 -15.47
C GLY A 8 -3.79 15.34 -14.26
N GLY A 9 -3.95 16.66 -14.21
CA GLY A 9 -4.61 17.37 -13.10
C GLY A 9 -3.94 17.17 -11.73
N GLY A 10 -4.71 17.34 -10.65
CA GLY A 10 -4.24 17.35 -9.27
C GLY A 10 -5.11 16.62 -8.25
N GLY A 11 -5.98 15.70 -8.67
CA GLY A 11 -6.79 14.91 -7.73
C GLY A 11 -7.71 13.82 -8.28
N SER A 12 -7.59 13.47 -9.56
CA SER A 12 -8.36 12.39 -10.21
C SER A 12 -7.64 11.05 -10.14
N ALA A 13 -8.34 9.98 -10.51
CA ALA A 13 -7.85 8.61 -10.44
C ALA A 13 -6.57 8.35 -11.26
N GLU A 14 -6.33 9.10 -12.35
CA GLU A 14 -5.08 9.11 -13.12
C GLU A 14 -3.88 9.76 -12.39
N GLN A 15 -4.14 10.67 -11.46
CA GLN A 15 -3.12 11.33 -10.63
C GLN A 15 -2.74 10.43 -9.46
N LEU A 16 -3.75 9.97 -8.72
CA LEU A 16 -3.67 8.90 -7.72
C LEU A 16 -2.99 7.63 -8.27
N ASP A 17 -3.22 7.25 -9.53
CA ASP A 17 -2.51 6.14 -10.20
C ASP A 17 -0.99 6.38 -10.24
N ALA A 18 -0.60 7.61 -10.55
CA ALA A 18 0.81 8.00 -10.65
C ALA A 18 1.43 8.15 -9.25
N LEU A 19 0.59 8.45 -8.24
CA LEU A 19 0.92 8.40 -6.82
C LEU A 19 1.23 6.95 -6.37
N VAL A 20 0.39 5.96 -6.70
CA VAL A 20 0.69 4.53 -6.40
C VAL A 20 1.81 3.94 -7.26
N LYS A 21 2.16 4.56 -8.40
CA LYS A 21 3.29 4.21 -9.24
C LYS A 21 4.61 4.89 -8.87
N LYS A 22 4.64 5.68 -7.80
CA LYS A 22 5.88 6.26 -7.25
C LYS A 22 6.78 5.22 -6.58
N ASP A 23 6.25 4.05 -6.24
CA ASP A 23 7.04 2.87 -5.88
C ASP A 23 6.36 1.56 -6.29
N LYS A 24 6.96 0.42 -5.94
CA LYS A 24 6.37 -0.92 -6.11
C LYS A 24 5.59 -1.44 -4.92
N VAL A 25 5.76 -0.82 -3.76
CA VAL A 25 5.06 -1.17 -2.52
C VAL A 25 4.68 0.15 -1.91
N VAL A 26 3.59 0.71 -2.41
CA VAL A 26 3.15 2.02 -1.92
C VAL A 26 2.09 1.80 -0.86
N VAL A 27 2.42 2.19 0.37
CA VAL A 27 1.65 1.96 1.60
C VAL A 27 1.02 3.28 2.03
N PHE A 28 -0.15 3.20 2.66
CA PHE A 28 -1.05 4.34 2.78
C PHE A 28 -1.79 4.28 4.10
N LEU A 29 -1.46 5.16 5.03
CA LEU A 29 -1.98 5.10 6.38
C LEU A 29 -2.06 6.52 7.00
N LYS A 30 -2.93 6.78 7.98
CA LYS A 30 -2.97 8.09 8.66
C LYS A 30 -1.83 8.23 9.68
N GLY A 31 -0.59 8.20 9.19
CA GLY A 31 0.57 7.92 10.04
C GLY A 31 1.86 7.53 9.30
N THR A 32 2.81 6.98 10.06
CA THR A 32 4.15 6.55 9.61
C THR A 32 4.43 5.09 10.02
N PRO A 33 5.42 4.42 9.40
CA PRO A 33 5.77 3.03 9.74
C PRO A 33 6.56 2.91 11.05
N GLU A 34 7.19 4.00 11.48
CA GLU A 34 8.06 4.05 12.66
C GLU A 34 7.38 4.50 13.95
N GLN A 35 6.22 5.17 13.88
CA GLN A 35 5.39 5.53 15.02
C GLN A 35 3.92 5.10 14.78
N PRO A 36 3.29 4.34 15.70
CA PRO A 36 1.92 3.87 15.52
C PRO A 36 0.91 4.99 15.80
N GLN A 37 0.58 5.71 14.72
CA GLN A 37 -0.52 6.69 14.56
C GLN A 37 -1.71 6.44 15.49
N CYS A 38 -2.33 5.26 15.35
CA CYS A 38 -3.53 4.79 16.05
C CYS A 38 -3.54 3.25 15.95
N GLY A 39 -4.70 2.61 15.77
CA GLY A 39 -4.79 1.22 15.31
C GLY A 39 -4.20 0.99 13.91
N PHE A 40 -4.28 -0.26 13.45
CA PHE A 40 -4.02 -0.75 12.07
C PHE A 40 -2.60 -0.61 11.48
N SER A 41 -1.87 0.44 11.80
CA SER A 41 -0.68 0.90 11.09
C SER A 41 0.50 -0.07 11.17
N ASN A 42 0.59 -0.80 12.27
CA ASN A 42 1.58 -1.82 12.50
C ASN A 42 1.22 -3.16 11.86
N ALA A 43 -0.06 -3.52 11.77
CA ALA A 43 -0.51 -4.77 11.17
C ALA A 43 -0.05 -4.90 9.71
N VAL A 44 -0.11 -3.81 8.95
CA VAL A 44 0.36 -3.77 7.59
C VAL A 44 1.89 -3.82 7.48
N VAL A 45 2.60 -3.13 8.37
CA VAL A 45 4.07 -3.06 8.38
C VAL A 45 4.71 -4.34 8.94
N GLN A 46 4.06 -5.00 9.89
CA GLN A 46 4.38 -6.34 10.37
C GLN A 46 4.22 -7.38 9.25
N ILE A 47 3.10 -7.40 8.53
CA ILE A 47 2.93 -8.38 7.43
C ILE A 47 4.01 -8.18 6.36
N LEU A 48 4.34 -6.94 6.02
CA LEU A 48 5.44 -6.62 5.11
C LEU A 48 6.81 -7.12 5.61
N ARG A 49 7.28 -6.69 6.78
CA ARG A 49 8.56 -7.13 7.35
C ARG A 49 8.65 -8.63 7.62
N LEU A 50 7.55 -9.32 7.98
CA LEU A 50 7.51 -10.77 8.12
C LEU A 50 7.77 -11.46 6.79
N HIS A 51 7.21 -10.93 5.70
CA HIS A 51 7.49 -11.38 4.33
C HIS A 51 8.86 -10.94 3.79
N GLY A 52 9.69 -10.22 4.55
CA GLY A 52 11.02 -9.77 4.13
C GLY A 52 11.04 -8.39 3.45
N VAL A 53 9.92 -7.66 3.47
CA VAL A 53 9.71 -6.41 2.72
C VAL A 53 9.80 -5.18 3.63
N ARG A 54 10.63 -4.21 3.24
CA ARG A 54 10.91 -2.97 3.97
C ARG A 54 11.06 -1.74 3.07
N ASP A 55 11.16 -1.97 1.77
CA ASP A 55 11.44 -0.97 0.73
C ASP A 55 10.16 -0.35 0.13
N TYR A 56 9.08 -0.31 0.92
CA TYR A 56 7.88 0.45 0.57
C TYR A 56 8.19 1.96 0.62
N ALA A 57 7.31 2.73 -0.02
CA ALA A 57 7.11 4.13 0.31
C ALA A 57 5.82 4.23 1.14
N ALA A 58 5.92 4.69 2.39
CA ALA A 58 4.81 4.75 3.33
C ALA A 58 4.22 6.19 3.32
N TYR A 59 3.03 6.38 2.75
CA TYR A 59 2.33 7.66 2.63
C TYR A 59 1.45 7.93 3.85
N ASN A 60 1.82 8.98 4.59
CA ASN A 60 1.01 9.59 5.60
C ASN A 60 -0.10 10.44 4.97
N VAL A 61 -1.34 9.96 5.05
CA VAL A 61 -2.52 10.66 4.47
C VAL A 61 -3.08 11.77 5.37
N LEU A 62 -2.47 12.06 6.51
CA LEU A 62 -2.80 13.24 7.35
C LEU A 62 -2.13 14.51 6.83
N ASP A 63 -0.97 14.36 6.16
CA ASP A 63 -0.08 15.47 5.80
C ASP A 63 -0.68 16.42 4.75
N ASP A 64 -1.48 15.86 3.84
CA ASP A 64 -2.22 16.57 2.80
C ASP A 64 -3.73 16.21 2.82
N PRO A 65 -4.64 17.21 2.88
CA PRO A 65 -6.08 16.96 2.70
C PRO A 65 -6.41 16.37 1.32
N GLU A 66 -5.55 16.64 0.33
CA GLU A 66 -5.57 16.05 -1.00
C GLU A 66 -5.35 14.53 -0.96
N LEU A 67 -4.37 14.06 -0.19
CA LEU A 67 -4.12 12.63 0.01
C LEU A 67 -5.29 11.99 0.77
N ARG A 68 -5.77 12.67 1.82
CA ARG A 68 -6.87 12.19 2.68
C ARG A 68 -8.14 11.91 1.87
N GLN A 69 -8.61 12.91 1.14
CA GLN A 69 -9.80 12.78 0.30
C GLN A 69 -9.56 11.86 -0.90
N GLY A 70 -8.38 11.99 -1.50
CA GLY A 70 -7.98 11.16 -2.63
C GLY A 70 -8.06 9.66 -2.31
N ILE A 71 -7.66 9.24 -1.11
CA ILE A 71 -7.67 7.84 -0.71
C ILE A 71 -9.05 7.38 -0.18
N LYS A 72 -9.74 8.25 0.57
CA LYS A 72 -11.14 8.05 0.97
C LYS A 72 -12.09 7.89 -0.22
N ASP A 73 -11.74 8.47 -1.37
CA ASP A 73 -12.43 8.22 -2.62
C ASP A 73 -11.96 6.91 -3.29
N TYR A 74 -10.66 6.80 -3.58
CA TYR A 74 -10.08 5.73 -4.41
C TYR A 74 -10.33 4.32 -3.85
N SER A 75 -10.22 4.13 -2.53
CA SER A 75 -10.60 2.86 -1.85
C SER A 75 -11.96 2.93 -1.12
N ASN A 76 -12.71 4.02 -1.33
CA ASN A 76 -14.07 4.28 -0.81
C ASN A 76 -14.22 4.30 0.74
N TRP A 77 -13.16 4.14 1.53
CA TRP A 77 -13.24 3.91 2.96
C TRP A 77 -12.85 5.12 3.81
N PRO A 78 -13.63 5.48 4.85
CA PRO A 78 -13.29 6.59 5.74
C PRO A 78 -12.01 6.31 6.55
N THR A 79 -11.77 5.05 6.96
CA THR A 79 -10.65 4.68 7.85
C THR A 79 -10.23 3.21 7.77
N ILE A 80 -9.64 2.79 6.64
CA ILE A 80 -8.84 1.54 6.53
C ILE A 80 -7.57 1.83 5.71
N PRO A 81 -6.35 1.59 6.24
CA PRO A 81 -5.12 1.86 5.51
C PRO A 81 -4.87 0.80 4.42
N GLN A 82 -4.15 1.16 3.36
CA GLN A 82 -4.13 0.46 2.09
C GLN A 82 -2.70 0.08 1.67
N VAL A 83 -2.54 -0.88 0.74
CA VAL A 83 -1.29 -1.10 0.03
C VAL A 83 -1.56 -1.40 -1.44
N TYR A 84 -0.74 -0.83 -2.30
CA TYR A 84 -0.84 -0.97 -3.75
C TYR A 84 0.49 -1.53 -4.26
N LEU A 85 0.46 -2.67 -4.95
CA LEU A 85 1.66 -3.35 -5.45
C LEU A 85 1.86 -3.12 -6.94
N ASN A 86 3.05 -2.66 -7.31
CA ASN A 86 3.35 -2.24 -8.69
C ASN A 86 2.37 -1.14 -9.19
N GLY A 87 1.80 -0.36 -8.26
CA GLY A 87 0.71 0.59 -8.43
C GLY A 87 -0.72 0.04 -8.58
N GLU A 88 -0.93 -1.28 -8.50
CA GLU A 88 -2.27 -1.87 -8.60
C GLU A 88 -2.89 -2.07 -7.23
N PHE A 89 -4.21 -1.95 -7.19
CA PHE A 89 -5.02 -2.14 -5.99
C PHE A 89 -5.32 -3.62 -5.73
N VAL A 90 -5.15 -3.90 -4.45
CA VAL A 90 -4.43 -5.07 -3.94
C VAL A 90 -4.96 -5.35 -2.55
N GLY A 91 -5.02 -4.32 -1.69
CA GLY A 91 -6.15 -4.19 -0.78
C GLY A 91 -5.93 -3.27 0.42
N GLY A 92 -7.02 -3.04 1.16
CA GLY A 92 -6.98 -2.49 2.51
C GLY A 92 -6.51 -3.50 3.56
N CYS A 93 -6.17 -3.05 4.77
CA CYS A 93 -5.72 -3.92 5.87
C CYS A 93 -6.73 -5.03 6.28
N ASP A 94 -8.00 -4.87 5.95
CA ASP A 94 -9.03 -5.90 6.16
C ASP A 94 -8.89 -7.07 5.18
N ILE A 95 -8.48 -6.76 3.95
CA ILE A 95 -8.24 -7.69 2.83
C ILE A 95 -6.87 -8.36 2.98
N LEU A 96 -5.86 -7.60 3.42
CA LEU A 96 -4.52 -8.12 3.70
C LEU A 96 -4.56 -9.27 4.73
N LEU A 97 -5.50 -9.22 5.68
CA LEU A 97 -5.74 -10.24 6.71
C LEU A 97 -6.36 -11.53 6.18
N GLN A 98 -6.93 -11.49 4.98
CA GLN A 98 -7.35 -12.66 4.22
C GLN A 98 -6.16 -13.17 3.39
N MET A 99 -5.60 -12.29 2.55
CA MET A 99 -4.63 -12.65 1.52
C MET A 99 -3.28 -13.11 2.06
N HIS A 100 -2.84 -12.57 3.21
CA HIS A 100 -1.64 -13.05 3.93
C HIS A 100 -1.74 -14.54 4.23
N GLN A 101 -2.92 -14.88 4.70
CA GLN A 101 -3.22 -16.05 5.48
C GLN A 101 -3.70 -17.20 4.56
N ASN A 102 -4.30 -16.84 3.42
CA ASN A 102 -4.48 -17.68 2.24
C ASN A 102 -3.18 -17.83 1.40
N GLY A 103 -2.30 -16.82 1.35
CA GLY A 103 -0.99 -16.89 0.68
C GLY A 103 -0.98 -16.29 -0.72
N ASP A 104 -2.03 -15.56 -1.09
CA ASP A 104 -2.17 -14.89 -2.39
C ASP A 104 -1.25 -13.67 -2.52
N LEU A 105 -0.67 -13.19 -1.41
CA LEU A 105 0.31 -12.10 -1.44
C LEU A 105 1.66 -12.61 -1.97
N VAL A 106 1.90 -13.90 -1.80
CA VAL A 106 3.18 -14.57 -1.99
C VAL A 106 3.45 -14.77 -3.48
N GLU A 107 2.40 -15.05 -4.24
CA GLU A 107 2.39 -15.04 -5.70
C GLU A 107 2.52 -13.62 -6.24
N GLU A 108 1.74 -12.69 -5.67
CA GLU A 108 1.81 -11.27 -6.02
C GLU A 108 3.22 -10.68 -5.80
N LEU A 109 3.94 -11.13 -4.76
CA LEU A 109 5.35 -10.81 -4.50
C LEU A 109 6.31 -11.49 -5.51
N LYS A 110 6.13 -12.79 -5.83
CA LYS A 110 6.91 -13.50 -6.87
C LYS A 110 6.79 -12.79 -8.23
N LYS A 111 5.62 -12.23 -8.54
CA LYS A 111 5.33 -11.43 -9.73
C LYS A 111 5.92 -10.01 -9.71
N LEU A 112 6.37 -9.51 -8.54
CA LEU A 112 7.29 -8.37 -8.43
C LEU A 112 8.78 -8.78 -8.49
N GLY A 113 9.07 -10.08 -8.44
CA GLY A 113 10.41 -10.65 -8.28
C GLY A 113 10.90 -10.75 -6.83
N ILE A 114 10.02 -10.45 -5.85
CA ILE A 114 10.32 -10.54 -4.42
C ILE A 114 10.06 -11.96 -3.89
N HIS A 115 10.99 -12.42 -3.07
CA HIS A 115 10.93 -13.67 -2.32
C HIS A 115 10.35 -13.45 -0.93
N SER A 116 9.16 -13.98 -0.66
CA SER A 116 8.62 -14.02 0.69
C SER A 116 9.58 -14.77 1.63
N ALA A 117 10.02 -14.14 2.70
CA ALA A 117 10.92 -14.69 3.72
C ALA A 117 10.32 -15.91 4.48
N LEU A 118 9.02 -16.19 4.29
CA LEU A 118 8.30 -17.34 4.80
C LEU A 118 8.45 -18.59 3.91
N LEU A 119 9.03 -18.46 2.71
CA LEU A 119 9.37 -19.56 1.79
C LEU A 119 10.38 -20.57 2.37
N ASP A 120 11.14 -20.15 3.39
CA ASP A 120 12.06 -20.99 4.18
C ASP A 120 11.33 -21.91 5.19
N GLU A 121 10.10 -22.29 4.88
CA GLU A 121 9.26 -23.29 5.57
C GLU A 121 9.82 -24.72 5.42
N GLY A 1 2.57 12.93 -30.05
CA GLY A 1 1.57 13.80 -29.39
C GLY A 1 1.94 14.03 -27.94
N SER A 2 1.57 15.21 -27.41
CA SER A 2 2.01 15.73 -26.09
C SER A 2 1.14 15.33 -24.88
N PHE A 3 0.21 14.36 -25.04
CA PHE A 3 -0.82 14.03 -24.03
C PHE A 3 -0.99 12.52 -23.80
N THR A 4 -1.13 12.12 -22.52
CA THR A 4 -1.70 10.83 -22.10
C THR A 4 -2.55 11.00 -20.82
N MET A 5 -3.52 10.10 -20.62
CA MET A 5 -4.32 9.80 -19.41
C MET A 5 -5.02 10.96 -18.64
N GLY A 6 -4.90 12.21 -19.08
CA GLY A 6 -5.42 13.38 -18.36
C GLY A 6 -4.48 13.90 -17.26
N ALA A 7 -4.84 15.03 -16.65
CA ALA A 7 -4.00 15.77 -15.69
C ALA A 7 -4.82 16.44 -14.57
N GLY A 8 -4.15 17.13 -13.64
CA GLY A 8 -4.74 17.82 -12.51
C GLY A 8 -4.47 17.13 -11.16
N GLY A 9 -4.43 17.92 -10.08
CA GLY A 9 -4.15 17.49 -8.70
C GLY A 9 -5.43 17.25 -7.89
N GLY A 10 -5.48 17.81 -6.67
CA GLY A 10 -6.68 17.82 -5.82
C GLY A 10 -7.18 16.45 -5.33
N GLY A 11 -6.36 15.41 -5.39
CA GLY A 11 -6.76 14.04 -5.09
C GLY A 11 -7.42 13.29 -6.26
N SER A 12 -7.31 13.81 -7.47
CA SER A 12 -7.90 13.24 -8.69
C SER A 12 -7.30 11.89 -9.08
N ALA A 13 -8.11 10.98 -9.60
CA ALA A 13 -7.68 9.60 -9.86
C ALA A 13 -6.53 9.45 -10.86
N GLU A 14 -6.38 10.35 -11.84
CA GLU A 14 -5.19 10.37 -12.72
C GLU A 14 -3.89 10.82 -12.03
N GLN A 15 -3.99 11.53 -10.90
CA GLN A 15 -2.85 11.85 -10.01
C GLN A 15 -2.55 10.69 -9.07
N LEU A 16 -3.58 10.16 -8.39
CA LEU A 16 -3.45 8.99 -7.51
C LEU A 16 -2.91 7.75 -8.22
N ASP A 17 -3.20 7.57 -9.51
CA ASP A 17 -2.62 6.50 -10.34
C ASP A 17 -1.08 6.65 -10.46
N ALA A 18 -0.65 7.89 -10.65
CA ALA A 18 0.76 8.22 -10.78
C ALA A 18 1.45 8.09 -9.41
N LEU A 19 0.73 8.41 -8.34
CA LEU A 19 1.13 8.24 -6.95
C LEU A 19 1.35 6.75 -6.60
N VAL A 20 0.39 5.85 -6.91
CA VAL A 20 0.65 4.41 -6.74
C VAL A 20 1.75 3.89 -7.66
N LYS A 21 2.06 4.58 -8.78
CA LYS A 21 3.22 4.25 -9.61
C LYS A 21 4.58 4.87 -9.24
N LYS A 22 4.71 5.53 -8.10
CA LYS A 22 6.02 5.95 -7.55
C LYS A 22 6.87 4.78 -7.03
N ASP A 23 6.24 3.72 -6.50
CA ASP A 23 6.97 2.54 -6.04
C ASP A 23 6.22 1.24 -6.32
N LYS A 24 6.84 0.11 -5.98
CA LYS A 24 6.22 -1.22 -6.05
C LYS A 24 5.48 -1.66 -4.81
N VAL A 25 5.73 -1.01 -3.67
CA VAL A 25 5.08 -1.31 -2.38
C VAL A 25 4.68 0.03 -1.82
N VAL A 26 3.58 0.55 -2.34
CA VAL A 26 3.12 1.86 -1.92
C VAL A 26 2.08 1.66 -0.83
N VAL A 27 2.43 2.11 0.38
CA VAL A 27 1.66 1.94 1.60
C VAL A 27 1.02 3.26 1.98
N PHE A 28 -0.13 3.19 2.60
CA PHE A 28 -1.09 4.29 2.66
C PHE A 28 -1.79 4.23 4.00
N LEU A 29 -1.53 5.20 4.89
CA LEU A 29 -2.09 5.17 6.22
C LEU A 29 -2.17 6.57 6.82
N LYS A 30 -3.10 6.84 7.76
CA LYS A 30 -3.23 8.17 8.39
C LYS A 30 -2.22 8.34 9.54
N GLY A 31 -0.94 8.35 9.17
CA GLY A 31 0.20 8.25 10.09
C GLY A 31 1.52 7.85 9.41
N THR A 32 2.42 7.23 10.18
CA THR A 32 3.77 6.80 9.81
C THR A 32 4.05 5.39 10.33
N PRO A 33 5.02 4.65 9.74
CA PRO A 33 5.28 3.25 10.09
C PRO A 33 5.78 3.08 11.53
N GLU A 34 6.48 4.06 12.11
CA GLU A 34 7.12 3.93 13.43
C GLU A 34 6.26 4.39 14.63
N GLN A 35 5.15 5.13 14.41
CA GLN A 35 4.29 5.64 15.49
C GLN A 35 2.80 5.29 15.27
N PRO A 36 2.07 4.78 16.30
CA PRO A 36 0.69 4.29 16.18
C PRO A 36 -0.35 5.43 16.13
N GLN A 37 -0.42 6.06 14.97
CA GLN A 37 -1.48 6.95 14.45
C GLN A 37 -2.91 6.60 14.92
N CYS A 38 -3.33 5.38 14.56
CA CYS A 38 -4.65 4.78 14.67
C CYS A 38 -4.44 3.25 14.58
N GLY A 39 -5.51 2.45 14.56
CA GLY A 39 -5.41 0.99 14.47
C GLY A 39 -4.65 0.48 13.22
N PHE A 40 -4.03 -0.70 13.38
CA PHE A 40 -3.41 -1.52 12.34
C PHE A 40 -2.28 -0.90 11.48
N SER A 41 -1.78 0.29 11.82
CA SER A 41 -0.63 0.94 11.17
C SER A 41 0.69 0.16 11.24
N ASN A 42 0.90 -0.63 12.28
CA ASN A 42 2.00 -1.59 12.40
C ASN A 42 1.69 -2.93 11.76
N ALA A 43 0.41 -3.33 11.75
CA ALA A 43 -0.01 -4.62 11.19
C ALA A 43 0.35 -4.76 9.71
N VAL A 44 0.27 -3.67 8.94
CA VAL A 44 0.76 -3.63 7.59
C VAL A 44 2.28 -3.81 7.49
N VAL A 45 3.04 -3.17 8.37
CA VAL A 45 4.51 -3.21 8.40
C VAL A 45 5.04 -4.56 8.92
N GLN A 46 4.36 -5.18 9.89
CA GLN A 46 4.61 -6.56 10.34
C GLN A 46 4.38 -7.55 9.19
N ILE A 47 3.26 -7.48 8.47
CA ILE A 47 3.02 -8.43 7.36
C ILE A 47 4.08 -8.26 6.26
N LEU A 48 4.43 -7.01 5.93
CA LEU A 48 5.54 -6.71 5.02
C LEU A 48 6.88 -7.28 5.52
N ARG A 49 7.34 -6.93 6.73
CA ARG A 49 8.57 -7.45 7.33
C ARG A 49 8.64 -8.98 7.45
N LEU A 50 7.54 -9.65 7.74
CA LEU A 50 7.44 -11.11 7.81
C LEU A 50 7.61 -11.75 6.43
N HIS A 51 7.11 -11.08 5.39
CA HIS A 51 7.42 -11.37 3.99
C HIS A 51 8.81 -10.88 3.55
N GLY A 52 9.63 -10.29 4.43
CA GLY A 52 10.99 -9.82 4.16
C GLY A 52 11.11 -8.32 3.82
N VAL A 53 9.99 -7.63 3.60
CA VAL A 53 9.91 -6.34 2.90
C VAL A 53 9.98 -5.13 3.84
N ARG A 54 10.80 -4.14 3.45
CA ARG A 54 11.02 -2.86 4.10
C ARG A 54 11.05 -1.68 3.13
N ASP A 55 11.26 -1.96 1.85
CA ASP A 55 11.42 -1.00 0.76
C ASP A 55 10.08 -0.45 0.23
N TYR A 56 9.04 -0.40 1.07
CA TYR A 56 7.85 0.39 0.77
C TYR A 56 8.14 1.89 0.85
N ALA A 57 7.28 2.66 0.20
CA ALA A 57 7.05 4.07 0.51
C ALA A 57 5.78 4.16 1.37
N ALA A 58 5.90 4.63 2.61
CA ALA A 58 4.75 4.74 3.51
C ALA A 58 4.17 6.17 3.41
N TYR A 59 3.07 6.36 2.69
CA TYR A 59 2.38 7.64 2.54
C TYR A 59 1.48 7.94 3.73
N ASN A 60 1.82 9.01 4.45
CA ASN A 60 0.97 9.63 5.42
C ASN A 60 -0.13 10.45 4.73
N VAL A 61 -1.36 9.95 4.79
CA VAL A 61 -2.54 10.60 4.17
C VAL A 61 -3.20 11.66 5.07
N LEU A 62 -2.57 12.07 6.17
CA LEU A 62 -2.95 13.28 6.93
C LEU A 62 -2.20 14.52 6.45
N ASP A 63 -1.02 14.33 5.84
CA ASP A 63 -0.05 15.37 5.53
C ASP A 63 -0.56 16.35 4.47
N ASP A 64 -1.17 15.79 3.42
CA ASP A 64 -1.93 16.50 2.41
C ASP A 64 -3.43 16.12 2.49
N PRO A 65 -4.37 17.08 2.60
CA PRO A 65 -5.80 16.78 2.46
C PRO A 65 -6.13 16.23 1.06
N GLU A 66 -5.30 16.58 0.08
CA GLU A 66 -5.31 16.09 -1.29
C GLU A 66 -5.01 14.58 -1.36
N LEU A 67 -4.06 14.10 -0.55
CA LEU A 67 -3.81 12.66 -0.35
C LEU A 67 -4.99 12.02 0.39
N ARG A 68 -5.53 12.69 1.43
CA ARG A 68 -6.63 12.18 2.26
C ARG A 68 -7.88 11.89 1.43
N GLN A 69 -8.38 12.88 0.68
CA GLN A 69 -9.49 12.68 -0.24
C GLN A 69 -9.11 11.76 -1.39
N GLY A 70 -7.90 11.94 -1.90
CA GLY A 70 -7.30 11.07 -2.90
C GLY A 70 -7.52 9.60 -2.58
N ILE A 71 -7.17 9.17 -1.37
CA ILE A 71 -7.24 7.76 -0.98
C ILE A 71 -8.64 7.33 -0.51
N LYS A 72 -9.40 8.23 0.13
CA LYS A 72 -10.80 7.96 0.51
C LYS A 72 -11.70 7.69 -0.70
N ASP A 73 -11.43 8.35 -1.82
CA ASP A 73 -12.12 8.09 -3.08
C ASP A 73 -11.52 6.89 -3.83
N TYR A 74 -10.19 6.81 -3.96
CA TYR A 74 -9.53 5.77 -4.78
C TYR A 74 -9.63 4.37 -4.17
N SER A 75 -9.61 4.24 -2.83
CA SER A 75 -9.96 3.00 -2.13
C SER A 75 -11.47 2.83 -1.89
N ASN A 76 -12.26 3.85 -2.22
CA ASN A 76 -13.71 3.93 -1.97
C ASN A 76 -14.14 3.80 -0.48
N TRP A 77 -13.24 4.03 0.50
CA TRP A 77 -13.49 3.84 1.94
C TRP A 77 -13.27 5.11 2.78
N PRO A 78 -14.00 5.30 3.91
CA PRO A 78 -13.83 6.47 4.79
C PRO A 78 -12.47 6.55 5.49
N THR A 79 -11.88 5.41 5.89
CA THR A 79 -10.52 5.27 6.44
C THR A 79 -10.12 3.79 6.48
N ILE A 80 -8.91 3.48 6.01
CA ILE A 80 -8.20 2.19 6.17
C ILE A 80 -6.70 2.47 6.45
N PRO A 81 -5.85 1.45 6.62
CA PRO A 81 -4.58 1.39 5.88
C PRO A 81 -4.72 0.57 4.61
N GLN A 82 -4.06 0.97 3.51
CA GLN A 82 -4.04 0.24 2.26
C GLN A 82 -2.61 -0.09 1.83
N VAL A 83 -2.44 -1.08 0.95
CA VAL A 83 -1.21 -1.23 0.17
C VAL A 83 -1.56 -1.52 -1.29
N TYR A 84 -0.87 -0.82 -2.19
CA TYR A 84 -0.95 -1.01 -3.64
C TYR A 84 0.39 -1.58 -4.11
N LEU A 85 0.35 -2.71 -4.81
CA LEU A 85 1.54 -3.34 -5.40
C LEU A 85 1.58 -3.09 -6.90
N ASN A 86 2.74 -2.68 -7.43
CA ASN A 86 2.89 -2.41 -8.88
C ASN A 86 1.82 -1.42 -9.42
N GLY A 87 1.47 -0.43 -8.61
CA GLY A 87 0.41 0.54 -8.88
C GLY A 87 -1.04 0.06 -8.86
N GLU A 88 -1.38 -1.08 -8.26
CA GLU A 88 -2.74 -1.65 -8.27
C GLU A 88 -3.19 -2.17 -6.90
N PHE A 89 -4.50 -2.10 -6.66
CA PHE A 89 -5.13 -2.37 -5.37
C PHE A 89 -5.35 -3.86 -5.12
N VAL A 90 -5.09 -4.19 -3.87
CA VAL A 90 -4.33 -5.35 -3.44
C VAL A 90 -4.73 -5.69 -2.01
N GLY A 91 -4.86 -4.66 -1.15
CA GLY A 91 -5.90 -4.70 -0.13
C GLY A 91 -5.82 -3.62 0.96
N GLY A 92 -6.88 -3.54 1.77
CA GLY A 92 -6.89 -2.84 3.05
C GLY A 92 -6.48 -3.75 4.22
N CYS A 93 -6.24 -3.18 5.41
CA CYS A 93 -5.65 -3.94 6.52
C CYS A 93 -6.51 -5.07 7.14
N ASP A 94 -7.83 -5.07 6.94
CA ASP A 94 -8.67 -6.24 7.29
C ASP A 94 -8.50 -7.39 6.28
N ILE A 95 -8.35 -7.07 4.99
CA ILE A 95 -8.18 -8.03 3.89
C ILE A 95 -6.78 -8.61 3.88
N LEU A 96 -5.77 -7.77 4.10
CA LEU A 96 -4.36 -8.15 4.19
C LEU A 96 -4.14 -9.26 5.23
N LEU A 97 -4.90 -9.25 6.33
CA LEU A 97 -4.86 -10.26 7.40
C LEU A 97 -5.39 -11.62 6.92
N GLN A 98 -6.30 -11.64 5.96
CA GLN A 98 -6.80 -12.87 5.33
C GLN A 98 -5.78 -13.44 4.34
N MET A 99 -5.31 -12.58 3.43
CA MET A 99 -4.48 -12.94 2.30
C MET A 99 -3.05 -13.35 2.67
N HIS A 100 -2.55 -12.80 3.78
CA HIS A 100 -1.25 -13.22 4.37
C HIS A 100 -1.19 -14.72 4.57
N GLN A 101 -2.26 -15.19 5.21
CA GLN A 101 -2.28 -16.44 5.95
C GLN A 101 -2.76 -17.59 5.06
N ASN A 102 -3.57 -17.28 4.04
CA ASN A 102 -3.82 -18.14 2.87
C ASN A 102 -2.65 -18.10 1.86
N GLY A 103 -1.94 -16.98 1.71
CA GLY A 103 -0.75 -16.83 0.86
C GLY A 103 -1.03 -16.24 -0.52
N ASP A 104 -2.17 -15.57 -0.73
CA ASP A 104 -2.45 -14.84 -1.97
C ASP A 104 -1.59 -13.56 -2.10
N LEU A 105 -0.87 -13.13 -1.04
CA LEU A 105 0.07 -12.01 -1.15
C LEU A 105 1.36 -12.46 -1.85
N VAL A 106 1.66 -13.74 -1.75
CA VAL A 106 2.91 -14.35 -2.16
C VAL A 106 2.94 -14.52 -3.68
N GLU A 107 1.81 -14.94 -4.26
CA GLU A 107 1.60 -14.96 -5.71
C GLU A 107 1.60 -13.53 -6.29
N GLU A 108 1.14 -12.55 -5.50
CA GLU A 108 1.10 -11.13 -5.85
C GLU A 108 2.48 -10.46 -5.83
N LEU A 109 3.37 -10.91 -4.92
CA LEU A 109 4.79 -10.54 -4.83
C LEU A 109 5.64 -11.21 -5.93
N LYS A 110 5.34 -12.46 -6.29
CA LYS A 110 6.07 -13.19 -7.34
C LYS A 110 5.96 -12.56 -8.74
N LYS A 111 4.92 -11.77 -9.03
CA LYS A 111 4.85 -10.90 -10.23
C LYS A 111 5.96 -9.86 -10.31
N LEU A 112 6.50 -9.41 -9.17
CA LEU A 112 7.62 -8.48 -9.07
C LEU A 112 8.97 -9.21 -8.95
N GLY A 113 8.97 -10.54 -8.78
CA GLY A 113 10.14 -11.36 -8.45
C GLY A 113 10.54 -11.35 -6.97
N ILE A 114 9.78 -10.69 -6.09
CA ILE A 114 10.16 -10.57 -4.67
C ILE A 114 10.05 -11.92 -3.95
N HIS A 115 11.09 -12.26 -3.21
CA HIS A 115 11.11 -13.33 -2.22
C HIS A 115 10.28 -12.97 -1.00
N SER A 116 9.08 -13.56 -0.85
CA SER A 116 8.48 -13.72 0.46
C SER A 116 9.42 -14.56 1.33
N ALA A 117 9.95 -14.02 2.41
CA ALA A 117 10.85 -14.72 3.32
C ALA A 117 10.27 -16.08 3.83
N LEU A 118 8.95 -16.21 3.87
CA LEU A 118 8.18 -17.40 4.21
C LEU A 118 8.34 -18.57 3.21
N LEU A 119 8.93 -18.32 2.03
CA LEU A 119 9.33 -19.31 1.03
C LEU A 119 10.27 -20.38 1.63
N ASP A 120 11.24 -19.93 2.42
CA ASP A 120 12.38 -20.73 2.91
C ASP A 120 12.29 -21.04 4.42
N GLU A 121 11.07 -20.97 4.95
CA GLU A 121 10.69 -21.43 6.29
C GLU A 121 10.35 -22.92 6.27
N GLY A 1 -5.55 -6.50 -13.48
CA GLY A 1 -4.11 -6.29 -13.72
C GLY A 1 -3.83 -4.86 -14.14
N SER A 2 -2.89 -4.17 -13.50
CA SER A 2 -2.51 -2.78 -13.84
C SER A 2 -1.71 -2.68 -15.15
N PHE A 3 -1.64 -1.47 -15.73
CA PHE A 3 -0.65 -1.12 -16.76
C PHE A 3 0.44 -0.23 -16.15
N THR A 4 1.67 -0.32 -16.65
CA THR A 4 2.83 0.39 -16.08
C THR A 4 2.80 1.90 -16.30
N MET A 5 3.47 2.62 -15.41
CA MET A 5 3.57 4.10 -15.35
C MET A 5 2.22 4.85 -15.20
N GLY A 6 2.30 6.15 -14.90
CA GLY A 6 1.14 7.04 -14.78
C GLY A 6 1.53 8.50 -14.51
N ALA A 7 0.77 9.45 -15.08
CA ALA A 7 0.99 10.88 -14.92
C ALA A 7 -0.32 11.69 -15.03
N GLY A 8 -0.45 12.74 -14.22
CA GLY A 8 -1.59 13.66 -14.20
C GLY A 8 -1.33 14.94 -13.42
N GLY A 9 -2.36 15.77 -13.27
CA GLY A 9 -2.33 16.98 -12.43
C GLY A 9 -2.27 16.68 -10.93
N GLY A 10 -2.47 17.69 -10.09
CA GLY A 10 -2.35 17.61 -8.62
C GLY A 10 -3.44 16.82 -7.88
N GLY A 11 -4.26 16.04 -8.59
CA GLY A 11 -5.46 15.37 -8.09
C GLY A 11 -6.17 14.60 -9.21
N SER A 12 -7.40 14.16 -8.95
CA SER A 12 -8.15 13.17 -9.74
C SER A 12 -7.44 11.80 -9.82
N ALA A 13 -8.14 10.81 -10.37
CA ALA A 13 -7.69 9.42 -10.47
C ALA A 13 -6.31 9.27 -11.16
N GLU A 14 -6.03 10.09 -12.17
CA GLU A 14 -4.74 10.12 -12.87
C GLU A 14 -3.54 10.50 -11.98
N GLN A 15 -3.77 11.22 -10.87
CA GLN A 15 -2.76 11.55 -9.87
C GLN A 15 -2.54 10.37 -8.92
N LEU A 16 -3.61 9.85 -8.32
CA LEU A 16 -3.56 8.72 -7.40
C LEU A 16 -2.97 7.46 -8.06
N ASP A 17 -3.23 7.26 -9.35
CA ASP A 17 -2.58 6.23 -10.18
C ASP A 17 -1.04 6.43 -10.24
N ALA A 18 -0.65 7.69 -10.44
CA ALA A 18 0.75 8.08 -10.57
C ALA A 18 1.47 7.95 -9.22
N LEU A 19 0.71 8.16 -8.14
CA LEU A 19 1.10 8.00 -6.75
C LEU A 19 1.33 6.51 -6.39
N VAL A 20 0.41 5.60 -6.74
CA VAL A 20 0.65 4.16 -6.58
C VAL A 20 1.72 3.61 -7.53
N LYS A 21 2.08 4.35 -8.58
CA LYS A 21 3.19 3.98 -9.47
C LYS A 21 4.60 4.42 -9.08
N LYS A 22 4.72 5.32 -8.11
CA LYS A 22 5.97 5.92 -7.61
C LYS A 22 6.91 4.92 -6.95
N ASP A 23 6.35 3.84 -6.43
CA ASP A 23 7.07 2.62 -6.07
C ASP A 23 6.29 1.40 -6.53
N LYS A 24 6.84 0.22 -6.25
CA LYS A 24 6.14 -1.07 -6.43
C LYS A 24 5.41 -1.55 -5.20
N VAL A 25 5.63 -0.89 -4.07
CA VAL A 25 5.05 -1.17 -2.76
C VAL A 25 4.70 0.18 -2.16
N VAL A 26 3.49 0.61 -2.46
CA VAL A 26 3.03 1.93 -2.03
C VAL A 26 1.92 1.75 -1.00
N VAL A 27 2.19 2.23 0.21
CA VAL A 27 1.40 1.99 1.43
C VAL A 27 0.79 3.28 1.90
N PHE A 28 -0.37 3.21 2.53
CA PHE A 28 -1.29 4.34 2.59
C PHE A 28 -2.03 4.34 3.93
N LEU A 29 -1.63 5.21 4.85
CA LEU A 29 -2.15 5.18 6.21
C LEU A 29 -2.20 6.58 6.84
N LYS A 30 -3.01 6.77 7.88
CA LYS A 30 -3.11 8.03 8.63
C LYS A 30 -2.01 8.10 9.70
N GLY A 31 -0.75 8.07 9.26
CA GLY A 31 0.37 7.70 10.13
C GLY A 31 1.67 7.30 9.42
N THR A 32 2.60 6.75 10.21
CA THR A 32 3.94 6.29 9.80
C THR A 32 4.22 4.86 10.32
N PRO A 33 5.14 4.11 9.69
CA PRO A 33 5.43 2.72 10.09
C PRO A 33 6.09 2.59 11.47
N GLU A 34 6.75 3.63 11.96
CA GLU A 34 7.52 3.64 13.22
C GLU A 34 6.70 4.01 14.47
N GLN A 35 5.66 4.84 14.34
CA GLN A 35 4.76 5.24 15.43
C GLN A 35 3.32 4.76 15.17
N PRO A 36 2.64 4.04 16.09
CA PRO A 36 1.27 3.58 15.91
C PRO A 36 0.26 4.74 16.00
N GLN A 37 0.00 5.35 14.84
CA GLN A 37 -1.07 6.33 14.57
C GLN A 37 -2.35 6.08 15.38
N CYS A 38 -2.98 4.94 15.11
CA CYS A 38 -4.07 4.34 15.86
C CYS A 38 -3.84 2.82 15.85
N GLY A 39 -4.89 2.01 15.64
CA GLY A 39 -4.73 0.66 15.11
C GLY A 39 -4.22 0.62 13.67
N PHE A 40 -4.29 -0.59 13.10
CA PHE A 40 -4.27 -0.95 11.68
C PHE A 40 -2.98 -0.73 10.90
N SER A 41 -2.28 0.38 11.10
CA SER A 41 -1.07 0.73 10.36
C SER A 41 0.12 -0.15 10.69
N ASN A 42 0.27 -0.53 11.96
CA ASN A 42 1.23 -1.52 12.37
C ASN A 42 0.93 -2.91 11.80
N ALA A 43 -0.35 -3.29 11.71
CA ALA A 43 -0.75 -4.63 11.27
C ALA A 43 -0.36 -4.91 9.81
N VAL A 44 -0.43 -3.91 8.93
CA VAL A 44 0.04 -4.00 7.57
C VAL A 44 1.57 -3.96 7.46
N VAL A 45 2.23 -3.19 8.33
CA VAL A 45 3.67 -3.00 8.35
C VAL A 45 4.41 -4.22 8.91
N GLN A 46 3.86 -4.88 9.93
CA GLN A 46 4.34 -6.18 10.38
C GLN A 46 4.24 -7.21 9.25
N ILE A 47 3.11 -7.29 8.52
CA ILE A 47 2.98 -8.26 7.42
C ILE A 47 4.03 -8.02 6.33
N LEU A 48 4.26 -6.76 5.94
CA LEU A 48 5.28 -6.39 4.98
C LEU A 48 6.70 -6.78 5.45
N ARG A 49 7.12 -6.39 6.66
CA ARG A 49 8.43 -6.73 7.21
C ARG A 49 8.65 -8.24 7.38
N LEU A 50 7.63 -8.99 7.79
CA LEU A 50 7.68 -10.45 7.93
C LEU A 50 7.89 -11.14 6.58
N HIS A 51 7.32 -10.58 5.51
CA HIS A 51 7.58 -10.97 4.13
C HIS A 51 8.93 -10.46 3.57
N GLY A 52 9.74 -9.75 4.36
CA GLY A 52 11.05 -9.25 3.92
C GLY A 52 11.01 -7.88 3.20
N VAL A 53 9.84 -7.24 3.15
CA VAL A 53 9.59 -6.03 2.37
C VAL A 53 9.52 -4.80 3.28
N ARG A 54 10.50 -3.91 3.12
CA ARG A 54 10.83 -2.79 4.01
C ARG A 54 10.91 -1.47 3.25
N ASP A 55 11.27 -1.57 1.98
CA ASP A 55 11.34 -0.53 0.96
C ASP A 55 9.98 -0.25 0.29
N TYR A 56 8.85 -0.39 1.00
CA TYR A 56 7.69 0.38 0.60
C TYR A 56 7.98 1.87 0.83
N ALA A 57 7.20 2.70 0.16
CA ALA A 57 7.02 4.10 0.51
C ALA A 57 5.69 4.17 1.27
N ALA A 58 5.76 4.49 2.57
CA ALA A 58 4.54 4.63 3.37
C ALA A 58 4.07 6.09 3.27
N TYR A 59 2.90 6.34 2.69
CA TYR A 59 2.26 7.65 2.57
C TYR A 59 1.38 7.96 3.76
N ASN A 60 1.77 8.99 4.50
CA ASN A 60 1.00 9.57 5.57
C ASN A 60 -0.03 10.58 5.03
N VAL A 61 -1.30 10.19 5.09
CA VAL A 61 -2.42 11.05 4.64
C VAL A 61 -2.87 12.11 5.66
N LEU A 62 -2.34 12.11 6.89
CA LEU A 62 -2.64 13.16 7.89
C LEU A 62 -2.08 14.53 7.46
N ASP A 63 -0.89 14.53 6.86
CA ASP A 63 -0.13 15.75 6.53
C ASP A 63 -0.74 16.50 5.34
N ASP A 64 -1.32 15.75 4.41
CA ASP A 64 -1.81 16.21 3.10
C ASP A 64 -3.31 15.93 2.91
N PRO A 65 -4.20 16.94 2.97
CA PRO A 65 -5.63 16.73 2.72
C PRO A 65 -5.95 16.30 1.28
N GLU A 66 -5.05 16.58 0.34
CA GLU A 66 -5.07 16.04 -1.00
C GLU A 66 -4.95 14.50 -1.04
N LEU A 67 -4.00 13.95 -0.28
CA LEU A 67 -3.84 12.50 -0.14
C LEU A 67 -5.05 11.91 0.61
N ARG A 68 -5.53 12.61 1.65
CA ARG A 68 -6.69 12.22 2.47
C ARG A 68 -7.93 12.00 1.62
N GLN A 69 -8.34 13.00 0.85
CA GLN A 69 -9.52 12.88 -0.03
C GLN A 69 -9.27 11.96 -1.20
N GLY A 70 -8.05 12.06 -1.77
CA GLY A 70 -7.62 11.21 -2.86
C GLY A 70 -7.78 9.72 -2.53
N ILE A 71 -7.40 9.30 -1.32
CA ILE A 71 -7.42 7.89 -0.94
C ILE A 71 -8.77 7.45 -0.36
N LYS A 72 -9.47 8.33 0.39
CA LYS A 72 -10.86 8.09 0.80
C LYS A 72 -11.77 7.85 -0.41
N ASP A 73 -11.50 8.50 -1.54
CA ASP A 73 -12.17 8.21 -2.80
C ASP A 73 -11.61 6.96 -3.52
N TYR A 74 -10.33 6.96 -3.89
CA TYR A 74 -9.70 5.93 -4.74
C TYR A 74 -9.69 4.53 -4.11
N SER A 75 -9.51 4.42 -2.80
CA SER A 75 -9.59 3.17 -2.02
C SER A 75 -10.95 2.95 -1.34
N ASN A 76 -11.93 3.81 -1.66
CA ASN A 76 -13.36 3.70 -1.32
C ASN A 76 -13.72 3.54 0.17
N TRP A 77 -12.83 3.89 1.11
CA TRP A 77 -13.11 3.86 2.57
C TRP A 77 -12.79 5.18 3.28
N PRO A 78 -13.66 5.63 4.20
CA PRO A 78 -13.36 6.79 5.04
C PRO A 78 -12.20 6.53 6.02
N THR A 79 -11.91 5.28 6.44
CA THR A 79 -10.96 5.05 7.57
C THR A 79 -9.89 3.96 7.45
N ILE A 80 -10.03 3.07 6.47
CA ILE A 80 -9.12 1.93 6.29
C ILE A 80 -7.79 2.38 5.65
N PRO A 81 -6.63 1.86 6.11
CA PRO A 81 -5.35 1.97 5.42
C PRO A 81 -5.08 0.74 4.53
N GLN A 82 -4.32 0.91 3.44
CA GLN A 82 -4.19 -0.08 2.36
C GLN A 82 -2.77 -0.13 1.74
N VAL A 83 -2.53 -1.08 0.83
CA VAL A 83 -1.31 -1.18 0.05
C VAL A 83 -1.62 -1.54 -1.40
N TYR A 84 -0.89 -0.92 -2.31
CA TYR A 84 -0.90 -1.20 -3.74
C TYR A 84 0.43 -1.81 -4.17
N LEU A 85 0.37 -2.92 -4.93
CA LEU A 85 1.55 -3.57 -5.50
C LEU A 85 1.55 -3.43 -7.02
N ASN A 86 2.66 -2.90 -7.55
CA ASN A 86 2.81 -2.57 -8.97
C ASN A 86 1.71 -1.61 -9.49
N GLY A 87 1.26 -0.69 -8.62
CA GLY A 87 0.07 0.15 -8.78
C GLY A 87 -1.31 -0.52 -8.65
N GLU A 88 -1.44 -1.85 -8.47
CA GLU A 88 -2.74 -2.52 -8.36
C GLU A 88 -3.20 -2.69 -6.92
N PHE A 89 -4.50 -2.56 -6.71
CA PHE A 89 -5.18 -2.73 -5.44
C PHE A 89 -5.31 -4.20 -5.05
N VAL A 90 -5.01 -4.40 -3.78
CA VAL A 90 -4.25 -5.55 -3.31
C VAL A 90 -4.56 -5.79 -1.84
N GLY A 91 -4.78 -4.70 -1.09
CA GLY A 91 -5.97 -4.62 -0.25
C GLY A 91 -5.86 -3.64 0.92
N GLY A 92 -7.00 -3.39 1.57
CA GLY A 92 -7.03 -2.74 2.88
C GLY A 92 -6.67 -3.69 4.02
N CYS A 93 -6.45 -3.15 5.22
CA CYS A 93 -5.95 -3.90 6.38
C CYS A 93 -6.85 -5.07 6.84
N ASP A 94 -8.16 -5.02 6.62
CA ASP A 94 -9.05 -6.16 6.88
C ASP A 94 -8.82 -7.29 5.84
N ILE A 95 -8.53 -6.94 4.59
CA ILE A 95 -8.27 -7.87 3.47
C ILE A 95 -6.88 -8.47 3.54
N LEU A 96 -5.88 -7.65 3.85
CA LEU A 96 -4.49 -8.10 4.02
C LEU A 96 -4.38 -9.19 5.11
N LEU A 97 -5.24 -9.13 6.13
CA LEU A 97 -5.33 -10.13 7.21
C LEU A 97 -5.90 -11.48 6.75
N GLN A 98 -6.60 -11.50 5.60
CA GLN A 98 -6.99 -12.72 4.92
C GLN A 98 -5.83 -13.22 4.03
N MET A 99 -5.34 -12.33 3.17
CA MET A 99 -4.43 -12.67 2.07
C MET A 99 -3.03 -13.04 2.52
N HIS A 100 -2.58 -12.52 3.66
CA HIS A 100 -1.33 -12.94 4.32
C HIS A 100 -1.29 -14.46 4.53
N GLN A 101 -2.41 -14.93 5.05
CA GLN A 101 -2.51 -16.15 5.80
C GLN A 101 -2.88 -17.32 4.87
N ASN A 102 -3.70 -17.02 3.85
CA ASN A 102 -3.92 -17.85 2.66
C ASN A 102 -2.76 -17.74 1.64
N GLY A 103 -1.97 -16.66 1.68
CA GLY A 103 -0.70 -16.58 0.95
C GLY A 103 -0.83 -15.92 -0.43
N ASP A 104 -1.98 -15.32 -0.73
CA ASP A 104 -2.19 -14.61 -2.00
C ASP A 104 -1.26 -13.38 -2.13
N LEU A 105 -0.61 -12.95 -1.04
CA LEU A 105 0.36 -11.84 -1.14
C LEU A 105 1.65 -12.34 -1.76
N VAL A 106 1.96 -13.61 -1.50
CA VAL A 106 3.17 -14.33 -1.89
C VAL A 106 3.14 -14.63 -3.39
N GLU A 107 1.96 -14.95 -3.91
CA GLU A 107 1.69 -15.14 -5.34
C GLU A 107 1.94 -13.83 -6.10
N GLU A 108 1.48 -12.71 -5.54
CA GLU A 108 1.71 -11.34 -6.04
C GLU A 108 3.20 -10.97 -6.02
N LEU A 109 3.89 -11.24 -4.90
CA LEU A 109 5.33 -11.01 -4.79
C LEU A 109 6.11 -11.86 -5.80
N LYS A 110 5.70 -13.11 -6.07
CA LYS A 110 6.28 -13.96 -7.14
C LYS A 110 6.04 -13.35 -8.54
N LYS A 111 4.90 -12.70 -8.84
CA LYS A 111 4.66 -11.92 -10.08
C LYS A 111 5.48 -10.63 -10.20
N LEU A 112 5.95 -10.07 -9.08
CA LEU A 112 6.94 -8.99 -9.04
C LEU A 112 8.39 -9.50 -9.08
N GLY A 113 8.61 -10.82 -9.01
CA GLY A 113 9.93 -11.46 -8.85
C GLY A 113 10.56 -11.32 -7.46
N ILE A 114 9.82 -10.74 -6.50
CA ILE A 114 10.22 -10.57 -5.11
C ILE A 114 10.19 -11.91 -4.35
N HIS A 115 11.16 -12.07 -3.47
CA HIS A 115 11.20 -13.08 -2.42
C HIS A 115 10.40 -12.63 -1.19
N SER A 116 9.25 -13.25 -0.93
CA SER A 116 8.72 -13.36 0.42
C SER A 116 9.75 -14.09 1.30
N ALA A 117 10.23 -13.47 2.38
CA ALA A 117 11.17 -14.09 3.31
C ALA A 117 10.68 -15.44 3.89
N LEU A 118 9.35 -15.65 3.93
CA LEU A 118 8.68 -16.87 4.36
C LEU A 118 8.84 -18.04 3.36
N LEU A 119 9.44 -17.81 2.19
CA LEU A 119 9.94 -18.83 1.27
C LEU A 119 10.92 -19.82 1.94
N ASP A 120 11.62 -19.38 2.99
CA ASP A 120 12.68 -20.14 3.68
C ASP A 120 12.25 -20.86 4.96
N GLU A 121 10.94 -21.12 5.08
CA GLU A 121 10.31 -21.93 6.13
C GLU A 121 10.24 -23.41 5.75
N GLY A 1 12.52 6.13 -15.53
CA GLY A 1 11.74 5.02 -16.10
C GLY A 1 10.83 4.44 -15.04
N SER A 2 11.03 3.17 -14.66
CA SER A 2 10.23 2.55 -13.60
C SER A 2 10.43 3.26 -12.25
N PHE A 3 9.31 3.56 -11.58
CA PHE A 3 9.24 4.13 -10.24
C PHE A 3 9.95 5.49 -10.06
N THR A 4 10.18 6.22 -11.16
CA THR A 4 11.01 7.44 -11.22
C THR A 4 10.47 8.48 -12.20
N MET A 5 10.72 9.75 -11.88
CA MET A 5 10.24 10.97 -12.58
C MET A 5 8.70 11.09 -12.73
N GLY A 6 8.24 12.26 -13.20
CA GLY A 6 6.85 12.51 -13.59
C GLY A 6 5.86 12.41 -12.42
N ALA A 7 4.93 11.47 -12.53
CA ALA A 7 3.93 11.11 -11.52
C ALA A 7 2.92 12.22 -11.14
N GLY A 8 2.59 13.10 -12.08
CA GLY A 8 1.67 14.22 -11.91
C GLY A 8 0.18 13.92 -12.17
N GLY A 9 -0.61 14.98 -12.22
CA GLY A 9 -2.05 14.97 -12.52
C GLY A 9 -2.89 15.96 -11.72
N GLY A 10 -2.38 16.40 -10.57
CA GLY A 10 -2.97 17.42 -9.68
C GLY A 10 -4.17 16.95 -8.84
N GLY A 11 -4.89 15.92 -9.28
CA GLY A 11 -6.05 15.32 -8.63
C GLY A 11 -6.72 14.25 -9.52
N SER A 12 -7.80 13.66 -9.02
CA SER A 12 -8.53 12.51 -9.58
C SER A 12 -7.70 11.21 -9.64
N ALA A 13 -8.39 10.11 -9.94
CA ALA A 13 -7.87 8.75 -10.01
C ALA A 13 -6.65 8.56 -10.92
N GLU A 14 -6.48 9.36 -11.98
CA GLU A 14 -5.28 9.35 -12.81
C GLU A 14 -4.03 9.91 -12.10
N GLN A 15 -4.18 10.84 -11.15
CA GLN A 15 -3.10 11.28 -10.25
C GLN A 15 -2.81 10.21 -9.20
N LEU A 16 -3.83 9.74 -8.48
CA LEU A 16 -3.71 8.70 -7.45
C LEU A 16 -3.12 7.39 -7.98
N ASP A 17 -3.40 7.05 -9.24
CA ASP A 17 -2.79 5.93 -9.96
C ASP A 17 -1.29 6.15 -10.20
N ALA A 18 -0.92 7.36 -10.59
CA ALA A 18 0.48 7.74 -10.75
C ALA A 18 1.21 7.74 -9.39
N LEU A 19 0.46 8.02 -8.32
CA LEU A 19 0.89 8.03 -6.92
C LEU A 19 1.22 6.62 -6.40
N VAL A 20 0.37 5.62 -6.67
CA VAL A 20 0.73 4.22 -6.42
C VAL A 20 1.85 3.73 -7.32
N LYS A 21 2.00 4.25 -8.55
CA LYS A 21 3.08 3.86 -9.46
C LYS A 21 4.46 4.48 -9.22
N LYS A 22 4.59 5.30 -8.17
CA LYS A 22 5.85 5.84 -7.62
C LYS A 22 6.74 4.76 -6.97
N ASP A 23 6.19 3.60 -6.64
CA ASP A 23 6.98 2.44 -6.18
C ASP A 23 6.29 1.11 -6.54
N LYS A 24 6.94 0.00 -6.21
CA LYS A 24 6.31 -1.32 -6.21
C LYS A 24 5.55 -1.63 -4.94
N VAL A 25 5.93 -1.00 -3.83
CA VAL A 25 5.27 -1.12 -2.53
C VAL A 25 5.01 0.30 -2.04
N VAL A 26 3.75 0.62 -1.94
CA VAL A 26 3.27 1.94 -1.52
C VAL A 26 2.17 1.72 -0.50
N VAL A 27 2.41 2.24 0.70
CA VAL A 27 1.64 1.96 1.91
C VAL A 27 0.99 3.24 2.36
N PHE A 28 -0.21 3.16 2.88
CA PHE A 28 -1.13 4.30 2.87
C PHE A 28 -1.87 4.33 4.18
N LEU A 29 -1.50 5.25 5.08
CA LEU A 29 -2.08 5.24 6.41
C LEU A 29 -2.36 6.65 6.96
N LYS A 30 -3.38 6.69 7.84
CA LYS A 30 -3.75 7.84 8.67
C LYS A 30 -2.82 7.91 9.90
N GLY A 31 -1.53 8.08 9.63
CA GLY A 31 -0.34 7.91 10.47
C GLY A 31 0.95 7.53 9.70
N THR A 32 1.87 6.84 10.40
CA THR A 32 3.22 6.42 9.93
C THR A 32 3.54 4.97 10.36
N PRO A 33 4.53 4.32 9.71
CA PRO A 33 4.88 2.92 9.95
C PRO A 33 5.29 2.62 11.41
N GLU A 34 5.91 3.58 12.10
CA GLU A 34 6.47 3.36 13.45
C GLU A 34 5.56 3.83 14.62
N GLN A 35 4.72 4.85 14.43
CA GLN A 35 3.85 5.39 15.49
C GLN A 35 2.42 4.83 15.41
N PRO A 36 1.80 4.43 16.55
CA PRO A 36 0.42 3.93 16.61
C PRO A 36 -0.60 5.08 16.54
N GLN A 37 -0.58 5.78 15.42
CA GLN A 37 -1.57 6.73 14.91
C GLN A 37 -3.03 6.41 15.28
N CYS A 38 -3.44 5.16 15.00
CA CYS A 38 -4.71 4.52 15.29
C CYS A 38 -4.43 2.99 15.37
N GLY A 39 -5.40 2.12 15.08
CA GLY A 39 -5.16 0.67 14.91
C GLY A 39 -4.36 0.31 13.64
N PHE A 40 -3.84 -0.91 13.60
CA PHE A 40 -3.24 -1.59 12.43
C PHE A 40 -2.14 -0.88 11.61
N SER A 41 -1.46 0.11 12.18
CA SER A 41 -0.46 0.91 11.48
C SER A 41 0.94 0.28 11.43
N ASN A 42 1.31 -0.52 12.43
CA ASN A 42 2.46 -1.42 12.37
C ASN A 42 2.09 -2.76 11.74
N ALA A 43 0.82 -3.17 11.82
CA ALA A 43 0.35 -4.48 11.34
C ALA A 43 0.63 -4.70 9.86
N VAL A 44 0.58 -3.63 9.07
CA VAL A 44 0.99 -3.63 7.69
C VAL A 44 2.50 -3.83 7.50
N VAL A 45 3.30 -3.16 8.33
CA VAL A 45 4.78 -3.22 8.33
C VAL A 45 5.30 -4.55 8.87
N GLN A 46 4.61 -5.15 9.85
CA GLN A 46 4.81 -6.52 10.31
C GLN A 46 4.66 -7.48 9.14
N ILE A 47 3.51 -7.47 8.45
CA ILE A 47 3.27 -8.43 7.36
C ILE A 47 4.29 -8.25 6.24
N LEU A 48 4.61 -7.00 5.88
CA LEU A 48 5.66 -6.68 4.91
C LEU A 48 7.05 -7.19 5.35
N ARG A 49 7.57 -6.78 6.51
CA ARG A 49 8.88 -7.20 7.01
C ARG A 49 9.03 -8.71 7.25
N LEU A 50 7.96 -9.40 7.65
CA LEU A 50 7.92 -10.86 7.79
C LEU A 50 8.10 -11.56 6.42
N HIS A 51 7.50 -10.98 5.37
CA HIS A 51 7.72 -11.36 3.98
C HIS A 51 9.07 -10.89 3.42
N GLY A 52 9.87 -10.11 4.17
CA GLY A 52 11.18 -9.63 3.72
C GLY A 52 11.16 -8.25 3.04
N VAL A 53 10.06 -7.50 3.15
CA VAL A 53 9.82 -6.21 2.46
C VAL A 53 9.87 -5.04 3.44
N ARG A 54 10.65 -4.01 3.11
CA ARG A 54 11.04 -2.91 4.00
C ARG A 54 11.08 -1.55 3.29
N ASP A 55 10.92 -1.64 1.99
CA ASP A 55 11.28 -0.72 0.93
C ASP A 55 10.04 -0.12 0.26
N TYR A 56 8.94 -0.08 1.01
CA TYR A 56 7.74 0.66 0.65
C TYR A 56 7.97 2.17 0.72
N ALA A 57 7.05 2.94 0.14
CA ALA A 57 6.87 4.34 0.49
C ALA A 57 5.62 4.42 1.36
N ALA A 58 5.77 4.69 2.66
CA ALA A 58 4.62 4.80 3.56
C ALA A 58 4.09 6.25 3.50
N TYR A 59 2.97 6.48 2.84
CA TYR A 59 2.23 7.74 2.78
C TYR A 59 1.51 8.04 4.09
N ASN A 60 1.98 9.11 4.73
CA ASN A 60 1.29 9.86 5.74
C ASN A 60 0.19 10.69 5.06
N VAL A 61 -1.03 10.13 4.90
CA VAL A 61 -2.09 10.85 4.14
C VAL A 61 -2.61 12.10 4.87
N LEU A 62 -2.54 12.06 6.19
CA LEU A 62 -2.86 13.06 7.21
C LEU A 62 -2.06 14.38 7.11
N ASP A 63 -0.88 14.39 6.47
CA ASP A 63 -0.13 15.63 6.23
C ASP A 63 -0.61 16.43 5.01
N ASP A 64 -1.26 15.73 4.08
CA ASP A 64 -1.58 16.22 2.75
C ASP A 64 -3.10 16.08 2.45
N PRO A 65 -3.90 17.16 2.52
CA PRO A 65 -5.34 17.08 2.26
C PRO A 65 -5.68 16.51 0.87
N GLU A 66 -4.79 16.72 -0.10
CA GLU A 66 -4.83 16.11 -1.43
C GLU A 66 -4.72 14.58 -1.40
N LEU A 67 -3.78 14.04 -0.62
CA LEU A 67 -3.63 12.59 -0.44
C LEU A 67 -4.88 12.03 0.26
N ARG A 68 -5.35 12.73 1.31
CA ARG A 68 -6.47 12.33 2.17
C ARG A 68 -7.78 12.23 1.40
N GLN A 69 -8.16 13.31 0.70
CA GLN A 69 -9.34 13.31 -0.15
C GLN A 69 -9.22 12.38 -1.35
N GLY A 70 -8.05 12.45 -1.98
CA GLY A 70 -7.70 11.60 -3.11
C GLY A 70 -7.90 10.12 -2.81
N ILE A 71 -7.47 9.66 -1.61
CA ILE A 71 -7.51 8.25 -1.24
C ILE A 71 -8.87 7.83 -0.68
N LYS A 72 -9.58 8.71 0.04
CA LYS A 72 -10.97 8.46 0.49
C LYS A 72 -11.94 8.28 -0.68
N ASP A 73 -11.74 9.05 -1.75
CA ASP A 73 -12.50 8.94 -3.00
C ASP A 73 -12.08 7.70 -3.80
N TYR A 74 -10.77 7.55 -4.09
CA TYR A 74 -10.21 6.42 -4.86
C TYR A 74 -10.50 5.05 -4.25
N SER A 75 -10.48 4.93 -2.92
CA SER A 75 -10.81 3.70 -2.18
C SER A 75 -12.30 3.49 -1.96
N ASN A 76 -13.12 4.52 -2.19
CA ASN A 76 -14.54 4.58 -1.83
C ASN A 76 -14.83 4.30 -0.33
N TRP A 77 -13.86 4.56 0.56
CA TRP A 77 -13.90 4.27 2.01
C TRP A 77 -13.47 5.48 2.86
N PRO A 78 -14.09 5.71 4.04
CA PRO A 78 -13.73 6.83 4.93
C PRO A 78 -12.43 6.61 5.73
N THR A 79 -12.02 5.36 6.01
CA THR A 79 -10.78 5.07 6.75
C THR A 79 -10.24 3.66 6.49
N ILE A 80 -8.94 3.58 6.16
CA ILE A 80 -8.16 2.33 5.97
C ILE A 80 -6.70 2.53 6.44
N PRO A 81 -5.90 1.46 6.66
CA PRO A 81 -4.58 1.40 6.02
C PRO A 81 -4.60 0.51 4.77
N GLN A 82 -3.86 0.87 3.71
CA GLN A 82 -3.72 0.02 2.52
C GLN A 82 -2.26 -0.24 2.21
N VAL A 83 -2.02 -1.26 1.38
CA VAL A 83 -0.85 -1.28 0.50
C VAL A 83 -1.36 -1.32 -0.95
N TYR A 84 -0.58 -0.87 -1.92
CA TYR A 84 -0.75 -1.23 -3.33
C TYR A 84 0.54 -1.90 -3.83
N LEU A 85 0.42 -2.96 -4.62
CA LEU A 85 1.56 -3.69 -5.20
C LEU A 85 1.65 -3.46 -6.70
N ASN A 86 2.81 -3.00 -7.18
CA ASN A 86 3.01 -2.66 -8.60
C ASN A 86 1.94 -1.66 -9.11
N GLY A 87 1.61 -0.66 -8.28
CA GLY A 87 0.50 0.26 -8.48
C GLY A 87 -0.92 -0.31 -8.37
N GLU A 88 -1.11 -1.59 -8.03
CA GLU A 88 -2.42 -2.25 -8.08
C GLU A 88 -2.94 -2.63 -6.70
N PHE A 89 -4.26 -2.56 -6.58
CA PHE A 89 -5.02 -2.80 -5.37
C PHE A 89 -5.17 -4.28 -5.06
N VAL A 90 -5.02 -4.50 -3.77
CA VAL A 90 -4.64 -5.70 -3.06
C VAL A 90 -5.63 -5.84 -1.89
N GLY A 91 -5.68 -4.83 -1.02
CA GLY A 91 -6.73 -4.62 -0.02
C GLY A 91 -6.32 -3.69 1.13
N GLY A 92 -7.28 -3.37 1.99
CA GLY A 92 -7.07 -2.72 3.28
C GLY A 92 -6.43 -3.66 4.32
N CYS A 93 -6.04 -3.14 5.48
CA CYS A 93 -5.32 -3.93 6.49
C CYS A 93 -6.11 -5.13 7.05
N ASP A 94 -7.45 -5.06 7.10
CA ASP A 94 -8.31 -6.20 7.47
C ASP A 94 -8.29 -7.31 6.40
N ILE A 95 -8.17 -6.95 5.11
CA ILE A 95 -8.05 -7.89 3.99
C ILE A 95 -6.64 -8.50 3.94
N LEU A 96 -5.62 -7.66 4.13
CA LEU A 96 -4.20 -8.07 4.20
C LEU A 96 -3.97 -9.23 5.19
N LEU A 97 -4.71 -9.23 6.30
CA LEU A 97 -4.62 -10.23 7.38
C LEU A 97 -5.14 -11.60 6.93
N GLN A 98 -6.02 -11.65 5.93
CA GLN A 98 -6.48 -12.89 5.32
C GLN A 98 -5.52 -13.33 4.20
N MET A 99 -5.19 -12.42 3.29
CA MET A 99 -4.34 -12.71 2.13
C MET A 99 -2.93 -13.17 2.52
N HIS A 100 -2.42 -12.72 3.66
CA HIS A 100 -1.17 -13.20 4.25
C HIS A 100 -1.14 -14.72 4.41
N GLN A 101 -2.24 -15.20 4.98
CA GLN A 101 -2.34 -16.48 5.65
C GLN A 101 -2.90 -17.57 4.70
N ASN A 102 -3.63 -17.14 3.66
CA ASN A 102 -3.91 -17.92 2.46
C ASN A 102 -2.75 -17.86 1.44
N GLY A 103 -1.97 -16.76 1.40
CA GLY A 103 -0.75 -16.67 0.59
C GLY A 103 -0.92 -15.94 -0.75
N ASP A 104 -2.04 -15.26 -0.96
CA ASP A 104 -2.30 -14.46 -2.16
C ASP A 104 -1.43 -13.19 -2.21
N LEU A 105 -0.68 -12.86 -1.14
CA LEU A 105 0.30 -11.78 -1.18
C LEU A 105 1.59 -12.24 -1.86
N VAL A 106 1.85 -13.54 -1.79
CA VAL A 106 3.14 -14.16 -2.10
C VAL A 106 3.29 -14.34 -3.60
N GLU A 107 2.20 -14.77 -4.24
CA GLU A 107 2.05 -14.89 -5.69
C GLU A 107 1.90 -13.50 -6.32
N GLU A 108 1.51 -12.49 -5.53
CA GLU A 108 1.59 -11.08 -5.93
C GLU A 108 3.04 -10.55 -5.90
N LEU A 109 3.79 -10.80 -4.82
CA LEU A 109 5.23 -10.47 -4.70
C LEU A 109 6.08 -11.16 -5.78
N LYS A 110 5.67 -12.38 -6.17
CA LYS A 110 6.10 -13.15 -7.35
C LYS A 110 6.17 -12.30 -8.62
N LYS A 111 5.15 -11.47 -8.92
CA LYS A 111 5.11 -10.58 -10.09
C LYS A 111 6.21 -9.51 -10.11
N LEU A 112 6.74 -9.13 -8.95
CA LEU A 112 7.81 -8.15 -8.81
C LEU A 112 9.21 -8.80 -8.81
N GLY A 113 9.26 -10.13 -8.86
CA GLY A 113 10.47 -10.92 -8.62
C GLY A 113 10.86 -11.02 -7.14
N ILE A 114 10.04 -10.50 -6.21
CA ILE A 114 10.36 -10.52 -4.78
C ILE A 114 10.19 -11.93 -4.20
N HIS A 115 11.18 -12.34 -3.43
CA HIS A 115 11.13 -13.47 -2.53
C HIS A 115 10.38 -13.13 -1.24
N SER A 116 9.18 -13.67 -1.03
CA SER A 116 8.64 -13.82 0.31
C SER A 116 9.57 -14.71 1.13
N ALA A 117 10.15 -14.20 2.20
CA ALA A 117 11.00 -14.94 3.11
C ALA A 117 10.31 -16.18 3.75
N LEU A 118 8.98 -16.25 3.68
CA LEU A 118 8.15 -17.35 4.11
C LEU A 118 8.10 -18.52 3.10
N LEU A 119 8.76 -18.38 1.95
CA LEU A 119 8.81 -19.36 0.86
C LEU A 119 9.19 -20.77 1.33
N ASP A 120 10.14 -20.85 2.26
CA ASP A 120 10.70 -22.09 2.82
C ASP A 120 10.54 -22.18 4.35
N GLU A 121 9.51 -21.54 4.89
CA GLU A 121 9.18 -21.43 6.32
C GLU A 121 8.24 -22.54 6.80
N GLY A 1 11.23 4.40 -2.25
CA GLY A 1 11.88 5.67 -2.62
C GLY A 1 12.01 5.80 -4.13
N SER A 2 11.40 6.83 -4.72
CA SER A 2 11.26 7.02 -6.17
C SER A 2 10.97 8.49 -6.55
N PHE A 3 11.56 8.96 -7.64
CA PHE A 3 11.60 10.38 -8.02
C PHE A 3 11.03 10.64 -9.43
N THR A 4 9.89 10.00 -9.73
CA THR A 4 9.23 10.00 -11.05
C THR A 4 7.70 10.18 -10.96
N MET A 5 7.07 10.47 -12.10
CA MET A 5 5.63 10.71 -12.32
C MET A 5 5.00 11.91 -11.58
N GLY A 6 3.81 12.30 -12.04
CA GLY A 6 2.98 13.38 -11.51
C GLY A 6 1.91 13.85 -12.50
N ALA A 7 0.89 14.56 -12.02
CA ALA A 7 -0.22 15.10 -12.81
C ALA A 7 -0.80 16.39 -12.21
N GLY A 8 -1.53 17.18 -13.01
CA GLY A 8 -2.07 18.49 -12.64
C GLY A 8 -3.05 18.46 -11.44
N GLY A 9 -4.04 17.56 -11.45
CA GLY A 9 -5.01 17.40 -10.37
C GLY A 9 -4.44 16.66 -9.17
N GLY A 10 -3.81 17.37 -8.23
CA GLY A 10 -2.96 16.81 -7.17
C GLY A 10 -3.62 15.87 -6.15
N GLY A 11 -4.95 15.72 -6.17
CA GLY A 11 -5.73 14.76 -5.38
C GLY A 11 -6.74 13.94 -6.21
N SER A 12 -6.61 13.95 -7.54
CA SER A 12 -7.51 13.30 -8.51
C SER A 12 -7.10 11.85 -8.80
N ALA A 13 -8.03 11.00 -9.25
CA ALA A 13 -7.78 9.58 -9.51
C ALA A 13 -6.62 9.31 -10.51
N GLU A 14 -6.50 10.15 -11.54
CA GLU A 14 -5.39 10.17 -12.52
C GLU A 14 -4.01 10.51 -11.93
N GLN A 15 -3.98 11.21 -10.80
CA GLN A 15 -2.78 11.49 -10.01
C GLN A 15 -2.52 10.38 -8.99
N LEU A 16 -3.53 9.95 -8.23
CA LEU A 16 -3.44 8.82 -7.30
C LEU A 16 -2.96 7.54 -8.00
N ASP A 17 -3.28 7.35 -9.28
CA ASP A 17 -2.71 6.26 -10.09
C ASP A 17 -1.18 6.38 -10.25
N ALA A 18 -0.69 7.58 -10.60
CA ALA A 18 0.75 7.86 -10.66
C ALA A 18 1.40 7.66 -9.29
N LEU A 19 0.65 7.97 -8.22
CA LEU A 19 1.06 7.88 -6.82
C LEU A 19 1.28 6.42 -6.38
N VAL A 20 0.39 5.49 -6.75
CA VAL A 20 0.65 4.04 -6.60
C VAL A 20 1.69 3.51 -7.58
N LYS A 21 1.99 4.23 -8.67
CA LYS A 21 3.04 3.86 -9.63
C LYS A 21 4.43 4.46 -9.38
N LYS A 22 4.58 5.29 -8.35
CA LYS A 22 5.89 5.75 -7.86
C LYS A 22 6.79 4.56 -7.55
N ASP A 23 6.26 3.59 -6.79
CA ASP A 23 7.03 2.49 -6.22
C ASP A 23 6.39 1.14 -6.53
N LYS A 24 7.09 0.07 -6.13
CA LYS A 24 6.63 -1.31 -6.31
C LYS A 24 5.75 -1.83 -5.19
N VAL A 25 5.87 -1.20 -4.03
CA VAL A 25 5.11 -1.47 -2.82
C VAL A 25 4.75 -0.10 -2.31
N VAL A 26 3.47 0.22 -2.38
CA VAL A 26 3.01 1.55 -1.98
C VAL A 26 1.95 1.43 -0.91
N VAL A 27 2.30 1.96 0.27
CA VAL A 27 1.54 1.81 1.51
C VAL A 27 0.93 3.15 1.91
N PHE A 28 -0.24 3.07 2.52
CA PHE A 28 -1.17 4.19 2.61
C PHE A 28 -1.91 4.16 3.93
N LEU A 29 -1.59 5.10 4.81
CA LEU A 29 -2.12 5.07 6.16
C LEU A 29 -2.14 6.50 6.77
N LYS A 30 -2.95 6.78 7.79
CA LYS A 30 -2.94 8.10 8.48
C LYS A 30 -1.89 8.12 9.60
N GLY A 31 -0.62 7.99 9.21
CA GLY A 31 0.50 7.64 10.08
C GLY A 31 1.81 7.31 9.36
N THR A 32 2.76 6.70 10.08
CA THR A 32 4.11 6.31 9.58
C THR A 32 4.50 4.91 10.06
N PRO A 33 5.47 4.25 9.42
CA PRO A 33 5.87 2.87 9.75
C PRO A 33 6.55 2.71 11.13
N GLU A 34 7.03 3.80 11.75
CA GLU A 34 7.66 3.76 13.08
C GLU A 34 6.77 4.21 14.25
N GLN A 35 5.83 5.15 14.05
CA GLN A 35 4.89 5.60 15.09
C GLN A 35 3.47 5.06 14.82
N PRO A 36 2.86 4.30 15.76
CA PRO A 36 1.57 3.63 15.56
C PRO A 36 0.37 4.58 15.72
N GLN A 37 0.20 5.47 14.75
CA GLN A 37 -0.94 6.36 14.50
C GLN A 37 -2.27 5.99 15.18
N CYS A 38 -2.78 4.83 14.78
CA CYS A 38 -4.12 4.30 15.06
C CYS A 38 -4.12 2.83 14.58
N GLY A 39 -5.21 2.09 14.77
CA GLY A 39 -5.47 0.91 13.93
C GLY A 39 -5.52 1.33 12.44
N PHE A 40 -4.94 0.62 11.48
CA PHE A 40 -4.26 -0.69 11.57
C PHE A 40 -2.79 -0.65 11.10
N SER A 41 -2.16 0.53 11.09
CA SER A 41 -0.90 0.78 10.36
C SER A 41 0.28 -0.12 10.78
N ASN A 42 0.35 -0.54 12.03
CA ASN A 42 1.34 -1.51 12.46
C ASN A 42 1.09 -2.92 11.90
N ALA A 43 -0.15 -3.37 11.83
CA ALA A 43 -0.52 -4.71 11.35
C ALA A 43 -0.09 -4.95 9.90
N VAL A 44 -0.22 -3.94 9.04
CA VAL A 44 0.26 -3.98 7.67
C VAL A 44 1.79 -3.92 7.57
N VAL A 45 2.41 -3.09 8.40
CA VAL A 45 3.86 -2.89 8.42
C VAL A 45 4.60 -4.13 8.94
N GLN A 46 4.04 -4.80 9.94
CA GLN A 46 4.57 -6.08 10.41
C GLN A 46 4.37 -7.17 9.36
N ILE A 47 3.21 -7.30 8.71
CA ILE A 47 3.03 -8.28 7.62
C ILE A 47 4.08 -8.07 6.52
N LEU A 48 4.33 -6.82 6.13
CA LEU A 48 5.37 -6.48 5.15
C LEU A 48 6.77 -6.89 5.61
N ARG A 49 7.24 -6.45 6.79
CA ARG A 49 8.57 -6.78 7.28
C ARG A 49 8.80 -8.26 7.58
N LEU A 50 7.76 -9.01 7.96
CA LEU A 50 7.79 -10.46 8.14
C LEU A 50 8.02 -11.18 6.80
N HIS A 51 7.42 -10.66 5.73
CA HIS A 51 7.70 -11.03 4.35
C HIS A 51 9.02 -10.45 3.80
N GLY A 52 9.84 -9.77 4.61
CA GLY A 52 11.14 -9.20 4.21
C GLY A 52 11.06 -7.79 3.59
N VAL A 53 9.87 -7.20 3.54
CA VAL A 53 9.59 -5.95 2.82
C VAL A 53 9.68 -4.73 3.74
N ARG A 54 10.65 -3.85 3.45
CA ARG A 54 10.94 -2.59 4.12
C ARG A 54 11.15 -1.42 3.15
N ASP A 55 11.14 -1.73 1.86
CA ASP A 55 11.31 -0.83 0.72
C ASP A 55 9.98 -0.46 0.05
N TYR A 56 8.88 -0.44 0.82
CA TYR A 56 7.71 0.31 0.41
C TYR A 56 8.02 1.82 0.45
N ALA A 57 7.18 2.58 -0.24
CA ALA A 57 6.92 3.98 0.07
C ALA A 57 5.69 4.03 0.98
N ALA A 58 5.79 4.59 2.18
CA ALA A 58 4.69 4.64 3.15
C ALA A 58 4.10 6.05 3.18
N TYR A 59 2.99 6.31 2.50
CA TYR A 59 2.29 7.60 2.50
C TYR A 59 1.46 7.82 3.75
N ASN A 60 1.88 8.79 4.56
CA ASN A 60 1.02 9.44 5.51
C ASN A 60 0.02 10.37 4.82
N VAL A 61 -1.26 10.06 4.94
CA VAL A 61 -2.35 10.91 4.42
C VAL A 61 -2.80 12.04 5.37
N LEU A 62 -2.25 12.11 6.59
CA LEU A 62 -2.39 13.28 7.47
C LEU A 62 -1.55 14.46 7.00
N ASP A 63 -0.50 14.18 6.23
CA ASP A 63 0.47 15.17 5.76
C ASP A 63 -0.15 16.17 4.77
N ASP A 64 -1.08 15.68 3.94
CA ASP A 64 -1.80 16.46 2.94
C ASP A 64 -3.28 16.05 2.80
N PRO A 65 -4.24 17.01 2.82
CA PRO A 65 -5.66 16.70 2.67
C PRO A 65 -6.01 16.25 1.24
N GLU A 66 -5.16 16.58 0.28
CA GLU A 66 -5.19 16.08 -1.09
C GLU A 66 -4.96 14.56 -1.15
N LEU A 67 -3.96 14.07 -0.39
CA LEU A 67 -3.75 12.64 -0.22
C LEU A 67 -4.93 12.00 0.52
N ARG A 68 -5.43 12.68 1.57
CA ARG A 68 -6.54 12.20 2.40
C ARG A 68 -7.83 11.96 1.58
N GLN A 69 -8.28 12.97 0.86
CA GLN A 69 -9.48 12.88 0.02
C GLN A 69 -9.24 11.97 -1.18
N GLY A 70 -8.04 12.07 -1.75
CA GLY A 70 -7.60 11.21 -2.83
C GLY A 70 -7.74 9.72 -2.48
N ILE A 71 -7.34 9.30 -1.28
CA ILE A 71 -7.37 7.90 -0.86
C ILE A 71 -8.74 7.45 -0.35
N LYS A 72 -9.47 8.33 0.34
CA LYS A 72 -10.87 8.08 0.75
C LYS A 72 -11.76 7.83 -0.45
N ASP A 73 -11.52 8.48 -1.58
CA ASP A 73 -12.20 8.19 -2.84
C ASP A 73 -11.64 6.94 -3.54
N TYR A 74 -10.32 6.80 -3.70
CA TYR A 74 -9.67 5.72 -4.47
C TYR A 74 -9.86 4.32 -3.85
N SER A 75 -9.83 4.23 -2.53
CA SER A 75 -10.21 3.05 -1.75
C SER A 75 -11.71 2.99 -1.44
N ASN A 76 -12.47 4.03 -1.83
CA ASN A 76 -13.91 4.22 -1.56
C ASN A 76 -14.36 3.96 -0.11
N TRP A 77 -13.50 4.21 0.89
CA TRP A 77 -13.80 3.95 2.29
C TRP A 77 -13.49 5.17 3.19
N PRO A 78 -14.33 5.46 4.20
CA PRO A 78 -14.09 6.57 5.13
C PRO A 78 -12.80 6.39 5.93
N THR A 79 -12.51 5.17 6.40
CA THR A 79 -11.37 4.89 7.30
C THR A 79 -10.79 3.48 7.15
N ILE A 80 -9.91 3.30 6.16
CA ILE A 80 -9.09 2.09 5.94
C ILE A 80 -7.65 2.51 5.54
N PRO A 81 -6.59 1.79 5.95
CA PRO A 81 -5.25 1.85 5.36
C PRO A 81 -5.01 0.69 4.36
N GLN A 82 -4.20 0.91 3.32
CA GLN A 82 -4.06 0.03 2.15
C GLN A 82 -2.60 -0.31 1.82
N VAL A 83 -2.40 -1.33 0.97
CA VAL A 83 -1.19 -1.47 0.16
C VAL A 83 -1.57 -1.81 -1.28
N TYR A 84 -0.81 -1.23 -2.21
CA TYR A 84 -0.89 -1.47 -3.64
C TYR A 84 0.45 -2.02 -4.11
N LEU A 85 0.43 -3.11 -4.88
CA LEU A 85 1.64 -3.71 -5.45
C LEU A 85 1.63 -3.52 -6.97
N ASN A 86 2.75 -3.03 -7.50
CA ASN A 86 2.89 -2.71 -8.93
C ASN A 86 1.86 -1.67 -9.44
N GLY A 87 1.36 -0.81 -8.54
CA GLY A 87 0.24 0.11 -8.74
C GLY A 87 -1.17 -0.49 -8.81
N GLU A 88 -1.36 -1.76 -8.43
CA GLU A 88 -2.67 -2.44 -8.43
C GLU A 88 -3.15 -2.76 -7.02
N PHE A 89 -4.47 -2.73 -6.84
CA PHE A 89 -5.14 -2.92 -5.57
C PHE A 89 -5.31 -4.39 -5.21
N VAL A 90 -5.06 -4.58 -3.93
CA VAL A 90 -4.25 -5.67 -3.38
C VAL A 90 -4.67 -5.87 -1.94
N GLY A 91 -4.85 -4.77 -1.20
CA GLY A 91 -6.01 -4.65 -0.33
C GLY A 91 -5.91 -3.61 0.77
N GLY A 92 -7.06 -3.34 1.42
CA GLY A 92 -7.12 -2.71 2.72
C GLY A 92 -6.81 -3.68 3.87
N CYS A 93 -6.76 -3.17 5.10
CA CYS A 93 -6.29 -3.96 6.24
C CYS A 93 -7.20 -5.12 6.69
N ASP A 94 -8.49 -5.12 6.32
CA ASP A 94 -9.33 -6.31 6.55
C ASP A 94 -8.92 -7.46 5.62
N ILE A 95 -8.63 -7.12 4.37
CA ILE A 95 -8.29 -8.07 3.29
C ILE A 95 -6.86 -8.58 3.43
N LEU A 96 -5.91 -7.73 3.81
CA LEU A 96 -4.52 -8.16 4.04
C LEU A 96 -4.42 -9.25 5.12
N LEU A 97 -5.32 -9.22 6.12
CA LEU A 97 -5.38 -10.19 7.22
C LEU A 97 -5.91 -11.57 6.75
N GLN A 98 -6.59 -11.61 5.61
CA GLN A 98 -6.93 -12.86 4.92
C GLN A 98 -5.77 -13.30 4.04
N MET A 99 -5.32 -12.42 3.14
CA MET A 99 -4.37 -12.73 2.08
C MET A 99 -2.98 -13.12 2.57
N HIS A 100 -2.55 -12.57 3.71
CA HIS A 100 -1.32 -13.00 4.41
C HIS A 100 -1.35 -14.48 4.72
N GLN A 101 -2.50 -14.86 5.27
CA GLN A 101 -2.69 -16.06 6.07
C GLN A 101 -3.15 -17.24 5.21
N ASN A 102 -3.72 -16.93 4.04
CA ASN A 102 -3.92 -17.83 2.90
C ASN A 102 -2.70 -17.87 1.93
N GLY A 103 -1.91 -16.79 1.83
CA GLY A 103 -0.62 -16.76 1.11
C GLY A 103 -0.71 -16.17 -0.31
N ASP A 104 -1.81 -15.52 -0.66
CA ASP A 104 -1.96 -14.84 -1.95
C ASP A 104 -1.07 -13.58 -2.09
N LEU A 105 -0.46 -13.10 -0.99
CA LEU A 105 0.45 -11.95 -1.05
C LEU A 105 1.80 -12.34 -1.63
N VAL A 106 2.12 -13.62 -1.50
CA VAL A 106 3.40 -14.24 -1.79
C VAL A 106 3.57 -14.43 -3.29
N GLU A 107 2.45 -14.76 -3.94
CA GLU A 107 2.32 -14.82 -5.40
C GLU A 107 2.29 -13.41 -6.00
N GLU A 108 1.67 -12.46 -5.32
CA GLU A 108 1.71 -11.02 -5.67
C GLU A 108 3.15 -10.49 -5.65
N LEU A 109 3.93 -10.81 -4.62
CA LEU A 109 5.36 -10.47 -4.54
C LEU A 109 6.16 -11.08 -5.70
N LYS A 110 5.85 -12.32 -6.11
CA LYS A 110 6.49 -12.99 -7.26
C LYS A 110 6.16 -12.33 -8.62
N LYS A 111 5.06 -11.58 -8.77
CA LYS A 111 4.75 -10.78 -9.97
C LYS A 111 5.71 -9.60 -10.18
N LEU A 112 6.35 -9.10 -9.12
CA LEU A 112 7.43 -8.13 -9.14
C LEU A 112 8.83 -8.78 -9.21
N GLY A 113 8.89 -10.11 -9.02
CA GLY A 113 10.12 -10.87 -8.78
C GLY A 113 10.66 -10.75 -7.35
N ILE A 114 9.87 -10.29 -6.38
CA ILE A 114 10.27 -10.19 -4.96
C ILE A 114 10.08 -11.53 -4.23
N HIS A 115 11.09 -11.86 -3.42
CA HIS A 115 11.14 -13.00 -2.51
C HIS A 115 10.52 -12.68 -1.14
N SER A 116 9.39 -13.29 -0.80
CA SER A 116 8.91 -13.36 0.58
C SER A 116 9.92 -14.10 1.47
N ALA A 117 10.31 -13.50 2.58
CA ALA A 117 11.16 -14.10 3.60
C ALA A 117 10.50 -15.29 4.34
N LEU A 118 9.23 -15.62 4.04
CA LEU A 118 8.50 -16.77 4.51
C LEU A 118 8.50 -17.95 3.51
N LEU A 119 9.24 -17.83 2.38
CA LEU A 119 9.32 -18.80 1.31
C LEU A 119 9.71 -20.23 1.76
N ASP A 120 10.43 -20.34 2.87
CA ASP A 120 10.97 -21.58 3.43
C ASP A 120 10.35 -21.97 4.78
N GLU A 121 9.12 -21.51 5.01
CA GLU A 121 8.26 -21.84 6.16
C GLU A 121 7.23 -22.91 5.77
N GLY A 1 11.88 -5.01 -15.03
CA GLY A 1 11.64 -5.21 -16.46
C GLY A 1 10.18 -5.03 -16.81
N SER A 2 9.89 -4.61 -18.04
CA SER A 2 8.55 -4.34 -18.60
C SER A 2 7.74 -3.18 -17.96
N PHE A 3 8.27 -2.44 -16.99
CA PHE A 3 7.53 -1.37 -16.28
C PHE A 3 8.19 0.01 -16.36
N THR A 4 7.38 1.08 -16.28
CA THR A 4 7.87 2.46 -16.19
C THR A 4 7.11 3.31 -15.15
N MET A 5 7.75 4.36 -14.64
CA MET A 5 7.27 5.21 -13.53
C MET A 5 5.90 5.88 -13.77
N GLY A 6 5.23 6.28 -12.70
CA GLY A 6 4.02 7.12 -12.76
C GLY A 6 4.33 8.58 -13.13
N ALA A 7 3.54 9.15 -14.05
CA ALA A 7 3.75 10.48 -14.64
C ALA A 7 2.55 11.43 -14.56
N GLY A 8 1.33 10.92 -14.29
CA GLY A 8 0.13 11.74 -14.07
C GLY A 8 0.21 12.64 -12.82
N GLY A 9 -0.65 13.66 -12.74
CA GLY A 9 -0.60 14.62 -11.63
C GLY A 9 -1.80 15.56 -11.48
N GLY A 10 -1.77 16.41 -10.44
CA GLY A 10 -2.73 17.49 -10.19
C GLY A 10 -4.08 17.08 -9.60
N GLY A 11 -4.10 16.04 -8.75
CA GLY A 11 -5.33 15.45 -8.20
C GLY A 11 -6.06 14.54 -9.18
N SER A 12 -7.22 14.08 -8.72
CA SER A 12 -8.08 13.05 -9.33
C SER A 12 -7.45 11.65 -9.37
N ALA A 13 -8.23 10.66 -9.78
CA ALA A 13 -7.85 9.25 -9.84
C ALA A 13 -6.55 9.02 -10.62
N GLU A 14 -6.33 9.76 -11.71
CA GLU A 14 -5.11 9.67 -12.53
C GLU A 14 -3.82 10.15 -11.81
N GLN A 15 -3.93 11.00 -10.77
CA GLN A 15 -2.82 11.32 -9.87
C GLN A 15 -2.56 10.17 -8.92
N LEU A 16 -3.58 9.68 -8.21
CA LEU A 16 -3.48 8.59 -7.25
C LEU A 16 -2.94 7.31 -7.92
N ASP A 17 -3.31 7.07 -9.18
CA ASP A 17 -2.78 6.02 -10.06
C ASP A 17 -1.26 6.16 -10.27
N ALA A 18 -0.81 7.38 -10.55
CA ALA A 18 0.61 7.69 -10.73
C ALA A 18 1.36 7.58 -9.40
N LEU A 19 0.66 7.81 -8.29
CA LEU A 19 1.18 7.72 -6.93
C LEU A 19 1.27 6.27 -6.42
N VAL A 20 0.35 5.37 -6.80
CA VAL A 20 0.58 3.92 -6.61
C VAL A 20 1.63 3.37 -7.58
N LYS A 21 1.94 4.09 -8.66
CA LYS A 21 3.06 3.83 -9.58
C LYS A 21 4.38 4.56 -9.27
N LYS A 22 4.45 5.30 -8.17
CA LYS A 22 5.67 5.98 -7.68
C LYS A 22 6.72 5.01 -7.12
N ASP A 23 6.25 3.94 -6.48
CA ASP A 23 7.07 2.80 -6.04
C ASP A 23 6.43 1.48 -6.48
N LYS A 24 7.04 0.35 -6.13
CA LYS A 24 6.46 -0.98 -6.38
C LYS A 24 5.60 -1.50 -5.25
N VAL A 25 5.77 -0.93 -4.07
CA VAL A 25 5.00 -1.24 -2.85
C VAL A 25 4.64 0.11 -2.30
N VAL A 26 3.36 0.44 -2.34
CA VAL A 26 2.93 1.76 -1.90
C VAL A 26 1.85 1.61 -0.84
N VAL A 27 2.18 2.08 0.36
CA VAL A 27 1.42 1.90 1.60
C VAL A 27 0.81 3.21 2.03
N PHE A 28 -0.36 3.15 2.63
CA PHE A 28 -1.26 4.29 2.74
C PHE A 28 -1.97 4.27 4.08
N LEU A 29 -1.59 5.16 5.00
CA LEU A 29 -2.12 5.12 6.35
C LEU A 29 -2.10 6.50 7.03
N LYS A 30 -2.95 6.72 8.06
CA LYS A 30 -2.96 7.99 8.81
C LYS A 30 -1.84 8.01 9.84
N GLY A 31 -0.59 7.88 9.41
CA GLY A 31 0.55 7.56 10.29
C GLY A 31 1.83 7.28 9.52
N THR A 32 2.88 6.85 10.22
CA THR A 32 4.19 6.51 9.61
C THR A 32 4.62 5.10 10.02
N PRO A 33 5.55 4.45 9.30
CA PRO A 33 6.04 3.12 9.67
C PRO A 33 6.93 3.17 10.93
N GLU A 34 7.62 4.30 11.15
CA GLU A 34 8.45 4.54 12.33
C GLU A 34 7.63 4.89 13.59
N GLN A 35 6.43 5.46 13.43
CA GLN A 35 5.45 5.73 14.47
C GLN A 35 4.02 5.38 13.98
N PRO A 36 3.62 4.09 13.97
CA PRO A 36 2.27 3.66 13.59
C PRO A 36 1.23 4.32 14.50
N GLN A 37 0.20 4.94 13.91
CA GLN A 37 -0.54 6.02 14.57
C GLN A 37 -1.51 5.57 15.68
N CYS A 38 -2.03 4.36 15.54
CA CYS A 38 -3.19 3.84 16.28
C CYS A 38 -3.11 2.29 16.21
N GLY A 39 -4.24 1.59 16.00
CA GLY A 39 -4.26 0.26 15.41
C GLY A 39 -3.99 0.29 13.90
N PHE A 40 -4.34 -0.80 13.21
CA PHE A 40 -4.30 -1.04 11.75
C PHE A 40 -2.94 -0.85 11.07
N SER A 41 -2.39 0.36 11.13
CA SER A 41 -1.07 0.78 10.64
C SER A 41 0.08 -0.16 10.99
N ASN A 42 0.05 -0.78 12.16
CA ASN A 42 1.01 -1.78 12.53
C ASN A 42 0.73 -3.14 11.89
N ALA A 43 -0.51 -3.61 11.84
CA ALA A 43 -0.87 -4.90 11.23
C ALA A 43 -0.37 -5.03 9.79
N VAL A 44 -0.51 -3.97 9.00
CA VAL A 44 0.00 -3.92 7.64
C VAL A 44 1.52 -3.89 7.57
N VAL A 45 2.18 -3.16 8.47
CA VAL A 45 3.64 -3.03 8.50
C VAL A 45 4.32 -4.28 9.08
N GLN A 46 3.71 -4.93 10.07
CA GLN A 46 4.13 -6.24 10.56
C GLN A 46 4.06 -7.26 9.42
N ILE A 47 2.94 -7.35 8.68
CA ILE A 47 2.83 -8.33 7.58
C ILE A 47 3.91 -8.08 6.52
N LEU A 48 4.18 -6.82 6.17
CA LEU A 48 5.26 -6.45 5.25
C LEU A 48 6.64 -6.88 5.78
N ARG A 49 7.07 -6.42 6.96
CA ARG A 49 8.36 -6.78 7.56
C ARG A 49 8.56 -8.28 7.82
N LEU A 50 7.50 -9.04 8.14
CA LEU A 50 7.51 -10.50 8.28
C LEU A 50 7.72 -11.21 6.94
N HIS A 51 7.19 -10.65 5.85
CA HIS A 51 7.51 -11.04 4.48
C HIS A 51 8.88 -10.53 4.00
N GLY A 52 9.66 -9.86 4.84
CA GLY A 52 10.98 -9.33 4.50
C GLY A 52 10.97 -7.93 3.88
N VAL A 53 9.82 -7.23 3.88
CA VAL A 53 9.62 -5.99 3.12
C VAL A 53 9.75 -4.73 3.99
N ARG A 54 10.57 -3.80 3.53
CA ARG A 54 10.69 -2.41 3.97
C ARG A 54 10.75 -1.42 2.79
N ASP A 55 10.91 -1.94 1.58
CA ASP A 55 10.98 -1.22 0.30
C ASP A 55 9.61 -0.75 -0.21
N TYR A 56 8.64 -0.56 0.69
CA TYR A 56 7.52 0.32 0.44
C TYR A 56 7.92 1.80 0.54
N ALA A 57 7.10 2.63 -0.08
CA ALA A 57 6.90 4.03 0.28
C ALA A 57 5.63 4.11 1.14
N ALA A 58 5.78 4.49 2.42
CA ALA A 58 4.65 4.60 3.33
C ALA A 58 4.11 6.04 3.34
N TYR A 59 2.96 6.28 2.72
CA TYR A 59 2.30 7.58 2.62
C TYR A 59 1.44 7.89 3.85
N ASN A 60 1.83 8.99 4.51
CA ASN A 60 1.19 9.61 5.64
C ASN A 60 0.05 10.53 5.20
N VAL A 61 -1.20 10.07 5.30
CA VAL A 61 -2.35 10.92 4.92
C VAL A 61 -2.68 12.01 5.95
N LEU A 62 -2.02 12.01 7.12
CA LEU A 62 -2.12 13.07 8.14
C LEU A 62 -1.51 14.40 7.69
N ASP A 63 -0.53 14.38 6.79
CA ASP A 63 0.19 15.58 6.33
C ASP A 63 -0.52 16.30 5.16
N ASP A 64 -1.15 15.54 4.26
CA ASP A 64 -1.73 16.01 3.00
C ASP A 64 -3.25 15.78 2.93
N PRO A 65 -4.09 16.82 3.04
CA PRO A 65 -5.54 16.68 2.87
C PRO A 65 -5.92 16.23 1.45
N GLU A 66 -5.08 16.53 0.46
CA GLU A 66 -5.15 16.05 -0.90
C GLU A 66 -4.97 14.53 -1.02
N LEU A 67 -4.01 13.96 -0.27
CA LEU A 67 -3.82 12.52 -0.22
C LEU A 67 -5.02 11.87 0.49
N ARG A 68 -5.48 12.48 1.59
CA ARG A 68 -6.62 11.99 2.39
C ARG A 68 -7.90 11.91 1.56
N GLN A 69 -8.24 13.01 0.89
CA GLN A 69 -9.37 13.07 -0.04
C GLN A 69 -9.21 12.07 -1.18
N GLY A 70 -8.04 12.08 -1.81
CA GLY A 70 -7.79 11.26 -2.98
C GLY A 70 -7.86 9.76 -2.67
N ILE A 71 -7.48 9.34 -1.47
CA ILE A 71 -7.45 7.93 -1.08
C ILE A 71 -8.81 7.44 -0.55
N LYS A 72 -9.55 8.30 0.16
CA LYS A 72 -10.96 8.04 0.50
C LYS A 72 -11.81 7.87 -0.77
N ASP A 73 -11.55 8.69 -1.78
CA ASP A 73 -12.19 8.59 -3.10
C ASP A 73 -11.81 7.26 -3.79
N TYR A 74 -10.51 7.00 -3.99
CA TYR A 74 -10.00 5.83 -4.72
C TYR A 74 -10.37 4.48 -4.08
N SER A 75 -10.38 4.43 -2.74
CA SER A 75 -10.78 3.26 -1.95
C SER A 75 -12.31 3.18 -1.74
N ASN A 76 -13.02 4.25 -2.10
CA ASN A 76 -14.43 4.51 -1.79
C ASN A 76 -14.79 4.38 -0.29
N TRP A 77 -13.87 4.64 0.64
CA TRP A 77 -14.01 4.31 2.06
C TRP A 77 -13.69 5.51 2.97
N PRO A 78 -14.51 5.79 4.01
CA PRO A 78 -14.22 6.82 5.00
C PRO A 78 -12.87 6.62 5.72
N THR A 79 -12.53 5.40 6.12
CA THR A 79 -11.29 5.06 6.86
C THR A 79 -10.98 3.56 6.84
N ILE A 80 -10.09 3.16 5.93
CA ILE A 80 -9.25 1.95 5.99
C ILE A 80 -7.85 2.34 5.48
N PRO A 81 -6.74 1.80 6.02
CA PRO A 81 -5.43 1.82 5.37
C PRO A 81 -5.19 0.59 4.50
N GLN A 82 -4.41 0.74 3.42
CA GLN A 82 -4.27 -0.27 2.37
C GLN A 82 -2.85 -0.30 1.79
N VAL A 83 -2.57 -1.28 0.91
CA VAL A 83 -1.34 -1.35 0.14
C VAL A 83 -1.67 -1.69 -1.30
N TYR A 84 -0.90 -1.10 -2.21
CA TYR A 84 -0.95 -1.35 -3.65
C TYR A 84 0.39 -1.91 -4.09
N LEU A 85 0.37 -3.00 -4.87
CA LEU A 85 1.58 -3.58 -5.45
C LEU A 85 1.58 -3.38 -6.96
N ASN A 86 2.67 -2.79 -7.43
CA ASN A 86 2.87 -2.42 -8.83
C ASN A 86 1.74 -1.54 -9.41
N GLY A 87 1.17 -0.68 -8.56
CA GLY A 87 0.04 0.18 -8.85
C GLY A 87 -1.35 -0.46 -8.93
N GLU A 88 -1.50 -1.71 -8.50
CA GLU A 88 -2.78 -2.44 -8.47
C GLU A 88 -3.21 -2.75 -7.04
N PHE A 89 -4.53 -2.72 -6.83
CA PHE A 89 -5.19 -2.75 -5.52
C PHE A 89 -5.44 -4.19 -5.06
N VAL A 90 -5.07 -4.37 -3.80
CA VAL A 90 -4.31 -5.53 -3.36
C VAL A 90 -4.67 -5.84 -1.92
N GLY A 91 -4.86 -4.80 -1.10
CA GLY A 91 -6.01 -4.81 -0.19
C GLY A 91 -5.94 -3.83 0.98
N GLY A 92 -7.11 -3.62 1.60
CA GLY A 92 -7.24 -2.95 2.89
C GLY A 92 -6.87 -3.85 4.07
N CYS A 93 -6.74 -3.27 5.25
CA CYS A 93 -6.18 -3.94 6.43
C CYS A 93 -6.93 -5.20 6.91
N ASP A 94 -8.25 -5.31 6.71
CA ASP A 94 -8.98 -6.56 7.01
C ASP A 94 -8.76 -7.65 5.94
N ILE A 95 -8.56 -7.22 4.69
CA ILE A 95 -8.31 -8.08 3.52
C ILE A 95 -6.89 -8.65 3.56
N LEU A 96 -5.92 -7.81 3.90
CA LEU A 96 -4.52 -8.21 4.08
C LEU A 96 -4.40 -9.33 5.13
N LEU A 97 -5.26 -9.30 6.16
CA LEU A 97 -5.33 -10.29 7.24
C LEU A 97 -5.88 -11.65 6.79
N GLN A 98 -6.59 -11.70 5.65
CA GLN A 98 -6.93 -12.93 4.96
C GLN A 98 -5.78 -13.37 4.05
N MET A 99 -5.34 -12.47 3.16
CA MET A 99 -4.43 -12.79 2.06
C MET A 99 -3.02 -13.17 2.51
N HIS A 100 -2.57 -12.65 3.65
CA HIS A 100 -1.33 -13.09 4.32
C HIS A 100 -1.31 -14.59 4.53
N GLN A 101 -2.45 -15.04 5.05
CA GLN A 101 -2.60 -16.30 5.75
C GLN A 101 -3.03 -17.40 4.76
N ASN A 102 -3.69 -16.99 3.68
CA ASN A 102 -3.85 -17.74 2.43
C ASN A 102 -2.56 -17.79 1.58
N GLY A 103 -1.73 -16.73 1.58
CA GLY A 103 -0.47 -16.68 0.82
C GLY A 103 -0.60 -16.03 -0.56
N ASP A 104 -1.67 -15.26 -0.77
CA ASP A 104 -1.97 -14.56 -2.04
C ASP A 104 -1.15 -13.27 -2.21
N LEU A 105 -0.52 -12.81 -1.13
CA LEU A 105 0.41 -11.66 -1.15
C LEU A 105 1.75 -12.05 -1.76
N VAL A 106 2.04 -13.34 -1.70
CA VAL A 106 3.31 -13.96 -2.06
C VAL A 106 3.42 -14.06 -3.58
N GLU A 107 2.29 -14.34 -4.23
CA GLU A 107 2.11 -14.30 -5.69
C GLU A 107 2.33 -12.89 -6.24
N GLU A 108 1.83 -11.88 -5.52
CA GLU A 108 2.03 -10.46 -5.82
C GLU A 108 3.48 -10.01 -5.68
N LEU A 109 4.17 -10.46 -4.63
CA LEU A 109 5.62 -10.27 -4.47
C LEU A 109 6.41 -10.96 -5.60
N LYS A 110 6.06 -12.22 -5.96
CA LYS A 110 6.74 -12.97 -7.04
C LYS A 110 6.59 -12.31 -8.42
N LYS A 111 5.48 -11.63 -8.74
CA LYS A 111 5.29 -10.85 -9.99
C LYS A 111 6.33 -9.74 -10.15
N LEU A 112 6.72 -9.10 -9.05
CA LEU A 112 7.79 -8.10 -8.99
C LEU A 112 9.21 -8.67 -8.86
N GLY A 113 9.36 -10.00 -8.81
CA GLY A 113 10.64 -10.66 -8.54
C GLY A 113 11.09 -10.53 -7.08
N ILE A 114 10.17 -10.25 -6.14
CA ILE A 114 10.45 -10.16 -4.70
C ILE A 114 10.24 -11.51 -4.01
N HIS A 115 11.23 -11.87 -3.22
CA HIS A 115 11.27 -13.01 -2.31
C HIS A 115 10.63 -12.68 -0.96
N SER A 116 9.46 -13.27 -0.68
CA SER A 116 8.95 -13.36 0.68
C SER A 116 9.93 -14.13 1.57
N ALA A 117 10.10 -13.69 2.81
CA ALA A 117 10.97 -14.31 3.81
C ALA A 117 10.36 -15.56 4.45
N LEU A 118 9.09 -15.88 4.16
CA LEU A 118 8.34 -17.04 4.62
C LEU A 118 8.44 -18.25 3.66
N LEU A 119 9.12 -18.08 2.52
CA LEU A 119 9.21 -19.01 1.39
C LEU A 119 9.70 -20.43 1.73
N ASP A 120 10.32 -20.61 2.88
CA ASP A 120 10.89 -21.88 3.34
C ASP A 120 10.42 -22.34 4.73
N GLU A 121 9.34 -21.73 5.22
CA GLU A 121 8.84 -21.81 6.59
C GLU A 121 7.58 -22.69 6.74
N GLY A 1 11.65 0.55 -17.86
CA GLY A 1 11.04 1.69 -18.55
C GLY A 1 11.62 2.99 -18.04
N SER A 2 10.76 3.96 -17.73
CA SER A 2 11.16 5.29 -17.22
C SER A 2 10.21 5.79 -16.12
N PHE A 3 10.62 6.83 -15.38
CA PHE A 3 9.85 7.38 -14.24
C PHE A 3 10.09 8.89 -14.05
N THR A 4 9.04 9.71 -14.14
CA THR A 4 9.06 11.16 -13.88
C THR A 4 7.79 11.67 -13.16
N MET A 5 7.89 12.87 -12.59
CA MET A 5 6.82 13.55 -11.84
C MET A 5 5.70 14.20 -12.67
N GLY A 6 5.83 14.22 -13.99
CA GLY A 6 5.11 15.12 -14.89
C GLY A 6 3.58 15.03 -14.90
N ALA A 7 2.94 16.20 -14.98
CA ALA A 7 1.49 16.41 -15.09
C ALA A 7 0.63 15.87 -13.93
N GLY A 8 -0.66 16.23 -13.91
CA GLY A 8 -1.65 15.71 -12.96
C GLY A 8 -2.80 16.68 -12.65
N GLY A 9 -3.23 16.70 -11.39
CA GLY A 9 -4.27 17.58 -10.85
C GLY A 9 -4.43 17.38 -9.34
N GLY A 10 -4.76 18.47 -8.62
CA GLY A 10 -4.74 18.51 -7.16
C GLY A 10 -5.69 17.48 -6.50
N GLY A 11 -5.14 16.40 -5.96
CA GLY A 11 -5.89 15.29 -5.37
C GLY A 11 -6.77 14.48 -6.35
N SER A 12 -6.52 14.55 -7.66
CA SER A 12 -7.30 13.88 -8.71
C SER A 12 -6.99 12.39 -8.87
N ALA A 13 -7.93 11.61 -9.37
CA ALA A 13 -7.75 10.17 -9.60
C ALA A 13 -6.57 9.87 -10.55
N GLU A 14 -6.37 10.70 -11.58
CA GLU A 14 -5.21 10.60 -12.49
C GLU A 14 -3.86 10.87 -11.82
N GLN A 15 -3.84 11.61 -10.71
CA GLN A 15 -2.66 11.85 -9.86
C GLN A 15 -2.46 10.69 -8.89
N LEU A 16 -3.53 10.23 -8.24
CA LEU A 16 -3.51 9.09 -7.33
C LEU A 16 -3.04 7.80 -8.02
N ASP A 17 -3.36 7.66 -9.31
CA ASP A 17 -2.87 6.53 -10.12
C ASP A 17 -1.34 6.62 -10.36
N ALA A 18 -0.87 7.84 -10.62
CA ALA A 18 0.56 8.11 -10.81
C ALA A 18 1.31 7.92 -9.48
N LEU A 19 0.61 8.13 -8.36
CA LEU A 19 1.08 7.94 -7.00
C LEU A 19 1.23 6.46 -6.62
N VAL A 20 0.25 5.59 -6.89
CA VAL A 20 0.47 4.13 -6.76
C VAL A 20 1.54 3.62 -7.73
N LYS A 21 1.77 4.33 -8.83
CA LYS A 21 2.84 4.09 -9.79
C LYS A 21 4.19 4.74 -9.44
N LYS A 22 4.34 5.37 -8.27
CA LYS A 22 5.63 5.86 -7.75
C LYS A 22 6.59 4.71 -7.45
N ASP A 23 6.16 3.74 -6.64
CA ASP A 23 6.98 2.63 -6.16
C ASP A 23 6.32 1.29 -6.51
N LYS A 24 7.01 0.18 -6.24
CA LYS A 24 6.44 -1.16 -6.43
C LYS A 24 5.58 -1.64 -5.27
N VAL A 25 5.76 -1.02 -4.10
CA VAL A 25 5.02 -1.30 -2.86
C VAL A 25 4.70 0.05 -2.30
N VAL A 26 3.46 0.47 -2.50
CA VAL A 26 3.04 1.80 -2.04
C VAL A 26 2.00 1.62 -0.96
N VAL A 27 2.36 2.04 0.25
CA VAL A 27 1.57 1.83 1.47
C VAL A 27 0.95 3.14 1.89
N PHE A 28 -0.18 3.07 2.58
CA PHE A 28 -1.12 4.18 2.67
C PHE A 28 -1.78 4.15 4.03
N LEU A 29 -1.39 5.03 4.94
CA LEU A 29 -1.94 5.03 6.29
C LEU A 29 -2.01 6.45 6.90
N LYS A 30 -2.93 6.67 7.83
CA LYS A 30 -3.10 7.96 8.54
C LYS A 30 -2.09 8.02 9.70
N GLY A 31 -0.81 7.99 9.33
CA GLY A 31 0.29 7.63 10.22
C GLY A 31 1.58 7.29 9.48
N THR A 32 2.57 6.77 10.20
CA THR A 32 3.86 6.28 9.64
C THR A 32 4.18 4.86 10.14
N PRO A 33 5.14 4.14 9.54
CA PRO A 33 5.46 2.78 9.98
C PRO A 33 6.11 2.74 11.36
N GLU A 34 6.96 3.74 11.64
CA GLU A 34 7.80 3.84 12.85
C GLU A 34 7.01 4.18 14.13
N GLN A 35 5.83 4.80 14.02
CA GLN A 35 4.95 5.11 15.14
C GLN A 35 3.50 4.65 14.88
N PRO A 36 2.84 3.88 15.76
CA PRO A 36 1.43 3.52 15.62
C PRO A 36 0.53 4.73 15.89
N GLN A 37 0.16 5.40 14.80
CA GLN A 37 -0.96 6.34 14.66
C GLN A 37 -2.21 5.92 15.47
N CYS A 38 -2.64 4.67 15.29
CA CYS A 38 -3.83 4.06 15.90
C CYS A 38 -3.67 2.53 15.90
N GLY A 39 -4.76 1.77 15.87
CA GLY A 39 -4.76 0.40 15.36
C GLY A 39 -4.29 0.31 13.90
N PHE A 40 -4.26 -0.91 13.37
CA PHE A 40 -4.03 -1.29 11.96
C PHE A 40 -2.65 -0.99 11.37
N SER A 41 -1.98 0.09 11.77
CA SER A 41 -0.80 0.64 11.09
C SER A 41 0.46 -0.21 11.27
N ASN A 42 0.60 -0.87 12.43
CA ASN A 42 1.64 -1.86 12.63
C ASN A 42 1.25 -3.23 12.07
N ALA A 43 -0.04 -3.59 12.06
CA ALA A 43 -0.50 -4.87 11.49
C ALA A 43 -0.09 -5.05 10.03
N VAL A 44 -0.23 -3.98 9.23
CA VAL A 44 0.16 -3.97 7.82
C VAL A 44 1.67 -3.98 7.61
N VAL A 45 2.41 -3.27 8.46
CA VAL A 45 3.87 -3.16 8.39
C VAL A 45 4.57 -4.41 8.94
N GLN A 46 3.99 -5.06 9.96
CA GLN A 46 4.36 -6.39 10.44
C GLN A 46 4.24 -7.41 9.31
N ILE A 47 3.13 -7.44 8.56
CA ILE A 47 3.00 -8.38 7.44
C ILE A 47 4.10 -8.15 6.39
N LEU A 48 4.37 -6.89 6.05
CA LEU A 48 5.44 -6.53 5.12
C LEU A 48 6.84 -6.98 5.60
N ARG A 49 7.28 -6.57 6.80
CA ARG A 49 8.57 -6.94 7.37
C ARG A 49 8.73 -8.45 7.65
N LEU A 50 7.66 -9.18 7.99
CA LEU A 50 7.65 -10.64 8.11
C LEU A 50 7.87 -11.33 6.76
N HIS A 51 7.33 -10.76 5.68
CA HIS A 51 7.64 -11.14 4.31
C HIS A 51 9.00 -10.61 3.81
N GLY A 52 9.78 -9.91 4.66
CA GLY A 52 11.10 -9.40 4.31
C GLY A 52 11.11 -8.02 3.62
N VAL A 53 9.95 -7.35 3.53
CA VAL A 53 9.74 -6.13 2.72
C VAL A 53 9.67 -4.88 3.58
N ARG A 54 10.56 -3.93 3.29
CA ARG A 54 10.68 -2.59 3.90
C ARG A 54 10.91 -1.47 2.87
N ASP A 55 11.23 -1.84 1.64
CA ASP A 55 11.30 -0.98 0.45
C ASP A 55 9.93 -0.57 -0.10
N TYR A 56 8.88 -0.53 0.73
CA TYR A 56 7.71 0.26 0.42
C TYR A 56 8.04 1.75 0.54
N ALA A 57 7.20 2.57 -0.08
CA ALA A 57 7.00 3.97 0.30
C ALA A 57 5.72 4.08 1.13
N ALA A 58 5.83 4.45 2.41
CA ALA A 58 4.68 4.51 3.32
C ALA A 58 4.08 5.94 3.32
N TYR A 59 2.98 6.17 2.61
CA TYR A 59 2.33 7.48 2.50
C TYR A 59 1.49 7.83 3.73
N ASN A 60 1.89 8.93 4.38
CA ASN A 60 1.18 9.59 5.45
C ASN A 60 0.03 10.45 4.92
N VAL A 61 -1.22 9.98 5.03
CA VAL A 61 -2.38 10.74 4.53
C VAL A 61 -2.84 11.88 5.47
N LEU A 62 -2.20 12.03 6.64
CA LEU A 62 -2.40 13.18 7.53
C LEU A 62 -1.69 14.45 7.01
N ASP A 63 -0.58 14.29 6.29
CA ASP A 63 0.27 15.39 5.79
C ASP A 63 -0.45 16.24 4.73
N ASP A 64 -1.10 15.57 3.77
CA ASP A 64 -1.87 16.17 2.69
C ASP A 64 -3.38 15.84 2.76
N PRO A 65 -4.28 16.83 2.92
CA PRO A 65 -5.71 16.58 2.82
C PRO A 65 -6.15 16.24 1.39
N GLU A 66 -5.32 16.56 0.40
CA GLU A 66 -5.43 16.13 -0.98
C GLU A 66 -5.14 14.64 -1.17
N LEU A 67 -4.17 14.09 -0.43
CA LEU A 67 -3.96 12.63 -0.37
C LEU A 67 -5.16 11.98 0.31
N ARG A 68 -5.62 12.59 1.42
CA ARG A 68 -6.76 12.13 2.22
C ARG A 68 -8.03 11.98 1.39
N GLN A 69 -8.45 13.05 0.71
CA GLN A 69 -9.62 13.04 -0.17
C GLN A 69 -9.39 12.20 -1.43
N GLY A 70 -8.19 12.30 -1.99
CA GLY A 70 -7.79 11.51 -3.15
C GLY A 70 -7.96 10.01 -2.93
N ILE A 71 -7.59 9.50 -1.74
CA ILE A 71 -7.66 8.08 -1.41
C ILE A 71 -9.05 7.65 -0.92
N LYS A 72 -9.77 8.55 -0.21
CA LYS A 72 -11.21 8.37 0.10
C LYS A 72 -12.03 8.14 -1.18
N ASP A 73 -11.74 8.89 -2.25
CA ASP A 73 -12.36 8.70 -3.56
C ASP A 73 -11.85 7.43 -4.27
N TYR A 74 -10.53 7.32 -4.52
CA TYR A 74 -9.92 6.26 -5.33
C TYR A 74 -10.20 4.85 -4.78
N SER A 75 -10.10 4.69 -3.47
CA SER A 75 -10.40 3.44 -2.73
C SER A 75 -11.84 3.37 -2.21
N ASN A 76 -12.68 4.37 -2.52
CA ASN A 76 -14.13 4.36 -2.28
C ASN A 76 -14.57 4.12 -0.80
N TRP A 77 -13.71 4.44 0.17
CA TRP A 77 -13.90 4.19 1.61
C TRP A 77 -13.63 5.46 2.43
N PRO A 78 -14.38 5.73 3.51
CA PRO A 78 -14.12 6.90 4.35
C PRO A 78 -12.77 6.83 5.09
N THR A 79 -12.35 5.66 5.58
CA THR A 79 -10.98 5.46 6.11
C THR A 79 -10.63 3.98 6.37
N ILE A 80 -9.65 3.47 5.64
CA ILE A 80 -8.89 2.24 5.84
C ILE A 80 -7.42 2.46 5.45
N PRO A 81 -6.42 1.98 6.21
CA PRO A 81 -5.05 1.94 5.74
C PRO A 81 -4.80 0.68 4.89
N GLN A 82 -3.96 0.77 3.86
CA GLN A 82 -3.97 -0.16 2.73
C GLN A 82 -2.61 -0.19 2.00
N VAL A 83 -2.49 -1.04 0.98
CA VAL A 83 -1.31 -1.08 0.10
C VAL A 83 -1.76 -1.19 -1.37
N TYR A 84 -0.94 -0.76 -2.32
CA TYR A 84 -0.98 -1.18 -3.74
C TYR A 84 0.35 -1.81 -4.15
N LEU A 85 0.29 -2.87 -4.95
CA LEU A 85 1.45 -3.52 -5.57
C LEU A 85 1.44 -3.31 -7.08
N ASN A 86 2.54 -2.79 -7.61
CA ASN A 86 2.73 -2.53 -9.04
C ASN A 86 1.68 -1.56 -9.63
N GLY A 87 1.24 -0.58 -8.83
CA GLY A 87 0.10 0.29 -9.04
C GLY A 87 -1.30 -0.32 -8.88
N GLU A 88 -1.43 -1.59 -8.52
CA GLU A 88 -2.68 -2.37 -8.54
C GLU A 88 -3.07 -2.91 -7.16
N PHE A 89 -4.38 -3.02 -6.93
CA PHE A 89 -4.95 -3.32 -5.64
C PHE A 89 -4.95 -4.78 -5.20
N VAL A 90 -4.83 -4.84 -3.89
CA VAL A 90 -4.37 -5.91 -3.03
C VAL A 90 -5.31 -5.96 -1.83
N GLY A 91 -5.49 -4.83 -1.14
CA GLY A 91 -6.61 -4.58 -0.24
C GLY A 91 -6.29 -3.67 0.95
N GLY A 92 -7.33 -3.35 1.73
CA GLY A 92 -7.23 -2.74 3.06
C GLY A 92 -6.69 -3.71 4.11
N CYS A 93 -6.40 -3.21 5.33
CA CYS A 93 -5.83 -4.02 6.41
C CYS A 93 -6.63 -5.28 6.74
N ASP A 94 -7.97 -5.24 6.71
CA ASP A 94 -8.79 -6.43 7.00
C ASP A 94 -8.67 -7.49 5.90
N ILE A 95 -8.43 -7.09 4.65
CA ILE A 95 -8.18 -7.99 3.51
C ILE A 95 -6.77 -8.57 3.58
N LEU A 96 -5.78 -7.72 3.89
CA LEU A 96 -4.40 -8.15 4.12
C LEU A 96 -4.31 -9.24 5.21
N LEU A 97 -5.19 -9.18 6.22
CA LEU A 97 -5.32 -10.15 7.31
C LEU A 97 -5.90 -11.51 6.87
N GLN A 98 -6.58 -11.56 5.72
CA GLN A 98 -6.96 -12.80 5.07
C GLN A 98 -5.79 -13.32 4.24
N MET A 99 -5.29 -12.46 3.33
CA MET A 99 -4.38 -12.83 2.26
C MET A 99 -2.97 -13.21 2.74
N HIS A 100 -2.52 -12.62 3.85
CA HIS A 100 -1.27 -13.02 4.54
C HIS A 100 -1.31 -14.49 4.90
N GLN A 101 -2.44 -14.83 5.51
CA GLN A 101 -2.61 -15.98 6.36
C GLN A 101 -3.10 -17.19 5.52
N ASN A 102 -3.69 -16.92 4.34
CA ASN A 102 -3.79 -17.84 3.22
C ASN A 102 -2.50 -17.92 2.38
N GLY A 103 -1.74 -16.81 2.22
CA GLY A 103 -0.46 -16.78 1.49
C GLY A 103 -0.60 -16.35 0.03
N ASP A 104 -1.66 -15.63 -0.32
CA ASP A 104 -1.86 -15.06 -1.67
C ASP A 104 -1.03 -13.79 -1.93
N LEU A 105 -0.46 -13.19 -0.88
CA LEU A 105 0.42 -12.01 -0.99
C LEU A 105 1.77 -12.41 -1.59
N VAL A 106 2.10 -13.68 -1.42
CA VAL A 106 3.35 -14.33 -1.78
C VAL A 106 3.39 -14.53 -3.29
N GLU A 107 2.27 -14.94 -3.87
CA GLU A 107 2.04 -15.11 -5.31
C GLU A 107 1.91 -13.75 -6.03
N GLU A 108 1.56 -12.68 -5.30
CA GLU A 108 1.64 -11.29 -5.77
C GLU A 108 3.10 -10.79 -5.77
N LEU A 109 3.85 -10.99 -4.67
CA LEU A 109 5.28 -10.66 -4.59
C LEU A 109 6.10 -11.42 -5.67
N LYS A 110 5.71 -12.68 -5.94
CA LYS A 110 6.14 -13.54 -7.07
C LYS A 110 6.16 -12.82 -8.41
N LYS A 111 5.07 -12.11 -8.76
CA LYS A 111 4.92 -11.35 -10.01
C LYS A 111 5.88 -10.17 -10.14
N LEU A 112 6.32 -9.60 -9.01
CA LEU A 112 7.31 -8.53 -8.94
C LEU A 112 8.75 -9.08 -8.87
N GLY A 113 8.88 -10.41 -8.78
CA GLY A 113 10.14 -11.12 -8.53
C GLY A 113 10.62 -11.07 -7.07
N ILE A 114 9.86 -10.46 -6.16
CA ILE A 114 10.25 -10.27 -4.77
C ILE A 114 10.13 -11.58 -3.97
N HIS A 115 11.20 -11.88 -3.24
CA HIS A 115 11.28 -12.99 -2.30
C HIS A 115 10.59 -12.65 -0.97
N SER A 116 9.44 -13.29 -0.71
CA SER A 116 8.91 -13.45 0.64
C SER A 116 9.91 -14.21 1.52
N ALA A 117 10.36 -13.64 2.62
CA ALA A 117 11.26 -14.28 3.60
C ALA A 117 10.75 -15.64 4.10
N LEU A 118 9.44 -15.90 4.00
CA LEU A 118 8.77 -17.14 4.35
C LEU A 118 8.95 -18.26 3.30
N LEU A 119 9.67 -18.01 2.20
CA LEU A 119 9.89 -18.93 1.08
C LEU A 119 10.53 -20.26 1.49
N ASP A 120 11.42 -20.23 2.48
CA ASP A 120 12.21 -21.37 2.95
C ASP A 120 11.91 -21.74 4.42
N GLU A 121 10.69 -21.42 4.87
CA GLU A 121 10.29 -21.37 6.27
C GLU A 121 9.29 -22.46 6.68
N GLY A 1 12.71 11.05 -24.46
CA GLY A 1 13.65 10.32 -23.60
C GLY A 1 13.49 10.76 -22.17
N SER A 2 13.37 9.82 -21.23
CA SER A 2 13.19 10.04 -19.78
C SER A 2 12.05 11.03 -19.40
N PHE A 3 11.00 11.12 -20.22
CA PHE A 3 9.86 12.02 -20.01
C PHE A 3 9.03 11.65 -18.77
N THR A 4 8.29 12.63 -18.23
CA THR A 4 7.47 12.50 -17.02
C THR A 4 6.00 12.17 -17.33
N MET A 5 5.29 11.58 -16.36
CA MET A 5 3.90 11.10 -16.47
C MET A 5 2.84 12.16 -16.81
N GLY A 6 3.12 13.45 -16.59
CA GLY A 6 2.27 14.57 -17.06
C GLY A 6 0.92 14.76 -16.35
N ALA A 7 0.77 14.26 -15.13
CA ALA A 7 -0.44 14.34 -14.31
C ALA A 7 -0.26 15.20 -13.04
N GLY A 8 -1.37 15.64 -12.45
CA GLY A 8 -1.40 16.49 -11.26
C GLY A 8 -2.81 16.92 -10.88
N GLY A 9 -2.93 17.67 -9.78
CA GLY A 9 -4.18 18.04 -9.13
C GLY A 9 -4.39 17.21 -7.87
N GLY A 10 -4.56 17.89 -6.72
CA GLY A 10 -4.69 17.24 -5.42
C GLY A 10 -5.87 16.27 -5.38
N GLY A 11 -5.60 15.00 -5.07
CA GLY A 11 -6.59 13.94 -4.95
C GLY A 11 -7.21 13.44 -6.26
N SER A 12 -6.73 13.93 -7.40
CA SER A 12 -7.22 13.57 -8.73
C SER A 12 -6.82 12.15 -9.12
N ALA A 13 -7.70 11.42 -9.81
CA ALA A 13 -7.48 10.01 -10.12
C ALA A 13 -6.20 9.76 -10.96
N GLU A 14 -5.94 10.61 -11.96
CA GLU A 14 -4.70 10.61 -12.75
C GLU A 14 -3.44 10.93 -11.92
N GLN A 15 -3.57 11.65 -10.80
CA GLN A 15 -2.46 11.89 -9.88
C GLN A 15 -2.24 10.68 -8.98
N LEU A 16 -3.29 10.19 -8.33
CA LEU A 16 -3.28 8.93 -7.56
C LEU A 16 -2.69 7.75 -8.35
N ASP A 17 -2.89 7.69 -9.68
CA ASP A 17 -2.25 6.68 -10.54
C ASP A 17 -0.71 6.80 -10.49
N ALA A 18 -0.17 8.01 -10.71
CA ALA A 18 1.26 8.27 -10.59
C ALA A 18 1.76 8.03 -9.17
N LEU A 19 0.90 8.29 -8.18
CA LEU A 19 1.13 8.15 -6.75
C LEU A 19 1.38 6.69 -6.35
N VAL A 20 0.60 5.74 -6.91
CA VAL A 20 0.91 4.31 -6.76
C VAL A 20 2.05 3.85 -7.67
N LYS A 21 2.31 4.51 -8.79
CA LYS A 21 3.38 4.17 -9.72
C LYS A 21 4.77 4.72 -9.37
N LYS A 22 4.89 5.37 -8.21
CA LYS A 22 6.17 5.66 -7.53
C LYS A 22 7.02 4.42 -7.32
N ASP A 23 6.38 3.28 -7.04
CA ASP A 23 7.08 2.08 -6.57
C ASP A 23 6.37 0.79 -6.97
N LYS A 24 6.97 -0.34 -6.62
CA LYS A 24 6.29 -1.64 -6.57
C LYS A 24 5.50 -1.85 -5.30
N VAL A 25 5.84 -1.15 -4.21
CA VAL A 25 5.09 -1.18 -2.95
C VAL A 25 4.86 0.23 -2.48
N VAL A 26 3.61 0.59 -2.32
CA VAL A 26 3.17 1.89 -1.80
C VAL A 26 2.09 1.69 -0.77
N VAL A 27 2.38 2.17 0.42
CA VAL A 27 1.62 1.96 1.64
C VAL A 27 1.00 3.27 2.06
N PHE A 28 -0.21 3.20 2.59
CA PHE A 28 -1.12 4.33 2.65
C PHE A 28 -1.84 4.31 3.98
N LEU A 29 -1.45 5.19 4.91
CA LEU A 29 -1.93 5.11 6.27
C LEU A 29 -1.90 6.47 6.97
N LYS A 30 -2.80 6.74 7.93
CA LYS A 30 -2.81 8.01 8.67
C LYS A 30 -1.65 8.04 9.69
N GLY A 31 -0.37 7.94 9.30
CA GLY A 31 0.73 7.60 10.22
C GLY A 31 2.05 7.31 9.49
N THR A 32 3.08 6.88 10.24
CA THR A 32 4.33 6.35 9.65
C THR A 32 4.55 4.87 10.01
N PRO A 33 5.42 4.13 9.29
CA PRO A 33 5.73 2.75 9.62
C PRO A 33 6.71 2.64 10.81
N GLU A 34 7.57 3.64 11.00
CA GLU A 34 8.51 3.73 12.13
C GLU A 34 7.80 4.04 13.46
N GLN A 35 6.72 4.82 13.42
CA GLN A 35 5.83 5.14 14.52
C GLN A 35 4.36 4.98 14.07
N PRO A 36 3.81 3.76 14.14
CA PRO A 36 2.41 3.49 13.78
C PRO A 36 1.46 4.33 14.63
N GLN A 37 0.52 5.03 13.97
CA GLN A 37 -0.33 6.04 14.59
C GLN A 37 -1.29 5.43 15.64
N CYS A 38 -1.90 4.31 15.22
CA CYS A 38 -3.04 3.61 15.79
C CYS A 38 -3.00 2.14 15.29
N GLY A 39 -3.78 1.23 15.89
CA GLY A 39 -3.76 -0.24 15.68
C GLY A 39 -3.50 -0.74 14.26
N PHE A 40 -4.17 -0.15 13.26
CA PHE A 40 -4.15 -0.69 11.90
C PHE A 40 -2.85 -0.42 11.14
N SER A 41 -2.12 0.66 11.47
CA SER A 41 -0.85 0.97 10.79
C SER A 41 0.26 -0.01 11.13
N ASN A 42 0.29 -0.56 12.34
CA ASN A 42 1.24 -1.62 12.68
C ASN A 42 0.81 -2.95 12.07
N ALA A 43 -0.49 -3.23 12.01
CA ALA A 43 -1.02 -4.49 11.47
C ALA A 43 -0.58 -4.74 10.03
N VAL A 44 -0.59 -3.70 9.19
CA VAL A 44 -0.12 -3.75 7.82
C VAL A 44 1.41 -3.77 7.69
N VAL A 45 2.11 -3.01 8.53
CA VAL A 45 3.59 -2.90 8.49
C VAL A 45 4.26 -4.16 9.02
N GLN A 46 3.66 -4.82 10.02
CA GLN A 46 4.01 -6.15 10.48
C GLN A 46 3.91 -7.18 9.34
N ILE A 47 2.79 -7.23 8.61
CA ILE A 47 2.65 -8.23 7.53
C ILE A 47 3.69 -8.02 6.44
N LEU A 48 3.96 -6.77 6.07
CA LEU A 48 5.00 -6.42 5.09
C LEU A 48 6.41 -6.85 5.55
N ARG A 49 6.88 -6.36 6.71
CA ARG A 49 8.20 -6.68 7.25
C ARG A 49 8.44 -8.15 7.59
N LEU A 50 7.38 -8.91 7.94
CA LEU A 50 7.42 -10.37 8.08
C LEU A 50 7.64 -11.06 6.74
N HIS A 51 7.01 -10.57 5.68
CA HIS A 51 7.25 -11.00 4.30
C HIS A 51 8.59 -10.51 3.72
N GLY A 52 9.40 -9.77 4.47
CA GLY A 52 10.70 -9.25 4.00
C GLY A 52 10.63 -7.84 3.38
N VAL A 53 9.45 -7.22 3.34
CA VAL A 53 9.21 -5.96 2.61
C VAL A 53 9.27 -4.76 3.56
N ARG A 54 10.26 -3.88 3.35
CA ARG A 54 10.40 -2.59 4.05
C ARG A 54 10.60 -1.42 3.09
N ASP A 55 10.69 -1.79 1.83
CA ASP A 55 11.05 -1.04 0.66
C ASP A 55 9.82 -0.48 -0.08
N TYR A 56 8.71 -0.30 0.65
CA TYR A 56 7.59 0.51 0.23
C TYR A 56 7.95 2.00 0.26
N ALA A 57 7.09 2.81 -0.35
CA ALA A 57 6.95 4.21 0.00
C ALA A 57 5.71 4.35 0.89
N ALA A 58 5.89 4.74 2.16
CA ALA A 58 4.79 4.86 3.11
C ALA A 58 4.24 6.30 3.08
N TYR A 59 3.05 6.51 2.52
CA TYR A 59 2.30 7.75 2.50
C TYR A 59 1.53 7.98 3.79
N ASN A 60 1.94 9.01 4.53
CA ASN A 60 1.25 9.53 5.67
C ASN A 60 0.09 10.46 5.27
N VAL A 61 -1.15 9.94 5.32
CA VAL A 61 -2.37 10.67 4.91
C VAL A 61 -3.01 11.56 6.00
N LEU A 62 -2.30 11.80 7.10
CA LEU A 62 -2.64 12.86 8.07
C LEU A 62 -2.23 14.25 7.55
N ASP A 63 -1.15 14.34 6.79
CA ASP A 63 -0.52 15.61 6.41
C ASP A 63 -1.28 16.38 5.32
N ASP A 64 -1.68 15.67 4.26
CA ASP A 64 -2.38 16.24 3.12
C ASP A 64 -3.85 15.77 3.06
N PRO A 65 -4.84 16.68 3.14
CA PRO A 65 -6.23 16.33 2.91
C PRO A 65 -6.48 15.92 1.45
N GLU A 66 -5.62 16.34 0.53
CA GLU A 66 -5.54 15.91 -0.85
C GLU A 66 -5.27 14.40 -0.98
N LEU A 67 -4.26 13.91 -0.26
CA LEU A 67 -4.00 12.46 -0.12
C LEU A 67 -5.21 11.79 0.53
N ARG A 68 -5.76 12.40 1.59
CA ARG A 68 -6.88 11.84 2.39
C ARG A 68 -8.14 11.61 1.54
N GLN A 69 -8.63 12.64 0.87
CA GLN A 69 -9.79 12.57 -0.04
C GLN A 69 -9.48 11.70 -1.24
N GLY A 70 -8.31 11.91 -1.82
CA GLY A 70 -7.83 11.16 -2.97
C GLY A 70 -7.86 9.65 -2.72
N ILE A 71 -7.43 9.20 -1.54
CA ILE A 71 -7.29 7.79 -1.20
C ILE A 71 -8.61 7.19 -0.69
N LYS A 72 -9.43 7.96 0.02
CA LYS A 72 -10.79 7.56 0.42
C LYS A 72 -11.67 7.31 -0.80
N ASP A 73 -11.57 8.12 -1.86
CA ASP A 73 -12.30 7.86 -3.12
C ASP A 73 -11.66 6.70 -3.91
N TYR A 74 -10.35 6.75 -4.18
CA TYR A 74 -9.67 5.72 -5.00
C TYR A 74 -9.76 4.31 -4.40
N SER A 75 -9.65 4.18 -3.07
CA SER A 75 -9.82 2.92 -2.32
C SER A 75 -11.28 2.62 -1.93
N ASN A 76 -12.20 3.56 -2.23
CA ASN A 76 -13.63 3.50 -1.94
C ASN A 76 -14.06 3.35 -0.46
N TRP A 77 -13.20 3.61 0.54
CA TRP A 77 -13.48 3.36 1.96
C TRP A 77 -13.38 4.64 2.81
N PRO A 78 -14.29 4.85 3.79
CA PRO A 78 -14.28 6.02 4.66
C PRO A 78 -13.01 6.21 5.50
N THR A 79 -12.45 5.15 6.09
CA THR A 79 -11.25 5.21 6.96
C THR A 79 -10.65 3.83 7.25
N ILE A 80 -9.87 3.31 6.31
CA ILE A 80 -9.00 2.12 6.41
C ILE A 80 -7.64 2.42 5.76
N PRO A 81 -6.49 1.83 6.18
CA PRO A 81 -5.23 1.95 5.45
C PRO A 81 -5.04 0.84 4.40
N GLN A 82 -4.26 1.11 3.34
CA GLN A 82 -4.13 0.25 2.15
C GLN A 82 -2.66 -0.07 1.81
N VAL A 83 -2.46 -1.05 0.93
CA VAL A 83 -1.24 -1.20 0.16
C VAL A 83 -1.59 -1.47 -1.31
N TYR A 84 -0.89 -0.77 -2.21
CA TYR A 84 -0.96 -1.00 -3.65
C TYR A 84 0.37 -1.64 -4.09
N LEU A 85 0.31 -2.69 -4.92
CA LEU A 85 1.48 -3.37 -5.46
C LEU A 85 1.57 -3.18 -6.97
N ASN A 86 2.74 -2.82 -7.51
CA ASN A 86 2.93 -2.57 -8.96
C ASN A 86 1.93 -1.54 -9.53
N GLY A 87 1.51 -0.57 -8.72
CA GLY A 87 0.42 0.36 -9.03
C GLY A 87 -1.01 -0.22 -9.10
N GLU A 88 -1.25 -1.38 -8.49
CA GLU A 88 -2.52 -2.11 -8.53
C GLU A 88 -3.07 -2.38 -7.12
N PHE A 89 -4.39 -2.37 -7.01
CA PHE A 89 -5.13 -2.50 -5.76
C PHE A 89 -5.41 -3.96 -5.39
N VAL A 90 -5.20 -4.17 -4.11
CA VAL A 90 -4.46 -5.31 -3.57
C VAL A 90 -4.92 -5.53 -2.14
N GLY A 91 -5.04 -4.44 -1.37
CA GLY A 91 -6.16 -4.34 -0.44
C GLY A 91 -6.03 -3.30 0.65
N GLY A 92 -7.11 -3.13 1.42
CA GLY A 92 -7.08 -2.50 2.74
C GLY A 92 -6.67 -3.47 3.85
N CYS A 93 -6.45 -2.98 5.07
CA CYS A 93 -5.98 -3.78 6.20
C CYS A 93 -6.87 -5.01 6.53
N ASP A 94 -8.19 -4.91 6.42
CA ASP A 94 -9.14 -5.99 6.74
C ASP A 94 -9.19 -7.07 5.64
N ILE A 95 -8.71 -6.74 4.44
CA ILE A 95 -8.47 -7.66 3.32
C ILE A 95 -7.07 -8.29 3.43
N LEU A 96 -6.06 -7.49 3.75
CA LEU A 96 -4.68 -7.97 3.98
C LEU A 96 -4.64 -9.10 5.01
N LEU A 97 -5.50 -9.02 6.03
CA LEU A 97 -5.63 -10.00 7.12
C LEU A 97 -6.22 -11.35 6.65
N GLN A 98 -6.94 -11.35 5.52
CA GLN A 98 -7.35 -12.57 4.85
C GLN A 98 -6.19 -13.11 4.00
N MET A 99 -5.67 -12.24 3.12
CA MET A 99 -4.75 -12.63 2.05
C MET A 99 -3.38 -13.07 2.55
N HIS A 100 -2.93 -12.54 3.69
CA HIS A 100 -1.71 -13.00 4.39
C HIS A 100 -1.76 -14.51 4.67
N GLN A 101 -2.91 -14.89 5.21
CA GLN A 101 -3.12 -16.08 5.98
C GLN A 101 -3.61 -17.23 5.08
N ASN A 102 -4.20 -16.87 3.93
CA ASN A 102 -4.39 -17.72 2.75
C ASN A 102 -3.17 -17.73 1.81
N GLY A 103 -2.28 -16.72 1.84
CA GLY A 103 -1.00 -16.76 1.13
C GLY A 103 -1.10 -16.19 -0.29
N ASP A 104 -2.18 -15.49 -0.58
CA ASP A 104 -2.45 -14.81 -1.85
C ASP A 104 -1.59 -13.55 -2.03
N LEU A 105 -0.87 -13.09 -0.99
CA LEU A 105 0.09 -11.99 -1.10
C LEU A 105 1.40 -12.48 -1.71
N VAL A 106 1.72 -13.73 -1.41
CA VAL A 106 3.00 -14.41 -1.70
C VAL A 106 3.12 -14.67 -3.20
N GLU A 107 1.99 -15.00 -3.84
CA GLU A 107 1.89 -15.14 -5.30
C GLU A 107 1.95 -13.78 -6.00
N GLU A 108 1.33 -12.76 -5.40
CA GLU A 108 1.44 -11.37 -5.88
C GLU A 108 2.89 -10.85 -5.80
N LEU A 109 3.64 -11.19 -4.73
CA LEU A 109 5.07 -10.89 -4.59
C LEU A 109 5.92 -11.59 -5.67
N LYS A 110 5.56 -12.83 -6.07
CA LYS A 110 6.27 -13.60 -7.11
C LYS A 110 6.20 -12.95 -8.50
N LYS A 111 5.12 -12.22 -8.85
CA LYS A 111 5.04 -11.41 -10.09
C LYS A 111 6.16 -10.36 -10.16
N LEU A 112 6.42 -9.69 -9.03
CA LEU A 112 7.40 -8.64 -8.85
C LEU A 112 8.85 -9.13 -8.70
N GLY A 113 9.07 -10.45 -8.73
CA GLY A 113 10.36 -11.07 -8.44
C GLY A 113 10.75 -11.01 -6.95
N ILE A 114 9.83 -10.60 -6.06
CA ILE A 114 10.09 -10.51 -4.63
C ILE A 114 9.97 -11.88 -3.97
N HIS A 115 10.85 -12.14 -3.03
CA HIS A 115 10.82 -13.27 -2.14
C HIS A 115 10.07 -12.93 -0.85
N SER A 116 8.94 -13.60 -0.58
CA SER A 116 8.36 -13.65 0.75
C SER A 116 9.33 -14.34 1.69
N ALA A 117 9.92 -13.63 2.64
CA ALA A 117 10.95 -14.14 3.57
C ALA A 117 10.51 -15.34 4.42
N LEU A 118 9.21 -15.66 4.45
CA LEU A 118 8.61 -16.86 5.02
C LEU A 118 9.04 -18.15 4.29
N LEU A 119 9.47 -18.01 3.02
CA LEU A 119 10.09 -19.03 2.18
C LEU A 119 11.53 -19.35 2.59
N ASP A 120 12.21 -18.48 3.34
CA ASP A 120 13.67 -18.51 3.58
C ASP A 120 14.07 -19.18 4.90
N GLU A 121 13.14 -19.93 5.48
CA GLU A 121 13.25 -20.67 6.76
C GLU A 121 12.66 -22.07 6.74
N GLY A 1 -1.77 -8.37 -16.35
CA GLY A 1 -1.95 -8.08 -14.93
C GLY A 1 -1.77 -6.59 -14.63
N SER A 2 -0.75 -6.24 -13.84
CA SER A 2 -0.57 -4.88 -13.28
C SER A 2 0.02 -3.88 -14.26
N PHE A 3 -0.49 -2.64 -14.23
CA PHE A 3 -0.29 -1.62 -15.26
C PHE A 3 1.13 -1.01 -15.32
N THR A 4 1.46 -0.41 -16.46
CA THR A 4 2.81 0.09 -16.83
C THR A 4 3.21 1.37 -16.11
N MET A 5 2.51 2.43 -16.48
CA MET A 5 2.93 3.83 -16.31
C MET A 5 2.01 4.65 -15.40
N GLY A 6 0.71 4.40 -15.47
CA GLY A 6 -0.35 5.18 -14.81
C GLY A 6 -0.80 6.42 -15.58
N ALA A 7 -2.01 6.90 -15.28
CA ALA A 7 -2.72 7.93 -16.05
C ALA A 7 -2.24 9.40 -15.85
N GLY A 8 -1.25 9.63 -14.98
CA GLY A 8 -0.46 10.88 -14.93
C GLY A 8 -1.20 12.18 -14.58
N GLY A 9 -2.34 12.11 -13.88
CA GLY A 9 -3.21 13.26 -13.63
C GLY A 9 -2.66 14.31 -12.64
N GLY A 10 -3.30 15.47 -12.62
CA GLY A 10 -3.20 16.51 -11.58
C GLY A 10 -4.52 16.62 -10.83
N GLY A 11 -4.62 15.96 -9.67
CA GLY A 11 -5.88 15.62 -9.00
C GLY A 11 -6.69 14.56 -9.75
N SER A 12 -7.81 14.18 -9.14
CA SER A 12 -8.69 13.07 -9.52
C SER A 12 -8.00 11.68 -9.47
N ALA A 13 -8.75 10.62 -9.73
CA ALA A 13 -8.30 9.24 -9.66
C ALA A 13 -7.12 8.93 -10.60
N GLU A 14 -6.96 9.66 -11.70
CA GLU A 14 -5.79 9.59 -12.60
C GLU A 14 -4.48 10.16 -12.00
N GLN A 15 -4.55 11.05 -11.01
CA GLN A 15 -3.39 11.46 -10.20
C GLN A 15 -3.03 10.38 -9.18
N LEU A 16 -4.02 9.89 -8.45
CA LEU A 16 -3.86 8.84 -7.45
C LEU A 16 -3.34 7.53 -8.07
N ASP A 17 -3.66 7.27 -9.34
CA ASP A 17 -3.09 6.16 -10.13
C ASP A 17 -1.57 6.32 -10.35
N ALA A 18 -1.15 7.55 -10.67
CA ALA A 18 0.27 7.84 -10.86
C ALA A 18 1.00 7.80 -9.51
N LEU A 19 0.29 8.13 -8.43
CA LEU A 19 0.72 7.99 -7.04
C LEU A 19 0.92 6.52 -6.63
N VAL A 20 0.00 5.59 -6.92
CA VAL A 20 0.29 4.14 -6.73
C VAL A 20 1.38 3.62 -7.66
N LYS A 21 1.67 4.32 -8.76
CA LYS A 21 2.77 4.01 -9.68
C LYS A 21 4.11 4.67 -9.36
N LYS A 22 4.24 5.36 -8.23
CA LYS A 22 5.56 5.84 -7.71
C LYS A 22 6.48 4.70 -7.33
N ASP A 23 5.96 3.72 -6.59
CA ASP A 23 6.72 2.57 -6.11
C ASP A 23 6.05 1.26 -6.53
N LYS A 24 6.68 0.15 -6.16
CA LYS A 24 6.15 -1.20 -6.33
C LYS A 24 5.41 -1.73 -5.10
N VAL A 25 5.56 -1.05 -3.98
CA VAL A 25 4.99 -1.41 -2.68
C VAL A 25 4.57 -0.08 -2.06
N VAL A 26 3.46 0.43 -2.56
CA VAL A 26 2.99 1.73 -2.07
C VAL A 26 2.00 1.49 -0.95
N VAL A 27 2.37 1.91 0.25
CA VAL A 27 1.60 1.73 1.49
C VAL A 27 0.97 3.04 1.89
N PHE A 28 -0.20 2.95 2.50
CA PHE A 28 -1.15 4.05 2.59
C PHE A 28 -1.87 4.00 3.91
N LEU A 29 -1.63 4.98 4.79
CA LEU A 29 -2.22 4.96 6.11
C LEU A 29 -2.30 6.40 6.68
N LYS A 30 -3.25 6.72 7.58
CA LYS A 30 -3.27 8.04 8.25
C LYS A 30 -2.17 8.06 9.33
N GLY A 31 -0.90 7.92 8.99
CA GLY A 31 0.15 7.55 9.97
C GLY A 31 1.49 7.24 9.30
N THR A 32 2.47 6.77 10.08
CA THR A 32 3.80 6.36 9.57
C THR A 32 4.10 4.91 9.98
N PRO A 33 5.09 4.23 9.35
CA PRO A 33 5.45 2.87 9.74
C PRO A 33 6.25 2.83 11.05
N GLU A 34 6.91 3.95 11.39
CA GLU A 34 7.60 4.13 12.67
C GLU A 34 6.67 4.57 13.82
N GLN A 35 5.48 5.12 13.51
CA GLN A 35 4.41 5.47 14.42
C GLN A 35 3.03 5.08 13.84
N PRO A 36 2.63 3.79 13.96
CA PRO A 36 1.30 3.31 13.58
C PRO A 36 0.23 4.08 14.37
N GLN A 37 -0.50 4.95 13.66
CA GLN A 37 -1.28 6.05 14.26
C GLN A 37 -2.31 5.56 15.29
N CYS A 38 -3.00 4.48 14.92
CA CYS A 38 -4.21 3.93 15.52
C CYS A 38 -4.35 2.44 15.11
N GLY A 39 -4.83 1.56 15.99
CA GLY A 39 -5.43 0.28 15.60
C GLY A 39 -4.61 -0.59 14.63
N PHE A 40 -5.27 -1.02 13.57
CA PHE A 40 -4.76 -1.77 12.41
C PHE A 40 -3.62 -1.18 11.55
N SER A 41 -3.05 -0.03 11.88
CA SER A 41 -1.95 0.57 11.08
C SER A 41 -0.60 -0.15 11.17
N ASN A 42 -0.33 -0.90 12.23
CA ASN A 42 0.86 -1.75 12.32
C ASN A 42 0.67 -3.07 11.61
N ALA A 43 -0.55 -3.58 11.50
CA ALA A 43 -0.81 -4.92 10.94
C ALA A 43 -0.33 -5.04 9.50
N VAL A 44 -0.38 -3.96 8.72
CA VAL A 44 0.19 -3.90 7.40
C VAL A 44 1.72 -3.91 7.40
N VAL A 45 2.35 -3.21 8.36
CA VAL A 45 3.81 -3.09 8.48
C VAL A 45 4.42 -4.37 9.09
N GLN A 46 3.72 -5.01 10.02
CA GLN A 46 3.95 -6.37 10.51
C GLN A 46 3.96 -7.38 9.36
N ILE A 47 2.92 -7.42 8.53
CA ILE A 47 2.85 -8.41 7.44
C ILE A 47 3.98 -8.17 6.43
N LEU A 48 4.26 -6.91 6.08
CA LEU A 48 5.40 -6.54 5.21
C LEU A 48 6.75 -6.98 5.78
N ARG A 49 7.14 -6.53 6.99
CA ARG A 49 8.40 -6.91 7.64
C ARG A 49 8.56 -8.41 7.91
N LEU A 50 7.47 -9.15 8.19
CA LEU A 50 7.46 -10.61 8.31
C LEU A 50 7.74 -11.29 6.96
N HIS A 51 7.21 -10.75 5.87
CA HIS A 51 7.54 -11.16 4.50
C HIS A 51 8.91 -10.64 4.04
N GLY A 52 9.65 -9.92 4.89
CA GLY A 52 11.00 -9.42 4.59
C GLY A 52 11.04 -8.04 3.92
N VAL A 53 9.88 -7.40 3.69
CA VAL A 53 9.76 -6.23 2.83
C VAL A 53 9.76 -4.93 3.63
N ARG A 54 10.72 -4.05 3.32
CA ARG A 54 10.93 -2.73 3.92
C ARG A 54 11.09 -1.62 2.88
N ASP A 55 11.27 -1.99 1.62
CA ASP A 55 11.43 -1.09 0.47
C ASP A 55 10.10 -0.52 -0.07
N TYR A 56 9.04 -0.52 0.73
CA TYR A 56 7.82 0.23 0.44
C TYR A 56 8.09 1.74 0.56
N ALA A 57 7.19 2.51 -0.04
CA ALA A 57 6.98 3.91 0.31
C ALA A 57 5.72 3.99 1.17
N ALA A 58 5.85 4.43 2.43
CA ALA A 58 4.71 4.51 3.35
C ALA A 58 4.13 5.94 3.35
N TYR A 59 2.98 6.15 2.70
CA TYR A 59 2.29 7.44 2.57
C TYR A 59 1.42 7.76 3.77
N ASN A 60 1.76 8.84 4.47
CA ASN A 60 0.97 9.40 5.52
C ASN A 60 -0.10 10.35 5.00
N VAL A 61 -1.36 9.90 5.03
CA VAL A 61 -2.50 10.71 4.57
C VAL A 61 -3.04 11.70 5.62
N LEU A 62 -2.35 11.90 6.76
CA LEU A 62 -2.57 13.05 7.66
C LEU A 62 -1.78 14.30 7.21
N ASP A 63 -0.61 14.08 6.59
CA ASP A 63 0.40 15.12 6.35
C ASP A 63 0.06 16.06 5.19
N ASP A 64 -0.58 15.49 4.16
CA ASP A 64 -1.09 16.20 2.98
C ASP A 64 -2.62 16.14 2.88
N PRO A 65 -3.33 17.28 2.81
CA PRO A 65 -4.79 17.31 2.68
C PRO A 65 -5.25 16.75 1.32
N GLU A 66 -4.44 16.91 0.28
CA GLU A 66 -4.65 16.37 -1.05
C GLU A 66 -4.62 14.84 -1.08
N LEU A 67 -3.74 14.23 -0.26
CA LEU A 67 -3.70 12.78 -0.06
C LEU A 67 -4.92 12.33 0.76
N ARG A 68 -5.23 13.04 1.85
CA ARG A 68 -6.36 12.76 2.75
C ARG A 68 -7.69 12.69 1.98
N GLN A 69 -8.01 13.78 1.28
CA GLN A 69 -9.18 13.86 0.41
C GLN A 69 -9.08 12.87 -0.75
N GLY A 70 -7.92 12.84 -1.39
CA GLY A 70 -7.67 12.00 -2.54
C GLY A 70 -7.91 10.51 -2.28
N ILE A 71 -7.63 10.01 -1.07
CA ILE A 71 -7.75 8.61 -0.70
C ILE A 71 -9.10 8.28 -0.06
N LYS A 72 -9.68 9.22 0.71
CA LYS A 72 -11.09 9.12 1.14
C LYS A 72 -12.03 9.00 -0.07
N ASP A 73 -11.71 9.72 -1.16
CA ASP A 73 -12.42 9.67 -2.43
C ASP A 73 -12.10 8.39 -3.25
N TYR A 74 -10.82 8.16 -3.63
CA TYR A 74 -10.40 7.02 -4.45
C TYR A 74 -10.84 5.67 -3.87
N SER A 75 -10.72 5.48 -2.54
CA SER A 75 -11.12 4.23 -1.87
C SER A 75 -12.53 4.27 -1.28
N ASN A 76 -13.29 5.37 -1.43
CA ASN A 76 -14.68 5.52 -0.95
C ASN A 76 -14.87 5.28 0.58
N TRP A 77 -13.80 5.31 1.37
CA TRP A 77 -13.77 4.93 2.79
C TRP A 77 -13.08 6.01 3.65
N PRO A 78 -13.58 6.33 4.86
CA PRO A 78 -12.99 7.36 5.71
C PRO A 78 -11.58 7.01 6.22
N THR A 79 -11.30 5.73 6.53
CA THR A 79 -9.94 5.23 6.82
C THR A 79 -9.84 3.71 6.70
N ILE A 80 -8.90 3.23 5.89
CA ILE A 80 -8.39 1.85 5.88
C ILE A 80 -6.89 1.89 5.55
N PRO A 81 -5.98 1.20 6.27
CA PRO A 81 -4.62 1.08 5.76
C PRO A 81 -4.63 0.21 4.49
N GLN A 82 -3.90 0.59 3.44
CA GLN A 82 -3.91 -0.13 2.16
C GLN A 82 -2.48 -0.42 1.69
N VAL A 83 -2.33 -1.39 0.79
CA VAL A 83 -1.11 -1.51 -0.03
C VAL A 83 -1.49 -1.80 -1.47
N TYR A 84 -0.76 -1.18 -2.38
CA TYR A 84 -0.88 -1.39 -3.82
C TYR A 84 0.46 -1.93 -4.33
N LEU A 85 0.43 -3.08 -5.00
CA LEU A 85 1.63 -3.70 -5.56
C LEU A 85 1.70 -3.46 -7.06
N ASN A 86 2.83 -2.91 -7.54
CA ASN A 86 3.02 -2.56 -8.95
C ASN A 86 1.96 -1.57 -9.48
N GLY A 87 1.38 -0.75 -8.59
CA GLY A 87 0.23 0.12 -8.81
C GLY A 87 -1.15 -0.54 -8.93
N GLU A 88 -1.31 -1.81 -8.54
CA GLU A 88 -2.56 -2.55 -8.58
C GLU A 88 -3.07 -2.85 -7.17
N PHE A 89 -4.39 -2.80 -7.00
CA PHE A 89 -5.08 -2.91 -5.73
C PHE A 89 -5.32 -4.37 -5.33
N VAL A 90 -5.07 -4.54 -4.05
CA VAL A 90 -4.31 -5.67 -3.51
C VAL A 90 -4.72 -5.86 -2.05
N GLY A 91 -4.92 -4.76 -1.31
CA GLY A 91 -6.07 -4.70 -0.41
C GLY A 91 -6.01 -3.66 0.70
N GLY A 92 -7.13 -3.52 1.42
CA GLY A 92 -7.19 -2.84 2.72
C GLY A 92 -6.75 -3.75 3.87
N CYS A 93 -6.56 -3.21 5.08
CA CYS A 93 -5.93 -3.93 6.17
C CYS A 93 -6.65 -5.22 6.62
N ASP A 94 -7.98 -5.27 6.58
CA ASP A 94 -8.73 -6.49 6.90
C ASP A 94 -8.54 -7.58 5.81
N ILE A 95 -8.38 -7.17 4.55
CA ILE A 95 -8.13 -8.07 3.41
C ILE A 95 -6.72 -8.63 3.45
N LEU A 96 -5.73 -7.77 3.75
CA LEU A 96 -4.34 -8.19 3.93
C LEU A 96 -4.20 -9.28 5.02
N LEU A 97 -5.03 -9.21 6.06
CA LEU A 97 -5.09 -10.17 7.18
C LEU A 97 -5.67 -11.53 6.75
N GLN A 98 -6.39 -11.60 5.63
CA GLN A 98 -6.75 -12.85 4.98
C GLN A 98 -5.61 -13.35 4.08
N MET A 99 -5.17 -12.49 3.16
CA MET A 99 -4.29 -12.88 2.06
C MET A 99 -2.89 -13.29 2.52
N HIS A 100 -2.43 -12.74 3.65
CA HIS A 100 -1.19 -13.17 4.34
C HIS A 100 -1.18 -14.68 4.58
N GLN A 101 -2.32 -15.13 5.07
CA GLN A 101 -2.48 -16.37 5.79
C GLN A 101 -2.88 -17.49 4.80
N ASN A 102 -3.59 -17.09 3.74
CA ASN A 102 -3.88 -17.82 2.53
C ASN A 102 -2.64 -17.99 1.62
N GLY A 103 -1.74 -16.99 1.57
CA GLY A 103 -0.48 -17.04 0.80
C GLY A 103 -0.57 -16.36 -0.57
N ASP A 104 -1.64 -15.60 -0.81
CA ASP A 104 -1.90 -14.89 -2.07
C ASP A 104 -1.04 -13.62 -2.20
N LEU A 105 -0.45 -13.14 -1.09
CA LEU A 105 0.52 -12.03 -1.14
C LEU A 105 1.84 -12.48 -1.75
N VAL A 106 2.11 -13.78 -1.63
CA VAL A 106 3.41 -14.41 -1.87
C VAL A 106 3.62 -14.62 -3.37
N GLU A 107 2.56 -15.00 -4.09
CA GLU A 107 2.51 -15.01 -5.55
C GLU A 107 2.62 -13.59 -6.12
N GLU A 108 1.99 -12.62 -5.43
CA GLU A 108 2.09 -11.19 -5.75
C GLU A 108 3.52 -10.63 -5.58
N LEU A 109 4.30 -11.17 -4.65
CA LEU A 109 5.73 -10.86 -4.49
C LEU A 109 6.59 -11.53 -5.58
N LYS A 110 6.34 -12.81 -5.89
CA LYS A 110 7.09 -13.58 -6.91
C LYS A 110 7.04 -12.95 -8.31
N LYS A 111 5.92 -12.30 -8.69
CA LYS A 111 5.76 -11.55 -9.97
C LYS A 111 6.43 -10.17 -10.04
N LEU A 112 6.92 -9.65 -8.91
CA LEU A 112 7.84 -8.52 -8.81
C LEU A 112 9.31 -8.97 -8.68
N GLY A 113 9.55 -10.29 -8.61
CA GLY A 113 10.85 -10.88 -8.35
C GLY A 113 11.25 -10.90 -6.87
N ILE A 114 10.34 -10.53 -5.95
CA ILE A 114 10.61 -10.46 -4.52
C ILE A 114 10.37 -11.82 -3.84
N HIS A 115 11.34 -12.20 -3.02
CA HIS A 115 11.28 -13.30 -2.07
C HIS A 115 10.49 -12.88 -0.83
N SER A 116 9.34 -13.51 -0.57
CA SER A 116 8.83 -13.57 0.80
C SER A 116 9.82 -14.34 1.67
N ALA A 117 10.29 -13.75 2.76
CA ALA A 117 11.19 -14.38 3.72
C ALA A 117 10.65 -15.73 4.25
N LEU A 118 9.33 -15.89 4.30
CA LEU A 118 8.61 -17.08 4.72
C LEU A 118 8.74 -18.27 3.75
N LEU A 119 9.32 -18.06 2.55
CA LEU A 119 9.64 -19.10 1.58
C LEU A 119 10.56 -20.16 2.18
N ASP A 120 11.64 -19.73 2.84
CA ASP A 120 12.74 -20.56 3.34
C ASP A 120 12.56 -21.00 4.80
N GLU A 121 11.32 -21.00 5.27
CA GLU A 121 10.85 -21.42 6.59
C GLU A 121 10.48 -22.90 6.62
N GLY A 1 3.62 11.71 -19.44
CA GLY A 1 4.19 10.79 -20.43
C GLY A 1 5.53 10.27 -19.96
N SER A 2 5.76 8.97 -20.09
CA SER A 2 7.05 8.29 -19.85
C SER A 2 7.73 8.54 -18.50
N PHE A 3 7.02 9.09 -17.50
CA PHE A 3 7.55 9.57 -16.22
C PHE A 3 8.67 10.63 -16.34
N THR A 4 8.70 11.39 -17.43
CA THR A 4 9.60 12.56 -17.64
C THR A 4 8.93 13.92 -17.47
N MET A 5 7.63 13.88 -17.61
CA MET A 5 6.64 14.95 -17.46
C MET A 5 5.25 14.33 -17.18
N GLY A 6 4.36 15.08 -16.53
CA GLY A 6 3.01 14.60 -16.23
C GLY A 6 2.95 13.38 -15.29
N ALA A 7 3.93 13.23 -14.38
CA ALA A 7 3.94 12.19 -13.34
C ALA A 7 3.10 12.55 -12.08
N GLY A 8 2.30 13.61 -12.17
CA GLY A 8 1.40 14.13 -11.14
C GLY A 8 0.55 15.29 -11.70
N GLY A 9 -0.30 15.91 -10.88
CA GLY A 9 -1.19 17.00 -11.29
C GLY A 9 -2.20 17.42 -10.21
N GLY A 10 -3.26 18.11 -10.64
CA GLY A 10 -4.36 18.60 -9.79
C GLY A 10 -5.36 17.51 -9.37
N GLY A 11 -4.88 16.48 -8.69
CA GLY A 11 -5.68 15.43 -8.09
C GLY A 11 -6.37 14.50 -9.09
N SER A 12 -7.39 13.85 -8.56
CA SER A 12 -8.22 12.82 -9.18
C SER A 12 -7.48 11.53 -9.54
N ALA A 13 -8.22 10.56 -10.08
CA ALA A 13 -7.82 9.17 -10.23
C ALA A 13 -6.54 8.99 -11.07
N GLU A 14 -6.25 9.85 -12.06
CA GLU A 14 -5.00 9.77 -12.83
C GLU A 14 -3.74 10.25 -12.06
N GLN A 15 -3.91 11.07 -11.03
CA GLN A 15 -2.86 11.45 -10.07
C GLN A 15 -2.66 10.34 -9.04
N LEU A 16 -3.72 9.87 -8.39
CA LEU A 16 -3.68 8.78 -7.41
C LEU A 16 -3.13 7.48 -8.02
N ASP A 17 -3.40 7.23 -9.30
CA ASP A 17 -2.83 6.13 -10.09
C ASP A 17 -1.29 6.26 -10.23
N ALA A 18 -0.84 7.47 -10.54
CA ALA A 18 0.58 7.75 -10.66
C ALA A 18 1.24 7.62 -9.28
N LEU A 19 0.52 7.98 -8.21
CA LEU A 19 0.94 7.84 -6.83
C LEU A 19 1.08 6.36 -6.40
N VAL A 20 0.16 5.46 -6.76
CA VAL A 20 0.39 4.00 -6.58
C VAL A 20 1.46 3.44 -7.50
N LYS A 21 1.87 4.19 -8.54
CA LYS A 21 2.99 3.89 -9.41
C LYS A 21 4.32 4.59 -9.06
N LYS A 22 4.38 5.36 -7.96
CA LYS A 22 5.62 6.02 -7.46
C LYS A 22 6.56 5.04 -6.74
N ASP A 23 6.04 3.92 -6.27
CA ASP A 23 6.79 2.75 -5.85
C ASP A 23 6.10 1.47 -6.31
N LYS A 24 6.67 0.32 -5.97
CA LYS A 24 6.06 -1.00 -6.16
C LYS A 24 5.33 -1.56 -4.96
N VAL A 25 5.54 -0.98 -3.78
CA VAL A 25 4.93 -1.39 -2.51
C VAL A 25 4.45 -0.11 -1.87
N VAL A 26 3.32 0.38 -2.36
CA VAL A 26 2.85 1.68 -1.93
C VAL A 26 1.86 1.47 -0.80
N VAL A 27 2.23 1.90 0.40
CA VAL A 27 1.46 1.74 1.64
C VAL A 27 0.84 3.06 2.04
N PHE A 28 -0.31 2.98 2.68
CA PHE A 28 -1.25 4.09 2.79
C PHE A 28 -1.92 4.03 4.14
N LEU A 29 -1.62 4.98 5.03
CA LEU A 29 -2.15 4.97 6.39
C LEU A 29 -2.20 6.40 6.95
N LYS A 30 -3.09 6.71 7.91
CA LYS A 30 -3.14 8.05 8.53
C LYS A 30 -2.03 8.23 9.59
N GLY A 31 -0.78 8.17 9.14
CA GLY A 31 0.39 7.98 10.02
C GLY A 31 1.68 7.54 9.33
N THR A 32 2.60 7.00 10.12
CA THR A 32 3.96 6.58 9.72
C THR A 32 4.30 5.16 10.22
N PRO A 33 5.24 4.43 9.57
CA PRO A 33 5.54 3.03 9.89
C PRO A 33 6.31 2.83 11.20
N GLU A 34 6.92 3.90 11.71
CA GLU A 34 7.76 3.93 12.90
C GLU A 34 7.03 4.38 14.18
N GLN A 35 5.85 5.01 14.07
CA GLN A 35 5.07 5.55 15.19
C GLN A 35 3.57 5.25 15.00
N PRO A 36 2.90 4.49 15.87
CA PRO A 36 1.49 4.12 15.72
C PRO A 36 0.55 5.33 15.91
N GLN A 37 0.19 5.92 14.77
CA GLN A 37 -0.93 6.85 14.53
C GLN A 37 -2.16 6.58 15.41
N CYS A 38 -2.67 5.34 15.31
CA CYS A 38 -3.85 4.80 15.98
C CYS A 38 -3.78 3.26 15.86
N GLY A 39 -4.91 2.56 15.71
CA GLY A 39 -4.96 1.15 15.29
C GLY A 39 -4.42 0.91 13.87
N PHE A 40 -4.24 -0.38 13.56
CA PHE A 40 -3.96 -0.98 12.24
C PHE A 40 -2.58 -0.70 11.61
N SER A 41 -1.93 0.40 11.95
CA SER A 41 -0.74 0.92 11.27
C SER A 41 0.52 0.06 11.41
N ASN A 42 0.65 -0.64 12.54
CA ASN A 42 1.68 -1.63 12.78
C ASN A 42 1.29 -3.00 12.22
N ALA A 43 0.00 -3.34 12.25
CA ALA A 43 -0.50 -4.64 11.75
C ALA A 43 -0.15 -4.89 10.28
N VAL A 44 -0.20 -3.84 9.46
CA VAL A 44 0.21 -3.88 8.07
C VAL A 44 1.74 -3.94 7.88
N VAL A 45 2.48 -3.21 8.70
CA VAL A 45 3.95 -3.13 8.62
C VAL A 45 4.63 -4.40 9.14
N GLN A 46 4.02 -5.07 10.14
CA GLN A 46 4.41 -6.40 10.58
C GLN A 46 4.23 -7.43 9.45
N ILE A 47 3.09 -7.46 8.75
CA ILE A 47 2.91 -8.44 7.65
C ILE A 47 3.96 -8.23 6.55
N LEU A 48 4.26 -6.98 6.23
CA LEU A 48 5.34 -6.61 5.30
C LEU A 48 6.73 -7.07 5.78
N ARG A 49 7.16 -6.73 7.00
CA ARG A 49 8.43 -7.16 7.57
C ARG A 49 8.59 -8.69 7.67
N LEU A 50 7.51 -9.41 7.99
CA LEU A 50 7.50 -10.87 8.10
C LEU A 50 7.72 -11.55 6.73
N HIS A 51 7.25 -10.90 5.66
CA HIS A 51 7.57 -11.23 4.26
C HIS A 51 8.94 -10.72 3.78
N GLY A 52 9.73 -10.04 4.63
CA GLY A 52 11.07 -9.54 4.31
C GLY A 52 11.14 -8.08 3.84
N VAL A 53 10.04 -7.34 3.91
CA VAL A 53 9.86 -6.04 3.23
C VAL A 53 9.75 -4.88 4.21
N ARG A 54 10.63 -3.90 4.03
CA ARG A 54 10.71 -2.59 4.69
C ARG A 54 10.90 -1.46 3.68
N ASP A 55 10.60 -1.84 2.44
CA ASP A 55 11.00 -1.23 1.17
C ASP A 55 9.78 -0.66 0.43
N TYR A 56 8.69 -0.53 1.15
CA TYR A 56 7.54 0.26 0.77
C TYR A 56 7.85 1.76 0.83
N ALA A 57 6.96 2.51 0.19
CA ALA A 57 6.73 3.92 0.47
C ALA A 57 5.50 4.00 1.37
N ALA A 58 5.67 4.38 2.63
CA ALA A 58 4.55 4.49 3.56
C ALA A 58 3.98 5.94 3.49
N TYR A 59 2.92 6.14 2.71
CA TYR A 59 2.22 7.42 2.55
C TYR A 59 1.34 7.72 3.76
N ASN A 60 1.70 8.78 4.47
CA ASN A 60 0.88 9.39 5.46
C ASN A 60 -0.21 10.25 4.82
N VAL A 61 -1.46 9.79 4.87
CA VAL A 61 -2.61 10.50 4.29
C VAL A 61 -3.16 11.63 5.18
N LEU A 62 -2.51 11.95 6.31
CA LEU A 62 -2.76 13.17 7.10
C LEU A 62 -1.89 14.35 6.65
N ASP A 63 -0.78 14.06 5.97
CA ASP A 63 0.25 15.05 5.68
C ASP A 63 -0.23 16.11 4.66
N ASP A 64 -1.02 15.67 3.67
CA ASP A 64 -1.65 16.48 2.66
C ASP A 64 -3.16 16.15 2.55
N PRO A 65 -4.07 17.16 2.60
CA PRO A 65 -5.50 16.93 2.45
C PRO A 65 -5.86 16.43 1.04
N GLU A 66 -4.97 16.65 0.08
CA GLU A 66 -4.98 16.11 -1.26
C GLU A 66 -4.85 14.58 -1.27
N LEU A 67 -3.95 14.05 -0.44
CA LEU A 67 -3.82 12.61 -0.24
C LEU A 67 -5.04 12.07 0.52
N ARG A 68 -5.49 12.80 1.54
CA ARG A 68 -6.64 12.40 2.38
C ARG A 68 -7.92 12.26 1.55
N GLN A 69 -8.30 13.29 0.83
CA GLN A 69 -9.47 13.27 -0.05
C GLN A 69 -9.29 12.34 -1.24
N GLY A 70 -8.08 12.37 -1.81
CA GLY A 70 -7.70 11.46 -2.89
C GLY A 70 -7.97 10.00 -2.52
N ILE A 71 -7.60 9.57 -1.31
CA ILE A 71 -7.77 8.19 -0.89
C ILE A 71 -9.19 7.88 -0.41
N LYS A 72 -9.90 8.86 0.19
CA LYS A 72 -11.34 8.76 0.52
C LYS A 72 -12.21 8.49 -0.70
N ASP A 73 -11.90 9.11 -1.84
CA ASP A 73 -12.57 8.75 -3.11
C ASP A 73 -12.01 7.44 -3.70
N TYR A 74 -10.70 7.37 -3.96
CA TYR A 74 -10.06 6.30 -4.73
C TYR A 74 -10.19 4.90 -4.09
N SER A 75 -10.19 4.82 -2.75
CA SER A 75 -10.39 3.59 -1.98
C SER A 75 -11.82 3.40 -1.46
N ASN A 76 -12.75 4.29 -1.84
CA ASN A 76 -14.16 4.28 -1.40
C ASN A 76 -14.40 4.41 0.12
N TRP A 77 -13.36 4.55 0.96
CA TRP A 77 -13.49 4.41 2.43
C TRP A 77 -13.02 5.68 3.17
N PRO A 78 -13.78 6.19 4.17
CA PRO A 78 -13.42 7.37 4.97
C PRO A 78 -12.03 7.28 5.64
N THR A 79 -11.68 6.08 6.11
CA THR A 79 -10.29 5.64 6.39
C THR A 79 -10.28 4.13 6.67
N ILE A 80 -9.49 3.41 5.88
CA ILE A 80 -8.88 2.09 6.12
C ILE A 80 -7.44 2.12 5.58
N PRO A 81 -6.41 1.63 6.28
CA PRO A 81 -5.06 1.64 5.76
C PRO A 81 -4.80 0.40 4.89
N GLN A 82 -3.97 0.55 3.85
CA GLN A 82 -4.01 -0.32 2.67
C GLN A 82 -2.65 -0.38 1.96
N VAL A 83 -2.49 -1.33 1.02
CA VAL A 83 -1.27 -1.45 0.21
C VAL A 83 -1.63 -1.80 -1.23
N TYR A 84 -0.89 -1.20 -2.15
CA TYR A 84 -0.96 -1.45 -3.58
C TYR A 84 0.38 -2.03 -4.04
N LEU A 85 0.34 -3.12 -4.83
CA LEU A 85 1.54 -3.71 -5.40
C LEU A 85 1.61 -3.51 -6.91
N ASN A 86 2.70 -2.90 -7.37
CA ASN A 86 2.88 -2.50 -8.77
C ASN A 86 1.72 -1.66 -9.34
N GLY A 87 1.13 -0.81 -8.48
CA GLY A 87 -0.05 0.01 -8.76
C GLY A 87 -1.42 -0.71 -8.80
N GLU A 88 -1.53 -1.99 -8.45
CA GLU A 88 -2.81 -2.70 -8.33
C GLU A 88 -3.26 -2.81 -6.87
N PHE A 89 -4.57 -2.67 -6.65
CA PHE A 89 -5.20 -2.88 -5.37
C PHE A 89 -5.34 -4.36 -5.03
N VAL A 90 -5.08 -4.59 -3.76
CA VAL A 90 -4.30 -5.70 -3.28
C VAL A 90 -4.74 -5.94 -1.85
N GLY A 91 -4.82 -4.87 -1.04
CA GLY A 91 -5.96 -4.74 -0.15
C GLY A 91 -5.81 -3.74 0.99
N GLY A 92 -6.91 -3.51 1.72
CA GLY A 92 -6.89 -2.90 3.05
C GLY A 92 -6.46 -3.90 4.13
N CYS A 93 -6.23 -3.40 5.36
CA CYS A 93 -5.72 -4.22 6.46
C CYS A 93 -6.58 -5.46 6.79
N ASP A 94 -7.90 -5.40 6.63
CA ASP A 94 -8.83 -6.49 6.95
C ASP A 94 -8.92 -7.56 5.83
N ILE A 95 -8.44 -7.21 4.63
CA ILE A 95 -8.20 -8.09 3.49
C ILE A 95 -6.79 -8.70 3.57
N LEU A 96 -5.78 -7.88 3.90
CA LEU A 96 -4.37 -8.27 4.00
C LEU A 96 -4.17 -9.50 4.92
N LEU A 97 -4.94 -9.55 6.02
CA LEU A 97 -4.93 -10.66 6.98
C LEU A 97 -5.34 -11.97 6.29
N GLN A 98 -6.42 -11.95 5.52
CA GLN A 98 -6.92 -13.11 4.78
C GLN A 98 -5.86 -13.66 3.82
N MET A 99 -5.27 -12.75 3.03
CA MET A 99 -4.38 -13.06 1.93
C MET A 99 -2.98 -13.49 2.38
N HIS A 100 -2.52 -13.02 3.53
CA HIS A 100 -1.24 -13.43 4.14
C HIS A 100 -1.16 -14.94 4.31
N GLN A 101 -2.26 -15.45 4.87
CA GLN A 101 -2.34 -16.75 5.48
C GLN A 101 -2.82 -17.80 4.44
N ASN A 102 -3.50 -17.33 3.39
CA ASN A 102 -3.78 -18.03 2.13
C ASN A 102 -2.61 -18.00 1.11
N GLY A 103 -1.76 -16.97 1.13
CA GLY A 103 -0.52 -16.88 0.34
C GLY A 103 -0.67 -16.13 -1.00
N ASP A 104 -1.77 -15.41 -1.17
CA ASP A 104 -2.05 -14.60 -2.37
C ASP A 104 -1.28 -13.26 -2.35
N LEU A 105 -0.59 -12.92 -1.24
CA LEU A 105 0.37 -11.79 -1.24
C LEU A 105 1.68 -12.19 -1.91
N VAL A 106 1.97 -13.49 -1.87
CA VAL A 106 3.21 -14.12 -2.31
C VAL A 106 3.24 -14.23 -3.82
N GLU A 107 2.09 -14.57 -4.37
CA GLU A 107 1.77 -14.49 -5.79
C GLU A 107 2.22 -13.13 -6.36
N GLU A 108 1.80 -12.08 -5.66
CA GLU A 108 1.97 -10.67 -6.00
C GLU A 108 3.44 -10.23 -5.94
N LEU A 109 4.16 -10.66 -4.89
CA LEU A 109 5.61 -10.49 -4.78
C LEU A 109 6.35 -11.19 -5.93
N LYS A 110 5.93 -12.39 -6.34
CA LYS A 110 6.56 -13.14 -7.44
C LYS A 110 6.39 -12.48 -8.82
N LYS A 111 5.30 -11.73 -9.07
CA LYS A 111 5.16 -10.93 -10.31
C LYS A 111 6.27 -9.88 -10.42
N LEU A 112 6.55 -9.20 -9.30
CA LEU A 112 7.63 -8.23 -9.13
C LEU A 112 9.04 -8.85 -9.06
N GLY A 113 9.15 -10.18 -9.03
CA GLY A 113 10.41 -10.91 -8.86
C GLY A 113 10.95 -10.90 -7.42
N ILE A 114 10.17 -10.39 -6.46
CA ILE A 114 10.53 -10.33 -5.04
C ILE A 114 10.32 -11.70 -4.39
N HIS A 115 11.28 -12.06 -3.53
CA HIS A 115 11.26 -13.22 -2.67
C HIS A 115 10.62 -12.88 -1.30
N SER A 116 9.46 -13.46 -1.00
CA SER A 116 8.92 -13.52 0.35
C SER A 116 9.85 -14.30 1.30
N ALA A 117 10.14 -13.77 2.47
CA ALA A 117 10.94 -14.41 3.52
C ALA A 117 10.25 -15.64 4.15
N LEU A 118 8.97 -15.89 3.82
CA LEU A 118 8.21 -17.06 4.19
C LEU A 118 8.40 -18.24 3.22
N LEU A 119 9.18 -18.06 2.15
CA LEU A 119 9.49 -19.09 1.16
C LEU A 119 10.24 -20.31 1.75
N ASP A 120 10.95 -20.14 2.87
CA ASP A 120 11.81 -21.14 3.53
C ASP A 120 11.35 -21.52 4.94
N GLU A 121 10.04 -21.46 5.18
CA GLU A 121 9.36 -21.81 6.44
C GLU A 121 9.36 -23.31 6.79
N GLY A 1 7.47 16.73 -20.19
CA GLY A 1 6.50 17.27 -19.24
C GLY A 1 5.22 16.45 -19.27
N SER A 2 4.66 16.15 -18.10
CA SER A 2 3.46 15.31 -17.87
C SER A 2 3.61 13.82 -18.20
N PHE A 3 2.84 13.00 -17.50
CA PHE A 3 2.69 11.55 -17.69
C PHE A 3 1.21 11.13 -17.86
N THR A 4 0.35 12.09 -18.21
CA THR A 4 -1.10 11.88 -18.40
C THR A 4 -1.67 12.61 -19.60
N MET A 5 -2.82 12.12 -20.06
CA MET A 5 -3.82 12.89 -20.80
C MET A 5 -4.27 14.15 -20.05
N GLY A 6 -4.94 15.07 -20.75
CA GLY A 6 -5.43 16.34 -20.19
C GLY A 6 -4.29 17.30 -19.79
N ALA A 7 -4.40 17.93 -18.62
CA ALA A 7 -3.39 18.85 -18.09
C ALA A 7 -2.49 18.21 -17.01
N GLY A 8 -1.25 18.68 -16.89
CA GLY A 8 -0.26 18.21 -15.90
C GLY A 8 -0.46 18.72 -14.47
N GLY A 9 -1.47 19.55 -14.25
CA GLY A 9 -1.89 20.03 -12.94
C GLY A 9 -2.47 18.91 -12.05
N GLY A 10 -2.31 19.06 -10.73
CA GLY A 10 -2.59 18.03 -9.73
C GLY A 10 -4.05 17.55 -9.63
N GLY A 11 -4.28 16.51 -8.85
CA GLY A 11 -5.60 15.92 -8.60
C GLY A 11 -6.16 15.01 -9.70
N SER A 12 -7.37 14.51 -9.43
CA SER A 12 -8.12 13.45 -10.14
C SER A 12 -7.46 12.06 -10.05
N ALA A 13 -8.19 11.04 -10.49
CA ALA A 13 -7.77 9.65 -10.50
C ALA A 13 -6.41 9.42 -11.19
N GLU A 14 -6.10 10.17 -12.25
CA GLU A 14 -4.83 10.12 -12.97
C GLU A 14 -3.62 10.61 -12.14
N GLN A 15 -3.83 11.43 -11.10
CA GLN A 15 -2.82 11.78 -10.10
C GLN A 15 -2.60 10.63 -9.12
N LEU A 16 -3.67 10.10 -8.52
CA LEU A 16 -3.63 8.99 -7.56
C LEU A 16 -3.03 7.71 -8.18
N ASP A 17 -3.29 7.47 -9.47
CA ASP A 17 -2.67 6.39 -10.24
C ASP A 17 -1.15 6.58 -10.33
N ALA A 18 -0.70 7.79 -10.64
CA ALA A 18 0.72 8.11 -10.73
C ALA A 18 1.39 8.04 -9.34
N LEU A 19 0.62 8.34 -8.29
CA LEU A 19 0.97 8.24 -6.87
C LEU A 19 1.24 6.78 -6.47
N VAL A 20 0.38 5.82 -6.85
CA VAL A 20 0.70 4.39 -6.66
C VAL A 20 1.78 3.87 -7.61
N LYS A 21 2.05 4.55 -8.74
CA LYS A 21 3.09 4.19 -9.69
C LYS A 21 4.47 4.80 -9.41
N LYS A 22 4.63 5.51 -8.29
CA LYS A 22 5.93 5.95 -7.74
C LYS A 22 6.85 4.77 -7.43
N ASP A 23 6.31 3.67 -6.90
CA ASP A 23 7.09 2.49 -6.47
C ASP A 23 6.34 1.19 -6.76
N LYS A 24 6.99 0.06 -6.51
CA LYS A 24 6.36 -1.26 -6.64
C LYS A 24 5.53 -1.66 -5.42
N VAL A 25 5.83 -1.03 -4.27
CA VAL A 25 5.11 -1.17 -3.01
C VAL A 25 4.87 0.22 -2.48
N VAL A 26 3.61 0.55 -2.33
CA VAL A 26 3.17 1.87 -1.86
C VAL A 26 2.06 1.66 -0.85
N VAL A 27 2.33 2.13 0.36
CA VAL A 27 1.54 1.87 1.56
C VAL A 27 0.90 3.16 2.02
N PHE A 28 -0.30 3.06 2.58
CA PHE A 28 -1.21 4.18 2.68
C PHE A 28 -1.90 4.10 4.02
N LEU A 29 -1.56 4.98 4.96
CA LEU A 29 -2.13 4.92 6.28
C LEU A 29 -2.16 6.33 6.91
N LYS A 30 -3.09 6.61 7.83
CA LYS A 30 -3.12 7.89 8.58
C LYS A 30 -2.04 7.88 9.68
N GLY A 31 -0.77 7.81 9.28
CA GLY A 31 0.36 7.49 10.16
C GLY A 31 1.67 7.13 9.43
N THR A 32 2.57 6.48 10.16
CA THR A 32 3.91 6.05 9.73
C THR A 32 4.21 4.62 10.21
N PRO A 33 5.20 3.92 9.61
CA PRO A 33 5.55 2.56 9.99
C PRO A 33 6.19 2.44 11.39
N GLU A 34 6.86 3.48 11.91
CA GLU A 34 7.55 3.42 13.21
C GLU A 34 6.77 3.94 14.42
N GLN A 35 5.55 4.44 14.19
CA GLN A 35 4.65 4.96 15.23
C GLN A 35 3.21 4.51 14.93
N PRO A 36 2.59 3.65 15.77
CA PRO A 36 1.23 3.17 15.55
C PRO A 36 0.21 4.28 15.85
N GLN A 37 -0.01 5.11 14.82
CA GLN A 37 -1.02 6.16 14.64
C GLN A 37 -2.34 5.88 15.38
N CYS A 38 -2.88 4.69 15.12
CA CYS A 38 -4.21 4.23 15.48
C CYS A 38 -4.18 2.69 15.51
N GLY A 39 -5.34 2.03 15.45
CA GLY A 39 -5.40 0.62 15.02
C GLY A 39 -4.87 0.41 13.60
N PHE A 40 -4.78 -0.86 13.19
CA PHE A 40 -4.41 -1.37 11.85
C PHE A 40 -2.97 -1.13 11.36
N SER A 41 -2.35 0.00 11.68
CA SER A 41 -1.15 0.51 11.00
C SER A 41 0.09 -0.38 11.13
N ASN A 42 0.23 -1.03 12.28
CA ASN A 42 1.38 -1.88 12.56
C ASN A 42 1.15 -3.29 12.00
N ALA A 43 -0.09 -3.79 11.97
CA ALA A 43 -0.39 -5.10 11.37
C ALA A 43 0.05 -5.17 9.90
N VAL A 44 -0.23 -4.13 9.11
CA VAL A 44 0.17 -4.08 7.73
C VAL A 44 1.69 -3.99 7.53
N VAL A 45 2.38 -3.25 8.40
CA VAL A 45 3.83 -3.01 8.33
C VAL A 45 4.63 -4.21 8.83
N GLN A 46 4.19 -4.84 9.92
CA GLN A 46 4.78 -6.09 10.40
C GLN A 46 4.56 -7.21 9.39
N ILE A 47 3.37 -7.34 8.77
CA ILE A 47 3.17 -8.34 7.71
C ILE A 47 4.14 -8.12 6.54
N LEU A 48 4.33 -6.87 6.11
CA LEU A 48 5.26 -6.53 5.04
C LEU A 48 6.71 -6.88 5.39
N ARG A 49 7.26 -6.42 6.53
CA ARG A 49 8.64 -6.72 6.91
C ARG A 49 8.90 -8.18 7.29
N LEU A 50 7.89 -8.93 7.77
CA LEU A 50 7.98 -10.38 7.96
C LEU A 50 8.16 -11.11 6.61
N HIS A 51 7.50 -10.62 5.56
CA HIS A 51 7.72 -11.01 4.17
C HIS A 51 9.03 -10.43 3.56
N GLY A 52 9.83 -9.68 4.32
CA GLY A 52 11.10 -9.09 3.86
C GLY A 52 10.96 -7.73 3.16
N VAL A 53 9.79 -7.09 3.27
CA VAL A 53 9.46 -5.83 2.56
C VAL A 53 9.33 -4.68 3.56
N ARG A 54 10.28 -3.74 3.53
CA ARG A 54 10.31 -2.53 4.37
C ARG A 54 10.51 -1.26 3.54
N ASP A 55 10.67 -1.51 2.24
CA ASP A 55 11.10 -0.69 1.15
C ASP A 55 9.92 -0.33 0.22
N TYR A 56 8.72 -0.28 0.82
CA TYR A 56 7.57 0.48 0.31
C TYR A 56 7.85 1.98 0.40
N ALA A 57 6.99 2.78 -0.22
CA ALA A 57 6.82 4.18 0.16
C ALA A 57 5.54 4.30 1.00
N ALA A 58 5.68 4.62 2.29
CA ALA A 58 4.53 4.73 3.19
C ALA A 58 3.99 6.18 3.17
N TYR A 59 2.83 6.41 2.58
CA TYR A 59 2.08 7.68 2.55
C TYR A 59 1.32 7.90 3.86
N ASN A 60 1.64 8.99 4.56
CA ASN A 60 0.90 9.45 5.70
C ASN A 60 -0.25 10.41 5.29
N VAL A 61 -1.49 9.92 5.32
CA VAL A 61 -2.67 10.72 4.95
C VAL A 61 -3.19 11.66 6.06
N LEU A 62 -2.39 11.91 7.11
CA LEU A 62 -2.61 12.98 8.10
C LEU A 62 -2.05 14.35 7.66
N ASP A 63 -0.93 14.35 6.94
CA ASP A 63 -0.13 15.55 6.69
C ASP A 63 -0.67 16.38 5.50
N ASP A 64 -0.95 15.68 4.40
CA ASP A 64 -1.57 16.20 3.19
C ASP A 64 -3.08 15.88 3.16
N PRO A 65 -3.98 16.86 3.43
CA PRO A 65 -5.42 16.66 3.31
C PRO A 65 -5.87 16.40 1.85
N GLU A 66 -5.01 16.75 0.89
CA GLU A 66 -5.06 16.38 -0.51
C GLU A 66 -4.86 14.89 -0.74
N LEU A 67 -3.88 14.27 -0.05
CA LEU A 67 -3.71 12.81 -0.06
C LEU A 67 -4.93 12.15 0.60
N ARG A 68 -5.42 12.73 1.70
CA ARG A 68 -6.60 12.24 2.44
C ARG A 68 -7.86 12.19 1.57
N GLN A 69 -8.22 13.28 0.90
CA GLN A 69 -9.38 13.27 -0.02
C GLN A 69 -9.13 12.43 -1.27
N GLY A 70 -7.89 12.44 -1.76
CA GLY A 70 -7.43 11.56 -2.83
C GLY A 70 -7.73 10.10 -2.52
N ILE A 71 -7.41 9.62 -1.32
CA ILE A 71 -7.58 8.22 -0.96
C ILE A 71 -9.02 7.89 -0.57
N LYS A 72 -9.76 8.81 0.05
CA LYS A 72 -11.20 8.65 0.32
C LYS A 72 -12.01 8.47 -0.96
N ASP A 73 -11.68 9.20 -2.02
CA ASP A 73 -12.28 9.00 -3.34
C ASP A 73 -11.77 7.69 -4.00
N TYR A 74 -10.45 7.55 -4.18
CA TYR A 74 -9.84 6.47 -4.96
C TYR A 74 -10.04 5.06 -4.36
N SER A 75 -10.13 4.93 -3.03
CA SER A 75 -10.50 3.68 -2.33
C SER A 75 -11.99 3.59 -1.98
N ASN A 76 -12.77 4.62 -2.32
CA ASN A 76 -14.19 4.78 -1.98
C ASN A 76 -14.53 4.65 -0.46
N TRP A 77 -13.57 4.81 0.45
CA TRP A 77 -13.78 4.56 1.90
C TRP A 77 -13.29 5.72 2.79
N PRO A 78 -14.02 6.10 3.87
CA PRO A 78 -13.63 7.21 4.75
C PRO A 78 -12.38 6.92 5.59
N THR A 79 -12.10 5.66 5.92
CA THR A 79 -10.81 5.22 6.49
C THR A 79 -10.55 3.74 6.19
N ILE A 80 -9.55 3.47 5.34
CA ILE A 80 -8.87 2.15 5.23
C ILE A 80 -7.36 2.40 5.04
N PRO A 81 -6.47 1.91 5.93
CA PRO A 81 -5.05 1.85 5.62
C PRO A 81 -4.76 0.61 4.76
N GLN A 82 -4.05 0.77 3.64
CA GLN A 82 -4.00 -0.22 2.56
C GLN A 82 -2.62 -0.26 1.87
N VAL A 83 -2.42 -1.22 0.97
CA VAL A 83 -1.20 -1.30 0.16
C VAL A 83 -1.56 -1.60 -1.29
N TYR A 84 -0.85 -0.93 -2.19
CA TYR A 84 -0.91 -1.21 -3.62
C TYR A 84 0.39 -1.87 -4.05
N LEU A 85 0.30 -2.96 -4.80
CA LEU A 85 1.45 -3.62 -5.42
C LEU A 85 1.39 -3.46 -6.93
N ASN A 86 2.49 -2.97 -7.49
CA ASN A 86 2.61 -2.67 -8.92
C ASN A 86 1.52 -1.67 -9.41
N GLY A 87 1.23 -0.65 -8.59
CA GLY A 87 0.14 0.30 -8.75
C GLY A 87 -1.29 -0.25 -8.65
N GLU A 88 -1.48 -1.51 -8.25
CA GLU A 88 -2.78 -2.19 -8.25
C GLU A 88 -3.26 -2.53 -6.84
N PHE A 89 -4.57 -2.50 -6.66
CA PHE A 89 -5.24 -2.72 -5.39
C PHE A 89 -5.42 -4.20 -5.06
N VAL A 90 -5.13 -4.43 -3.79
CA VAL A 90 -4.35 -5.56 -3.32
C VAL A 90 -4.70 -5.81 -1.87
N GLY A 91 -4.80 -4.73 -1.08
CA GLY A 91 -5.94 -4.60 -0.18
C GLY A 91 -5.71 -3.73 1.07
N GLY A 92 -6.77 -3.58 1.86
CA GLY A 92 -6.71 -3.00 3.20
C GLY A 92 -6.21 -3.97 4.27
N CYS A 93 -6.08 -3.50 5.51
CA CYS A 93 -5.64 -4.29 6.66
C CYS A 93 -6.52 -5.52 6.97
N ASP A 94 -7.82 -5.48 6.65
CA ASP A 94 -8.69 -6.65 6.72
C ASP A 94 -8.32 -7.69 5.66
N ILE A 95 -7.99 -7.26 4.45
CA ILE A 95 -7.65 -8.15 3.32
C ILE A 95 -6.29 -8.79 3.55
N LEU A 96 -5.32 -8.01 4.00
CA LEU A 96 -3.99 -8.50 4.37
C LEU A 96 -4.08 -9.59 5.45
N LEU A 97 -5.06 -9.54 6.35
CA LEU A 97 -5.26 -10.55 7.41
C LEU A 97 -5.80 -11.88 6.86
N GLN A 98 -6.44 -11.87 5.69
CA GLN A 98 -6.79 -13.07 4.95
C GLN A 98 -5.56 -13.57 4.17
N MET A 99 -5.02 -12.70 3.30
CA MET A 99 -4.02 -13.04 2.31
C MET A 99 -2.67 -13.43 2.89
N HIS A 100 -2.27 -12.84 4.02
CA HIS A 100 -1.02 -13.20 4.73
C HIS A 100 -0.99 -14.67 5.08
N GLN A 101 -2.12 -15.06 5.64
CA GLN A 101 -2.27 -16.24 6.47
C GLN A 101 -2.68 -17.43 5.59
N ASN A 102 -3.37 -17.16 4.48
CA ASN A 102 -3.47 -18.03 3.32
C ASN A 102 -2.15 -18.13 2.52
N GLY A 103 -1.36 -17.05 2.41
CA GLY A 103 -0.13 -17.04 1.60
C GLY A 103 -0.39 -16.56 0.16
N ASP A 104 -1.45 -15.80 -0.04
CA ASP A 104 -1.93 -15.18 -1.28
C ASP A 104 -1.13 -13.91 -1.63
N LEU A 105 -0.42 -13.36 -0.63
CA LEU A 105 0.51 -12.22 -0.83
C LEU A 105 1.76 -12.67 -1.56
N VAL A 106 2.09 -13.94 -1.37
CA VAL A 106 3.36 -14.55 -1.75
C VAL A 106 3.41 -14.80 -3.25
N GLU A 107 2.23 -15.09 -3.82
CA GLU A 107 1.98 -15.21 -5.25
C GLU A 107 1.93 -13.81 -5.89
N GLU A 108 1.27 -12.85 -5.22
CA GLU A 108 1.24 -11.43 -5.63
C GLU A 108 2.65 -10.81 -5.67
N LEU A 109 3.53 -11.19 -4.74
CA LEU A 109 4.95 -10.79 -4.73
C LEU A 109 5.72 -11.42 -5.90
N LYS A 110 5.48 -12.70 -6.23
CA LYS A 110 6.17 -13.42 -7.32
C LYS A 110 5.83 -12.88 -8.72
N LYS A 111 4.69 -12.21 -8.92
CA LYS A 111 4.40 -11.48 -10.18
C LYS A 111 5.43 -10.38 -10.47
N LEU A 112 5.85 -9.65 -9.43
CA LEU A 112 6.95 -8.70 -9.44
C LEU A 112 8.35 -9.35 -9.32
N GLY A 113 8.42 -10.68 -9.19
CA GLY A 113 9.65 -11.42 -8.90
C GLY A 113 10.16 -11.23 -7.46
N ILE A 114 9.36 -10.65 -6.55
CA ILE A 114 9.78 -10.41 -5.18
C ILE A 114 9.74 -11.72 -4.37
N HIS A 115 10.81 -11.93 -3.62
CA HIS A 115 11.06 -13.08 -2.77
C HIS A 115 10.56 -12.84 -1.34
N SER A 116 9.41 -13.42 -0.99
CA SER A 116 8.98 -13.48 0.42
C SER A 116 10.03 -14.18 1.28
N ALA A 117 10.47 -13.56 2.36
CA ALA A 117 11.39 -14.15 3.34
C ALA A 117 10.82 -15.42 4.01
N LEU A 118 9.48 -15.61 3.96
CA LEU A 118 8.76 -16.77 4.45
C LEU A 118 8.80 -17.97 3.49
N LEU A 119 9.44 -17.84 2.32
CA LEU A 119 9.77 -18.93 1.40
C LEU A 119 10.49 -20.09 2.13
N ASP A 120 11.30 -19.76 3.15
CA ASP A 120 12.05 -20.72 3.98
C ASP A 120 11.36 -21.10 5.31
N GLU A 121 10.03 -20.98 5.36
CA GLU A 121 9.13 -21.56 6.38
C GLU A 121 7.75 -21.94 5.80
N GLY A 1 -2.58 -8.36 -9.40
CA GLY A 1 -3.33 -8.99 -10.50
C GLY A 1 -2.54 -8.85 -11.78
N SER A 2 -3.22 -8.54 -12.90
CA SER A 2 -2.58 -8.13 -14.15
C SER A 2 -2.29 -6.63 -14.08
N PHE A 3 -1.10 -6.28 -13.59
CA PHE A 3 -0.76 -4.97 -13.05
C PHE A 3 -1.00 -3.81 -14.06
N THR A 4 -1.50 -2.68 -13.54
CA THR A 4 -2.26 -1.70 -14.34
C THR A 4 -1.43 -0.83 -15.28
N MET A 5 -2.10 -0.39 -16.35
CA MET A 5 -1.60 0.50 -17.41
C MET A 5 -1.20 1.89 -16.90
N GLY A 6 -0.50 2.66 -17.73
CA GLY A 6 -0.03 4.02 -17.44
C GLY A 6 -1.12 5.09 -17.54
N ALA A 7 -1.26 5.88 -16.47
CA ALA A 7 -2.14 7.04 -16.37
C ALA A 7 -1.49 8.18 -15.56
N GLY A 8 -1.91 9.42 -15.81
CA GLY A 8 -1.41 10.63 -15.15
C GLY A 8 -2.38 11.80 -15.27
N GLY A 9 -2.23 12.79 -14.38
CA GLY A 9 -3.10 13.96 -14.27
C GLY A 9 -2.93 14.69 -12.94
N GLY A 10 -3.85 15.58 -12.57
CA GLY A 10 -3.88 16.31 -11.30
C GLY A 10 -5.24 16.20 -10.58
N GLY A 11 -5.21 15.94 -9.27
CA GLY A 11 -6.37 15.87 -8.34
C GLY A 11 -7.53 14.95 -8.70
N SER A 12 -7.36 14.09 -9.70
CA SER A 12 -8.34 13.11 -10.18
C SER A 12 -7.81 11.67 -9.97
N ALA A 13 -8.62 10.66 -10.27
CA ALA A 13 -8.21 9.27 -10.12
C ALA A 13 -6.88 8.92 -10.85
N GLU A 14 -6.63 9.53 -12.02
CA GLU A 14 -5.38 9.37 -12.77
C GLU A 14 -4.15 10.02 -12.10
N GLN A 15 -4.32 11.02 -11.21
CA GLN A 15 -3.25 11.51 -10.33
C GLN A 15 -2.95 10.47 -9.24
N LEU A 16 -3.98 9.98 -8.56
CA LEU A 16 -3.86 8.93 -7.56
C LEU A 16 -3.22 7.63 -8.12
N ASP A 17 -3.47 7.33 -9.40
CA ASP A 17 -2.79 6.22 -10.09
C ASP A 17 -1.29 6.50 -10.31
N ALA A 18 -0.93 7.75 -10.61
CA ALA A 18 0.46 8.20 -10.68
C ALA A 18 1.13 8.20 -9.30
N LEU A 19 0.32 8.37 -8.24
CA LEU A 19 0.71 8.35 -6.83
C LEU A 19 1.07 6.93 -6.36
N VAL A 20 0.31 5.91 -6.77
CA VAL A 20 0.76 4.51 -6.59
C VAL A 20 1.94 4.15 -7.50
N LYS A 21 2.03 4.73 -8.71
CA LYS A 21 3.12 4.41 -9.66
C LYS A 21 4.52 4.94 -9.34
N LYS A 22 4.68 5.52 -8.16
CA LYS A 22 5.96 5.85 -7.50
C LYS A 22 6.84 4.62 -7.30
N ASP A 23 6.23 3.49 -6.91
CA ASP A 23 6.97 2.30 -6.47
C ASP A 23 6.21 1.02 -6.78
N LYS A 24 6.89 -0.11 -6.59
CA LYS A 24 6.26 -1.44 -6.59
C LYS A 24 5.52 -1.73 -5.29
N VAL A 25 5.88 -1.06 -4.20
CA VAL A 25 5.19 -1.13 -2.91
C VAL A 25 4.96 0.29 -2.39
N VAL A 26 3.70 0.66 -2.32
CA VAL A 26 3.22 1.97 -1.85
C VAL A 26 2.09 1.76 -0.88
N VAL A 27 2.28 2.26 0.33
CA VAL A 27 1.48 1.93 1.50
C VAL A 27 0.83 3.19 2.04
N PHE A 28 -0.37 3.07 2.58
CA PHE A 28 -1.31 4.19 2.72
C PHE A 28 -2.00 4.08 4.06
N LEU A 29 -1.72 4.99 4.99
CA LEU A 29 -2.16 4.87 6.38
C LEU A 29 -2.31 6.29 7.00
N LYS A 30 -3.16 6.51 8.02
CA LYS A 30 -3.24 7.83 8.72
C LYS A 30 -2.19 7.90 9.82
N GLY A 31 -0.92 7.84 9.43
CA GLY A 31 0.17 7.41 10.30
C GLY A 31 1.47 7.10 9.56
N THR A 32 2.44 6.54 10.28
CA THR A 32 3.79 6.20 9.79
C THR A 32 4.11 4.73 10.04
N PRO A 33 5.08 4.14 9.32
CA PRO A 33 5.32 2.71 9.39
C PRO A 33 5.86 2.23 10.74
N GLU A 34 6.54 3.11 11.50
CA GLU A 34 7.09 2.76 12.81
C GLU A 34 6.12 2.94 13.99
N GLN A 35 4.96 3.60 13.81
CA GLN A 35 4.00 3.90 14.89
C GLN A 35 2.60 3.26 14.70
N PRO A 36 1.95 2.76 15.77
CA PRO A 36 0.54 2.42 15.78
C PRO A 36 -0.32 3.71 15.87
N GLN A 37 -0.47 4.40 14.73
CA GLN A 37 -1.27 5.63 14.57
C GLN A 37 -2.66 5.60 15.24
N CYS A 38 -3.33 4.46 15.03
CA CYS A 38 -4.63 4.07 15.53
C CYS A 38 -4.77 2.52 15.44
N GLY A 39 -3.74 1.80 15.91
CA GLY A 39 -3.65 0.34 15.98
C GLY A 39 -3.48 -0.45 14.67
N PHE A 40 -3.39 0.21 13.50
CA PHE A 40 -3.46 -0.46 12.19
C PHE A 40 -2.25 -0.26 11.28
N SER A 41 -1.55 0.87 11.35
CA SER A 41 -0.44 1.24 10.45
C SER A 41 0.77 0.33 10.65
N ASN A 42 0.96 -0.12 11.88
CA ASN A 42 1.89 -1.16 12.27
C ASN A 42 1.49 -2.58 11.84
N ALA A 43 0.20 -2.91 11.85
CA ALA A 43 -0.28 -4.26 11.51
C ALA A 43 0.03 -4.66 10.06
N VAL A 44 -0.04 -3.69 9.15
CA VAL A 44 0.33 -3.86 7.75
C VAL A 44 1.85 -3.90 7.55
N VAL A 45 2.59 -3.11 8.33
CA VAL A 45 4.06 -3.05 8.28
C VAL A 45 4.71 -4.27 8.92
N GLN A 46 4.08 -4.86 9.94
CA GLN A 46 4.38 -6.18 10.48
C GLN A 46 4.25 -7.25 9.40
N ILE A 47 3.15 -7.30 8.64
CA ILE A 47 3.02 -8.25 7.53
C ILE A 47 4.13 -8.06 6.48
N LEU A 48 4.43 -6.81 6.13
CA LEU A 48 5.49 -6.48 5.17
C LEU A 48 6.88 -6.91 5.66
N ARG A 49 7.35 -6.44 6.82
CA ARG A 49 8.64 -6.80 7.41
C ARG A 49 8.80 -8.30 7.69
N LEU A 50 7.73 -9.03 8.04
CA LEU A 50 7.74 -10.50 8.19
C LEU A 50 8.01 -11.19 6.85
N HIS A 51 7.44 -10.67 5.76
CA HIS A 51 7.75 -11.07 4.39
C HIS A 51 9.09 -10.51 3.87
N GLY A 52 9.88 -9.81 4.70
CA GLY A 52 11.16 -9.22 4.31
C GLY A 52 11.04 -7.88 3.57
N VAL A 53 9.83 -7.35 3.40
CA VAL A 53 9.55 -6.14 2.61
C VAL A 53 9.59 -4.91 3.50
N ARG A 54 10.48 -3.97 3.15
CA ARG A 54 10.80 -2.75 3.91
C ARG A 54 11.09 -1.54 3.02
N ASP A 55 11.11 -1.75 1.69
CA ASP A 55 11.35 -0.75 0.66
C ASP A 55 10.05 -0.14 0.06
N TYR A 56 8.94 -0.17 0.80
CA TYR A 56 7.73 0.56 0.39
C TYR A 56 7.93 2.07 0.51
N ALA A 57 7.03 2.84 -0.09
CA ALA A 57 6.81 4.24 0.26
C ALA A 57 5.55 4.33 1.13
N ALA A 58 5.70 4.59 2.43
CA ALA A 58 4.56 4.67 3.35
C ALA A 58 4.00 6.12 3.35
N TYR A 59 2.85 6.35 2.73
CA TYR A 59 2.10 7.61 2.70
C TYR A 59 1.28 7.82 3.97
N ASN A 60 1.62 8.88 4.71
CA ASN A 60 0.85 9.38 5.81
C ASN A 60 -0.22 10.38 5.36
N VAL A 61 -1.48 9.96 5.38
CA VAL A 61 -2.60 10.84 5.00
C VAL A 61 -2.93 11.93 6.05
N LEU A 62 -2.26 11.96 7.20
CA LEU A 62 -2.34 13.06 8.17
C LEU A 62 -1.52 14.29 7.71
N ASP A 63 -0.46 14.07 6.91
CA ASP A 63 0.45 15.13 6.44
C ASP A 63 -0.24 16.07 5.44
N ASP A 64 -0.92 15.47 4.45
CA ASP A 64 -1.54 16.16 3.34
C ASP A 64 -3.05 15.86 3.24
N PRO A 65 -3.96 16.85 3.41
CA PRO A 65 -5.39 16.63 3.23
C PRO A 65 -5.73 16.32 1.76
N GLU A 66 -4.87 16.74 0.83
CA GLU A 66 -4.88 16.38 -0.58
C GLU A 66 -4.72 14.87 -0.81
N LEU A 67 -3.80 14.22 -0.07
CA LEU A 67 -3.65 12.76 -0.07
C LEU A 67 -4.88 12.12 0.59
N ARG A 68 -5.32 12.68 1.73
CA ARG A 68 -6.48 12.20 2.52
C ARG A 68 -7.76 12.11 1.69
N GLN A 69 -8.15 13.23 1.08
CA GLN A 69 -9.31 13.30 0.19
C GLN A 69 -9.08 12.51 -1.08
N GLY A 70 -7.88 12.60 -1.65
CA GLY A 70 -7.47 11.81 -2.81
C GLY A 70 -7.77 10.30 -2.64
N ILE A 71 -7.44 9.72 -1.48
CA ILE A 71 -7.57 8.28 -1.25
C ILE A 71 -8.95 7.87 -0.75
N LYS A 72 -9.60 8.70 0.11
CA LYS A 72 -11.00 8.47 0.50
C LYS A 72 -11.92 8.46 -0.74
N ASP A 73 -11.62 9.28 -1.74
CA ASP A 73 -12.34 9.29 -3.01
C ASP A 73 -11.96 8.09 -3.90
N TYR A 74 -10.66 7.89 -4.19
CA TYR A 74 -10.16 6.84 -5.10
C TYR A 74 -10.49 5.40 -4.67
N SER A 75 -10.55 5.15 -3.36
CA SER A 75 -10.98 3.86 -2.78
C SER A 75 -12.43 3.86 -2.28
N ASN A 76 -13.15 4.96 -2.45
CA ASN A 76 -14.55 5.15 -2.02
C ASN A 76 -14.83 4.81 -0.54
N TRP A 77 -13.87 5.08 0.35
CA TRP A 77 -13.81 4.59 1.74
C TRP A 77 -13.58 5.73 2.74
N PRO A 78 -14.16 5.70 3.95
CA PRO A 78 -13.99 6.76 4.94
C PRO A 78 -12.61 6.78 5.62
N THR A 79 -11.98 5.61 5.82
CA THR A 79 -10.65 5.42 6.43
C THR A 79 -10.20 3.97 6.26
N ILE A 80 -8.92 3.75 5.93
CA ILE A 80 -8.27 2.43 5.82
C ILE A 80 -6.82 2.48 6.37
N PRO A 81 -6.09 1.35 6.47
CA PRO A 81 -4.86 1.28 5.63
C PRO A 81 -5.04 0.48 4.34
N GLN A 82 -4.30 0.82 3.28
CA GLN A 82 -4.19 0.01 2.07
C GLN A 82 -2.72 -0.17 1.66
N VAL A 83 -2.46 -1.13 0.77
CA VAL A 83 -1.22 -1.18 -0.01
C VAL A 83 -1.60 -1.21 -1.49
N TYR A 84 -0.72 -0.78 -2.38
CA TYR A 84 -0.78 -1.08 -3.82
C TYR A 84 0.52 -1.74 -4.27
N LEU A 85 0.40 -2.77 -5.12
CA LEU A 85 1.55 -3.46 -5.72
C LEU A 85 1.64 -3.18 -7.22
N ASN A 86 2.80 -2.69 -7.68
CA ASN A 86 3.01 -2.34 -9.09
C ASN A 86 1.93 -1.36 -9.64
N GLY A 87 1.44 -0.49 -8.75
CA GLY A 87 0.27 0.37 -8.91
C GLY A 87 -1.14 -0.26 -8.79
N GLU A 88 -1.33 -1.56 -8.60
CA GLU A 88 -2.64 -2.21 -8.55
C GLU A 88 -3.09 -2.56 -7.13
N PHE A 89 -4.40 -2.55 -6.94
CA PHE A 89 -5.07 -2.85 -5.68
C PHE A 89 -5.12 -4.34 -5.35
N VAL A 90 -4.89 -4.53 -4.06
CA VAL A 90 -4.41 -5.72 -3.38
C VAL A 90 -5.25 -5.93 -2.13
N GLY A 91 -5.43 -4.87 -1.35
CA GLY A 91 -6.50 -4.75 -0.37
C GLY A 91 -6.24 -3.75 0.77
N GLY A 92 -7.27 -3.58 1.62
CA GLY A 92 -7.14 -2.90 2.91
C GLY A 92 -6.53 -3.79 4.00
N CYS A 93 -6.19 -3.24 5.18
CA CYS A 93 -5.63 -4.01 6.30
C CYS A 93 -6.47 -5.25 6.69
N ASP A 94 -7.81 -5.16 6.68
CA ASP A 94 -8.73 -6.27 7.02
C ASP A 94 -8.78 -7.38 5.94
N ILE A 95 -8.33 -7.08 4.72
CA ILE A 95 -8.10 -8.03 3.61
C ILE A 95 -6.69 -8.61 3.68
N LEU A 96 -5.69 -7.75 3.91
CA LEU A 96 -4.29 -8.15 4.06
C LEU A 96 -4.11 -9.22 5.16
N LEU A 97 -4.92 -9.14 6.22
CA LEU A 97 -4.95 -10.08 7.35
C LEU A 97 -5.49 -11.47 6.97
N GLN A 98 -6.26 -11.57 5.88
CA GLN A 98 -6.66 -12.82 5.27
C GLN A 98 -5.56 -13.34 4.34
N MET A 99 -5.10 -12.49 3.42
CA MET A 99 -4.21 -12.84 2.32
C MET A 99 -2.80 -13.22 2.77
N HIS A 100 -2.34 -12.64 3.88
CA HIS A 100 -1.07 -13.02 4.54
C HIS A 100 -1.04 -14.50 4.85
N GLN A 101 -2.15 -14.93 5.44
CA GLN A 101 -2.25 -16.11 6.25
C GLN A 101 -2.71 -17.32 5.40
N ASN A 102 -3.35 -17.04 4.25
CA ASN A 102 -3.55 -17.96 3.12
C ASN A 102 -2.32 -17.97 2.17
N GLY A 103 -1.60 -16.84 2.03
CA GLY A 103 -0.34 -16.77 1.28
C GLY A 103 -0.50 -16.26 -0.15
N ASP A 104 -1.63 -15.65 -0.50
CA ASP A 104 -1.85 -15.01 -1.81
C ASP A 104 -0.99 -13.75 -1.98
N LEU A 105 -0.39 -13.20 -0.91
CA LEU A 105 0.48 -12.02 -1.03
C LEU A 105 1.83 -12.43 -1.65
N VAL A 106 2.17 -13.70 -1.45
CA VAL A 106 3.47 -14.29 -1.71
C VAL A 106 3.65 -14.53 -3.19
N GLU A 107 2.60 -15.03 -3.84
CA GLU A 107 2.55 -15.16 -5.29
C GLU A 107 2.50 -13.78 -5.93
N GLU A 108 1.72 -12.85 -5.38
CA GLU A 108 1.67 -11.45 -5.86
C GLU A 108 3.05 -10.77 -5.80
N LEU A 109 3.82 -11.01 -4.72
CA LEU A 109 5.22 -10.59 -4.62
C LEU A 109 6.12 -11.31 -5.64
N LYS A 110 5.95 -12.63 -5.80
CA LYS A 110 6.83 -13.47 -6.64
C LYS A 110 6.58 -13.32 -8.15
N LYS A 111 5.39 -12.83 -8.54
CA LYS A 111 5.06 -12.30 -9.88
C LYS A 111 5.84 -11.03 -10.24
N LEU A 112 6.13 -10.17 -9.25
CA LEU A 112 7.07 -9.03 -9.38
C LEU A 112 8.55 -9.46 -9.38
N GLY A 113 8.83 -10.69 -8.96
CA GLY A 113 10.16 -11.24 -8.69
C GLY A 113 10.56 -11.21 -7.21
N ILE A 114 9.82 -10.49 -6.35
CA ILE A 114 10.17 -10.31 -4.94
C ILE A 114 10.04 -11.64 -4.17
N HIS A 115 11.05 -11.92 -3.37
CA HIS A 115 11.15 -13.07 -2.47
C HIS A 115 10.58 -12.72 -1.10
N SER A 116 9.46 -13.34 -0.72
CA SER A 116 9.03 -13.39 0.67
C SER A 116 10.07 -14.14 1.52
N ALA A 117 10.34 -13.64 2.71
CA ALA A 117 11.22 -14.27 3.69
C ALA A 117 10.57 -15.49 4.38
N LEU A 118 9.26 -15.72 4.20
CA LEU A 118 8.51 -16.85 4.70
C LEU A 118 8.56 -18.08 3.77
N LEU A 119 9.19 -17.96 2.59
CA LEU A 119 9.17 -18.92 1.51
C LEU A 119 9.51 -20.36 1.94
N ASP A 120 10.53 -20.48 2.79
CA ASP A 120 11.11 -21.73 3.27
C ASP A 120 11.16 -21.78 4.82
N GLU A 121 10.23 -21.05 5.46
CA GLU A 121 10.05 -20.97 6.93
C GLU A 121 9.51 -22.27 7.55
N GLY A 1 -2.87 -4.95 -15.11
CA GLY A 1 -2.50 -3.54 -15.10
C GLY A 1 -3.57 -2.67 -15.76
N SER A 2 -4.57 -2.22 -15.00
CA SER A 2 -5.67 -1.36 -15.46
C SER A 2 -5.92 -0.18 -14.50
N PHE A 3 -6.03 1.04 -15.05
CA PHE A 3 -5.94 2.30 -14.26
C PHE A 3 -6.84 3.44 -14.78
N THR A 4 -7.95 3.12 -15.45
CA THR A 4 -8.96 4.05 -16.01
C THR A 4 -8.39 5.10 -16.97
N MET A 5 -9.00 6.30 -17.04
CA MET A 5 -8.64 7.40 -17.95
C MET A 5 -8.88 8.77 -17.31
N GLY A 6 -8.44 9.85 -17.99
CA GLY A 6 -8.58 11.22 -17.50
C GLY A 6 -8.28 12.30 -18.54
N ALA A 7 -7.92 13.50 -18.08
CA ALA A 7 -7.86 14.73 -18.87
C ALA A 7 -6.50 15.48 -18.82
N GLY A 8 -5.63 15.16 -17.85
CA GLY A 8 -4.32 15.80 -17.66
C GLY A 8 -3.83 15.90 -16.22
N GLY A 9 -4.69 15.66 -15.24
CA GLY A 9 -4.35 15.64 -13.81
C GLY A 9 -5.19 16.58 -12.93
N GLY A 10 -4.65 16.96 -11.76
CA GLY A 10 -5.28 17.89 -10.81
C GLY A 10 -6.20 17.20 -9.79
N GLY A 11 -5.71 16.16 -9.11
CA GLY A 11 -6.50 15.24 -8.32
C GLY A 11 -7.18 14.20 -9.19
N SER A 12 -8.15 13.53 -8.59
CA SER A 12 -8.93 12.42 -9.14
C SER A 12 -8.09 11.18 -9.50
N ALA A 13 -8.72 10.16 -10.06
CA ALA A 13 -8.13 8.84 -10.23
C ALA A 13 -6.87 8.84 -11.13
N GLU A 14 -6.81 9.70 -12.16
CA GLU A 14 -5.61 9.89 -12.97
C GLU A 14 -4.41 10.47 -12.20
N GLN A 15 -4.63 11.15 -11.07
CA GLN A 15 -3.56 11.60 -10.18
C GLN A 15 -3.17 10.49 -9.21
N LEU A 16 -4.15 9.90 -8.51
CA LEU A 16 -3.91 8.80 -7.57
C LEU A 16 -3.23 7.60 -8.23
N ASP A 17 -3.52 7.32 -9.50
CA ASP A 17 -2.78 6.36 -10.34
C ASP A 17 -1.27 6.71 -10.40
N ALA A 18 -1.00 7.98 -10.67
CA ALA A 18 0.36 8.49 -10.84
C ALA A 18 1.10 8.48 -9.50
N LEU A 19 0.35 8.60 -8.39
CA LEU A 19 0.80 8.50 -7.01
C LEU A 19 1.13 7.06 -6.61
N VAL A 20 0.26 6.08 -6.88
CA VAL A 20 0.56 4.65 -6.66
C VAL A 20 1.67 4.13 -7.57
N LYS A 21 1.99 4.85 -8.66
CA LYS A 21 3.10 4.51 -9.56
C LYS A 21 4.52 4.91 -9.14
N LYS A 22 4.64 5.68 -8.07
CA LYS A 22 5.91 6.13 -7.47
C LYS A 22 6.76 4.97 -6.94
N ASP A 23 6.12 3.90 -6.47
CA ASP A 23 6.81 2.69 -6.02
C ASP A 23 6.09 1.40 -6.41
N LYS A 24 6.69 0.27 -6.05
CA LYS A 24 6.12 -1.07 -6.24
C LYS A 24 5.34 -1.60 -5.06
N VAL A 25 5.48 -0.96 -3.90
CA VAL A 25 4.78 -1.31 -2.65
C VAL A 25 4.43 0.02 -2.02
N VAL A 26 3.38 0.63 -2.53
CA VAL A 26 3.00 1.95 -2.05
C VAL A 26 1.96 1.75 -0.95
N VAL A 27 2.33 2.12 0.27
CA VAL A 27 1.52 1.93 1.48
C VAL A 27 0.93 3.25 1.91
N PHE A 28 -0.25 3.21 2.50
CA PHE A 28 -1.13 4.37 2.61
C PHE A 28 -1.84 4.36 3.95
N LEU A 29 -1.40 5.23 4.88
CA LEU A 29 -1.89 5.19 6.24
C LEU A 29 -1.82 6.56 6.93
N LYS A 30 -2.67 6.83 7.93
CA LYS A 30 -2.63 8.09 8.69
C LYS A 30 -1.47 8.05 9.70
N GLY A 31 -0.21 7.89 9.27
CA GLY A 31 0.88 7.50 10.18
C GLY A 31 2.20 7.29 9.46
N THR A 32 3.25 6.94 10.19
CA THR A 32 4.55 6.49 9.62
C THR A 32 4.86 5.06 10.10
N PRO A 33 5.71 4.29 9.40
CA PRO A 33 5.97 2.89 9.75
C PRO A 33 6.86 2.76 11.00
N GLU A 34 7.65 3.80 11.30
CA GLU A 34 8.54 3.90 12.46
C GLU A 34 7.85 4.46 13.71
N GLN A 35 6.75 5.21 13.53
CA GLN A 35 5.84 5.66 14.58
C GLN A 35 4.40 5.27 14.19
N PRO A 36 4.03 3.98 14.32
CA PRO A 36 2.72 3.48 13.92
C PRO A 36 1.61 4.21 14.71
N GLN A 37 0.79 4.98 14.00
CA GLN A 37 -0.13 5.97 14.61
C GLN A 37 -1.10 5.32 15.61
N CYS A 38 -1.70 4.23 15.15
CA CYS A 38 -2.82 3.49 15.71
C CYS A 38 -2.68 2.02 15.23
N GLY A 39 -3.37 1.06 15.87
CA GLY A 39 -3.32 -0.38 15.62
C GLY A 39 -3.12 -0.81 14.16
N PHE A 40 -3.91 -0.26 13.25
CA PHE A 40 -3.94 -0.68 11.85
C PHE A 40 -2.66 -0.37 11.07
N SER A 41 -1.93 0.70 11.42
CA SER A 41 -0.64 0.99 10.78
C SER A 41 0.44 -0.02 11.10
N ASN A 42 0.39 -0.65 12.27
CA ASN A 42 1.32 -1.70 12.64
C ASN A 42 0.88 -3.04 12.06
N ALA A 43 -0.42 -3.32 12.01
CA ALA A 43 -0.97 -4.55 11.45
C ALA A 43 -0.51 -4.81 10.01
N VAL A 44 -0.49 -3.76 9.19
CA VAL A 44 -0.03 -3.81 7.81
C VAL A 44 1.50 -3.90 7.68
N VAL A 45 2.23 -3.19 8.55
CA VAL A 45 3.70 -3.14 8.53
C VAL A 45 4.32 -4.40 9.14
N GLN A 46 3.65 -5.05 10.11
CA GLN A 46 3.94 -6.40 10.59
C GLN A 46 3.84 -7.40 9.43
N ILE A 47 2.75 -7.40 8.66
CA ILE A 47 2.63 -8.35 7.54
C ILE A 47 3.75 -8.14 6.52
N LEU A 48 4.10 -6.89 6.21
CA LEU A 48 5.22 -6.55 5.32
C LEU A 48 6.58 -7.04 5.85
N ARG A 49 7.00 -6.62 7.05
CA ARG A 49 8.26 -7.05 7.66
C ARG A 49 8.36 -8.55 7.97
N LEU A 50 7.25 -9.24 8.26
CA LEU A 50 7.20 -10.70 8.39
C LEU A 50 7.52 -11.38 7.06
N HIS A 51 7.04 -10.82 5.95
CA HIS A 51 7.42 -11.20 4.59
C HIS A 51 8.79 -10.65 4.15
N GLY A 52 9.54 -9.97 5.03
CA GLY A 52 10.89 -9.45 4.75
C GLY A 52 10.92 -8.06 4.12
N VAL A 53 9.77 -7.42 3.92
CA VAL A 53 9.63 -6.17 3.15
C VAL A 53 9.69 -4.95 4.07
N ARG A 54 10.66 -4.08 3.78
CA ARG A 54 10.83 -2.73 4.30
C ARG A 54 10.87 -1.70 3.17
N ASP A 55 10.73 -2.22 1.95
CA ASP A 55 11.00 -1.60 0.66
C ASP A 55 9.73 -1.02 0.02
N TYR A 56 8.71 -0.82 0.86
CA TYR A 56 7.60 0.06 0.57
C TYR A 56 8.01 1.54 0.68
N ALA A 57 7.17 2.38 0.09
CA ALA A 57 7.08 3.80 0.40
C ALA A 57 5.80 4.01 1.21
N ALA A 58 5.91 4.40 2.48
CA ALA A 58 4.77 4.49 3.39
C ALA A 58 4.22 5.94 3.40
N TYR A 59 3.12 6.23 2.71
CA TYR A 59 2.50 7.55 2.59
C TYR A 59 1.69 7.93 3.84
N ASN A 60 2.06 9.07 4.41
CA ASN A 60 1.44 9.71 5.54
C ASN A 60 0.27 10.61 5.13
N VAL A 61 -0.96 10.10 5.26
CA VAL A 61 -2.16 10.89 4.89
C VAL A 61 -2.61 11.88 5.99
N LEU A 62 -1.89 11.93 7.13
CA LEU A 62 -2.12 12.94 8.19
C LEU A 62 -1.72 14.34 7.73
N ASP A 63 -0.57 14.46 7.06
CA ASP A 63 -0.04 15.77 6.65
C ASP A 63 -0.86 16.40 5.52
N ASP A 64 -1.15 15.58 4.51
CA ASP A 64 -1.80 15.94 3.27
C ASP A 64 -3.27 15.49 3.24
N PRO A 65 -4.25 16.36 3.57
CA PRO A 65 -5.67 16.02 3.46
C PRO A 65 -6.11 15.86 1.99
N GLU A 66 -5.31 16.37 1.06
CA GLU A 66 -5.35 16.08 -0.36
C GLU A 66 -5.11 14.59 -0.66
N LEU A 67 -4.09 14.00 -0.02
CA LEU A 67 -3.84 12.55 -0.08
C LEU A 67 -4.99 11.79 0.60
N ARG A 68 -5.49 12.30 1.74
CA ARG A 68 -6.57 11.64 2.50
C ARG A 68 -7.85 11.54 1.66
N GLN A 69 -8.30 12.63 1.05
CA GLN A 69 -9.46 12.64 0.16
C GLN A 69 -9.23 11.78 -1.08
N GLY A 70 -8.03 11.91 -1.65
CA GLY A 70 -7.58 11.12 -2.78
C GLY A 70 -7.75 9.62 -2.51
N ILE A 71 -7.33 9.14 -1.33
CA ILE A 71 -7.32 7.71 -1.03
C ILE A 71 -8.69 7.22 -0.58
N LYS A 72 -9.49 8.07 0.09
CA LYS A 72 -10.87 7.78 0.46
C LYS A 72 -11.78 7.58 -0.75
N ASP A 73 -11.59 8.35 -1.83
CA ASP A 73 -12.33 8.06 -3.07
C ASP A 73 -11.69 6.88 -3.86
N TYR A 74 -10.38 6.91 -4.09
CA TYR A 74 -9.69 5.94 -4.96
C TYR A 74 -9.74 4.49 -4.46
N SER A 75 -9.70 4.27 -3.14
CA SER A 75 -9.87 2.94 -2.51
C SER A 75 -11.34 2.62 -2.16
N ASN A 76 -12.24 3.58 -2.39
CA ASN A 76 -13.66 3.55 -2.03
C ASN A 76 -14.00 3.26 -0.55
N TRP A 77 -13.05 3.40 0.39
CA TRP A 77 -13.28 3.27 1.84
C TRP A 77 -13.01 4.61 2.54
N PRO A 78 -13.88 5.05 3.47
CA PRO A 78 -13.60 6.24 4.26
C PRO A 78 -12.46 5.99 5.28
N THR A 79 -12.31 4.77 5.83
CA THR A 79 -11.53 4.61 7.07
C THR A 79 -10.82 3.26 7.29
N ILE A 80 -10.05 2.82 6.29
CA ILE A 80 -9.08 1.70 6.39
C ILE A 80 -7.77 2.06 5.65
N PRO A 81 -6.56 1.78 6.17
CA PRO A 81 -5.29 1.97 5.44
C PRO A 81 -5.07 0.89 4.36
N GLN A 82 -4.37 1.22 3.27
CA GLN A 82 -4.31 0.43 2.03
C GLN A 82 -2.86 0.08 1.62
N VAL A 83 -2.68 -0.85 0.68
CA VAL A 83 -1.45 -0.95 -0.12
C VAL A 83 -1.82 -1.01 -1.60
N TYR A 84 -0.92 -0.64 -2.50
CA TYR A 84 -0.95 -0.94 -3.94
C TYR A 84 0.37 -1.56 -4.38
N LEU A 85 0.32 -2.64 -5.16
CA LEU A 85 1.50 -3.30 -5.72
C LEU A 85 1.64 -3.01 -7.20
N ASN A 86 2.79 -2.48 -7.60
CA ASN A 86 3.04 -2.06 -8.99
C ASN A 86 1.98 -1.03 -9.50
N GLY A 87 1.48 -0.19 -8.59
CA GLY A 87 0.31 0.67 -8.76
C GLY A 87 -1.08 0.01 -8.66
N GLU A 88 -1.16 -1.32 -8.61
CA GLU A 88 -2.41 -2.07 -8.78
C GLU A 88 -2.91 -2.67 -7.46
N PHE A 89 -4.24 -2.79 -7.40
CA PHE A 89 -5.00 -2.96 -6.18
C PHE A 89 -5.10 -4.40 -5.69
N VAL A 90 -5.00 -4.45 -4.37
CA VAL A 90 -4.57 -5.54 -3.53
C VAL A 90 -5.50 -5.59 -2.32
N GLY A 91 -5.66 -4.46 -1.63
CA GLY A 91 -6.73 -4.21 -0.67
C GLY A 91 -6.35 -3.33 0.53
N GLY A 92 -7.35 -3.06 1.38
CA GLY A 92 -7.16 -2.44 2.69
C GLY A 92 -6.68 -3.43 3.76
N CYS A 93 -6.38 -2.96 4.97
CA CYS A 93 -5.96 -3.80 6.10
C CYS A 93 -6.91 -4.99 6.38
N ASP A 94 -8.23 -4.79 6.26
CA ASP A 94 -9.25 -5.85 6.46
C ASP A 94 -9.20 -6.95 5.38
N ILE A 95 -8.63 -6.64 4.21
CA ILE A 95 -8.34 -7.57 3.10
C ILE A 95 -6.96 -8.21 3.27
N LEU A 96 -5.94 -7.40 3.61
CA LEU A 96 -4.57 -7.86 3.84
C LEU A 96 -4.51 -8.98 4.89
N LEU A 97 -5.39 -8.94 5.88
CA LEU A 97 -5.52 -9.96 6.94
C LEU A 97 -6.07 -11.30 6.41
N GLN A 98 -6.79 -11.28 5.30
CA GLN A 98 -7.21 -12.49 4.58
C GLN A 98 -6.05 -13.03 3.74
N MET A 99 -5.49 -12.15 2.90
CA MET A 99 -4.52 -12.49 1.87
C MET A 99 -3.17 -12.95 2.41
N HIS A 100 -2.78 -12.46 3.59
CA HIS A 100 -1.61 -12.95 4.33
C HIS A 100 -1.69 -14.45 4.57
N GLN A 101 -2.85 -14.84 5.09
CA GLN A 101 -3.04 -16.06 5.82
C GLN A 101 -3.51 -17.20 4.89
N ASN A 102 -4.06 -16.84 3.73
CA ASN A 102 -4.16 -17.67 2.53
C ASN A 102 -2.85 -17.63 1.68
N GLY A 103 -2.10 -16.54 1.68
CA GLY A 103 -0.78 -16.43 1.05
C GLY A 103 -0.82 -15.93 -0.40
N ASP A 104 -1.90 -15.28 -0.81
CA ASP A 104 -1.98 -14.60 -2.10
C ASP A 104 -1.03 -13.38 -2.19
N LEU A 105 -0.51 -12.88 -1.04
CA LEU A 105 0.42 -11.75 -1.05
C LEU A 105 1.78 -12.18 -1.59
N VAL A 106 2.08 -13.45 -1.39
CA VAL A 106 3.35 -14.10 -1.68
C VAL A 106 3.51 -14.27 -3.18
N GLU A 107 2.41 -14.59 -3.85
CA GLU A 107 2.30 -14.67 -5.32
C GLU A 107 2.36 -13.28 -5.93
N GLU A 108 1.68 -12.30 -5.34
CA GLU A 108 1.77 -10.91 -5.79
C GLU A 108 3.18 -10.33 -5.58
N LEU A 109 3.91 -10.72 -4.52
CA LEU A 109 5.33 -10.40 -4.36
C LEU A 109 6.20 -11.07 -5.44
N LYS A 110 5.95 -12.35 -5.77
CA LYS A 110 6.68 -13.07 -6.85
C LYS A 110 6.50 -12.41 -8.23
N LYS A 111 5.36 -11.76 -8.52
CA LYS A 111 5.13 -10.99 -9.76
C LYS A 111 6.04 -9.75 -9.89
N LEU A 112 6.49 -9.17 -8.78
CA LEU A 112 7.50 -8.12 -8.72
C LEU A 112 8.94 -8.67 -8.65
N GLY A 113 9.09 -10.00 -8.61
CA GLY A 113 10.34 -10.72 -8.36
C GLY A 113 10.70 -10.88 -6.88
N ILE A 114 9.89 -10.34 -5.96
CA ILE A 114 10.24 -10.29 -4.53
C ILE A 114 10.02 -11.64 -3.83
N HIS A 115 11.03 -12.00 -3.05
CA HIS A 115 11.08 -13.14 -2.14
C HIS A 115 10.46 -12.81 -0.78
N SER A 116 9.34 -13.46 -0.44
CA SER A 116 8.87 -13.52 0.94
C SER A 116 9.88 -14.24 1.86
N ALA A 117 10.05 -13.74 3.07
CA ALA A 117 10.85 -14.33 4.14
C ALA A 117 10.18 -15.55 4.82
N LEU A 118 8.95 -15.89 4.42
CA LEU A 118 8.21 -17.06 4.83
C LEU A 118 8.36 -18.24 3.84
N LEU A 119 9.00 -18.02 2.68
CA LEU A 119 9.34 -19.05 1.69
C LEU A 119 10.16 -20.21 2.29
N ASP A 120 10.93 -19.94 3.35
CA ASP A 120 11.81 -20.90 4.04
C ASP A 120 11.13 -21.72 5.15
N GLU A 121 9.80 -21.80 5.11
CA GLU A 121 8.97 -22.74 5.86
C GLU A 121 9.16 -24.18 5.37
N GLY A 1 11.22 -1.34 -19.28
CA GLY A 1 9.79 -1.18 -18.95
C GLY A 1 9.43 -1.96 -17.71
N SER A 2 8.88 -1.29 -16.70
CA SER A 2 8.60 -1.86 -15.37
C SER A 2 7.29 -1.38 -14.72
N PHE A 3 6.63 -0.33 -15.23
CA PHE A 3 5.40 0.24 -14.68
C PHE A 3 4.47 0.79 -15.78
N THR A 4 3.17 0.92 -15.49
CA THR A 4 2.13 1.39 -16.43
C THR A 4 1.66 2.82 -16.15
N MET A 5 0.97 3.43 -17.13
CA MET A 5 0.13 4.63 -16.99
C MET A 5 0.74 5.77 -16.15
N GLY A 6 0.10 6.18 -15.05
CA GLY A 6 0.60 7.25 -14.17
C GLY A 6 0.59 8.64 -14.82
N ALA A 7 1.69 9.38 -14.65
CA ALA A 7 2.02 10.68 -15.25
C ALA A 7 1.03 11.87 -15.05
N GLY A 8 -0.14 11.66 -14.42
CA GLY A 8 -1.06 12.74 -14.01
C GLY A 8 -0.54 13.52 -12.80
N GLY A 9 -1.18 14.66 -12.51
CA GLY A 9 -0.79 15.54 -11.40
C GLY A 9 -1.84 16.60 -11.05
N GLY A 10 -1.89 17.01 -9.78
CA GLY A 10 -2.77 18.06 -9.28
C GLY A 10 -4.24 17.67 -9.08
N GLY A 11 -4.53 16.36 -9.01
CA GLY A 11 -5.83 15.79 -8.68
C GLY A 11 -6.36 14.79 -9.71
N SER A 12 -7.58 14.32 -9.47
CA SER A 12 -8.25 13.22 -10.17
C SER A 12 -7.55 11.86 -10.00
N ALA A 13 -8.25 10.80 -10.39
CA ALA A 13 -7.81 9.42 -10.39
C ALA A 13 -6.45 9.20 -11.11
N GLU A 14 -6.12 10.02 -12.11
CA GLU A 14 -4.83 10.01 -12.82
C GLU A 14 -3.64 10.52 -11.98
N GLN A 15 -3.88 11.35 -10.96
CA GLN A 15 -2.88 11.74 -9.96
C GLN A 15 -2.64 10.61 -8.97
N LEU A 16 -3.71 10.05 -8.39
CA LEU A 16 -3.62 8.94 -7.44
C LEU A 16 -3.00 7.69 -8.09
N ASP A 17 -3.24 7.46 -9.38
CA ASP A 17 -2.58 6.41 -10.17
C ASP A 17 -1.04 6.62 -10.20
N ALA A 18 -0.62 7.87 -10.39
CA ALA A 18 0.79 8.26 -10.45
C ALA A 18 1.42 8.17 -9.06
N LEU A 19 0.62 8.38 -8.02
CA LEU A 19 1.00 8.20 -6.62
C LEU A 19 1.21 6.72 -6.26
N VAL A 20 0.32 5.81 -6.66
CA VAL A 20 0.56 4.36 -6.50
C VAL A 20 1.65 3.82 -7.43
N LYS A 21 2.06 4.56 -8.46
CA LYS A 21 3.21 4.19 -9.31
C LYS A 21 4.59 4.67 -8.88
N LYS A 22 4.65 5.49 -7.85
CA LYS A 22 5.89 6.05 -7.28
C LYS A 22 6.75 5.05 -6.53
N ASP A 23 6.19 3.89 -6.19
CA ASP A 23 6.96 2.71 -5.81
C ASP A 23 6.25 1.43 -6.29
N LYS A 24 6.83 0.27 -5.96
CA LYS A 24 6.18 -1.03 -6.16
C LYS A 24 5.40 -1.54 -4.96
N VAL A 25 5.56 -0.89 -3.81
CA VAL A 25 4.92 -1.21 -2.54
C VAL A 25 4.53 0.13 -1.94
N VAL A 26 3.45 0.68 -2.47
CA VAL A 26 3.01 2.00 -2.02
C VAL A 26 1.96 1.82 -0.94
N VAL A 27 2.28 2.28 0.28
CA VAL A 27 1.49 2.06 1.49
C VAL A 27 0.89 3.36 1.97
N PHE A 28 -0.28 3.27 2.60
CA PHE A 28 -1.21 4.37 2.74
C PHE A 28 -1.91 4.30 4.09
N LEU A 29 -1.59 5.24 4.99
CA LEU A 29 -2.08 5.18 6.36
C LEU A 29 -2.20 6.62 6.93
N LYS A 30 -3.13 6.87 7.86
CA LYS A 30 -3.23 8.18 8.56
C LYS A 30 -2.22 8.22 9.71
N GLY A 31 -0.95 8.12 9.35
CA GLY A 31 0.07 7.54 10.24
C GLY A 31 1.38 7.20 9.54
N THR A 32 2.25 6.49 10.25
CA THR A 32 3.62 6.14 9.82
C THR A 32 3.99 4.71 10.26
N PRO A 33 4.97 4.06 9.62
CA PRO A 33 5.26 2.64 9.82
C PRO A 33 5.75 2.26 11.23
N GLU A 34 6.24 3.23 12.00
CA GLU A 34 6.77 3.04 13.36
C GLU A 34 5.90 3.66 14.48
N GLN A 35 4.80 4.37 14.16
CA GLN A 35 3.87 4.94 15.15
C GLN A 35 2.41 4.49 14.88
N PRO A 36 1.70 3.86 15.84
CA PRO A 36 0.37 3.27 15.61
C PRO A 36 -0.79 4.28 15.72
N GLN A 37 -0.71 5.40 14.97
CA GLN A 37 -1.78 6.34 14.56
C GLN A 37 -3.17 6.07 15.16
N CYS A 38 -3.76 4.97 14.70
CA CYS A 38 -5.13 4.54 15.00
C CYS A 38 -5.19 3.00 15.02
N GLY A 39 -4.16 2.37 15.63
CA GLY A 39 -3.83 0.98 15.39
C GLY A 39 -3.23 0.75 14.00
N PHE A 40 -3.20 -0.53 13.56
CA PHE A 40 -3.03 -1.12 12.22
C PHE A 40 -2.04 -0.56 11.15
N SER A 41 -1.37 0.57 11.38
CA SER A 41 -0.29 1.07 10.51
C SER A 41 1.02 0.31 10.71
N ASN A 42 1.17 -0.31 11.88
CA ASN A 42 2.15 -1.35 12.14
C ASN A 42 1.79 -2.69 11.50
N ALA A 43 0.52 -3.10 11.50
CA ALA A 43 0.09 -4.42 11.03
C ALA A 43 0.50 -4.69 9.59
N VAL A 44 0.35 -3.69 8.73
CA VAL A 44 0.83 -3.74 7.36
C VAL A 44 2.35 -3.88 7.25
N VAL A 45 3.07 -3.17 8.12
CA VAL A 45 4.55 -3.11 8.15
C VAL A 45 5.16 -4.38 8.73
N GLN A 46 4.53 -4.98 9.74
CA GLN A 46 4.87 -6.29 10.27
C GLN A 46 4.64 -7.36 9.20
N ILE A 47 3.49 -7.41 8.53
CA ILE A 47 3.22 -8.44 7.51
C ILE A 47 4.20 -8.29 6.33
N LEU A 48 4.50 -7.06 5.91
CA LEU A 48 5.53 -6.78 4.91
C LEU A 48 6.93 -7.26 5.34
N ARG A 49 7.49 -6.84 6.48
CA ARG A 49 8.82 -7.24 6.92
C ARG A 49 8.97 -8.72 7.27
N LEU A 50 7.90 -9.38 7.72
CA LEU A 50 7.82 -10.84 7.89
C LEU A 50 7.94 -11.55 6.54
N HIS A 51 7.38 -10.98 5.48
CA HIS A 51 7.56 -11.42 4.09
C HIS A 51 8.89 -10.97 3.45
N GLY A 52 9.74 -10.21 4.15
CA GLY A 52 11.04 -9.76 3.65
C GLY A 52 11.05 -8.35 3.03
N VAL A 53 9.96 -7.59 3.17
CA VAL A 53 9.71 -6.31 2.47
C VAL A 53 9.72 -5.15 3.47
N ARG A 54 10.58 -4.14 3.25
CA ARG A 54 10.73 -2.99 4.15
C ARG A 54 10.89 -1.67 3.39
N ASP A 55 10.86 -1.81 2.08
CA ASP A 55 11.25 -0.88 1.04
C ASP A 55 10.03 -0.29 0.32
N TYR A 56 8.88 -0.26 1.03
CA TYR A 56 7.70 0.48 0.62
C TYR A 56 7.95 1.99 0.70
N ALA A 57 7.07 2.75 0.08
CA ALA A 57 6.88 4.18 0.33
C ALA A 57 5.61 4.33 1.17
N ALA A 58 5.76 4.63 2.47
CA ALA A 58 4.63 4.69 3.39
C ALA A 58 4.09 6.16 3.44
N TYR A 59 2.99 6.46 2.74
CA TYR A 59 2.33 7.77 2.77
C TYR A 59 1.48 8.02 4.02
N ASN A 60 1.86 9.06 4.76
CA ASN A 60 1.07 9.75 5.76
C ASN A 60 0.00 10.62 5.10
N VAL A 61 -1.26 10.20 5.15
CA VAL A 61 -2.37 10.97 4.53
C VAL A 61 -2.86 12.15 5.38
N LEU A 62 -2.32 12.33 6.59
CA LEU A 62 -2.65 13.46 7.47
C LEU A 62 -1.91 14.75 7.07
N ASP A 63 -0.71 14.62 6.49
CA ASP A 63 0.13 15.76 6.09
C ASP A 63 -0.44 16.59 4.91
N ASP A 64 -1.16 15.91 4.01
CA ASP A 64 -1.80 16.46 2.83
C ASP A 64 -3.30 16.10 2.76
N PRO A 65 -4.23 17.08 2.88
CA PRO A 65 -5.66 16.78 2.73
C PRO A 65 -6.02 16.42 1.29
N GLU A 66 -5.17 16.81 0.33
CA GLU A 66 -5.17 16.36 -1.05
C GLU A 66 -5.04 14.82 -1.16
N LEU A 67 -4.10 14.24 -0.39
CA LEU A 67 -3.93 12.78 -0.25
C LEU A 67 -5.16 12.19 0.47
N ARG A 68 -5.58 12.80 1.59
CA ARG A 68 -6.71 12.33 2.41
C ARG A 68 -7.98 12.14 1.58
N GLN A 69 -8.40 13.22 0.92
CA GLN A 69 -9.58 13.24 0.07
C GLN A 69 -9.39 12.37 -1.17
N GLY A 70 -8.20 12.47 -1.77
CA GLY A 70 -7.81 11.67 -2.92
C GLY A 70 -7.96 10.16 -2.67
N ILE A 71 -7.53 9.67 -1.50
CA ILE A 71 -7.48 8.23 -1.20
C ILE A 71 -8.82 7.70 -0.68
N LYS A 72 -9.52 8.51 0.13
CA LYS A 72 -10.89 8.23 0.57
C LYS A 72 -11.83 8.10 -0.62
N ASP A 73 -11.63 8.86 -1.70
CA ASP A 73 -12.41 8.65 -2.93
C ASP A 73 -11.86 7.52 -3.82
N TYR A 74 -10.54 7.44 -4.07
CA TYR A 74 -9.93 6.43 -4.95
C TYR A 74 -10.17 4.99 -4.52
N SER A 75 -10.16 4.73 -3.20
CA SER A 75 -10.50 3.42 -2.61
C SER A 75 -11.98 3.29 -2.21
N ASN A 76 -12.72 4.39 -2.31
CA ASN A 76 -14.08 4.62 -1.83
C ASN A 76 -14.32 4.40 -0.32
N TRP A 77 -13.31 4.10 0.50
CA TRP A 77 -13.45 3.76 1.92
C TRP A 77 -13.02 4.92 2.84
N PRO A 78 -13.79 5.25 3.90
CA PRO A 78 -13.55 6.47 4.70
C PRO A 78 -12.28 6.43 5.56
N THR A 79 -11.80 5.26 6.00
CA THR A 79 -10.44 5.01 6.56
C THR A 79 -10.22 3.51 6.83
N ILE A 80 -9.31 2.93 6.06
CA ILE A 80 -8.60 1.65 6.26
C ILE A 80 -7.15 1.83 5.77
N PRO A 81 -6.09 1.25 6.40
CA PRO A 81 -4.75 1.30 5.80
C PRO A 81 -4.67 0.38 4.58
N GLN A 82 -4.01 0.83 3.51
CA GLN A 82 -4.03 0.15 2.22
C GLN A 82 -2.63 -0.06 1.67
N VAL A 83 -2.48 -1.02 0.75
CA VAL A 83 -1.22 -1.24 0.03
C VAL A 83 -1.53 -1.56 -1.42
N TYR A 84 -0.77 -0.90 -2.30
CA TYR A 84 -0.90 -1.04 -3.75
C TYR A 84 0.42 -1.60 -4.28
N LEU A 85 0.35 -2.79 -4.90
CA LEU A 85 1.52 -3.47 -5.45
C LEU A 85 1.62 -3.24 -6.94
N ASN A 86 2.77 -2.71 -7.39
CA ASN A 86 2.99 -2.34 -8.78
C ASN A 86 1.96 -1.29 -9.29
N GLY A 87 1.40 -0.49 -8.38
CA GLY A 87 0.23 0.36 -8.54
C GLY A 87 -1.16 -0.28 -8.43
N GLU A 88 -1.31 -1.59 -8.45
CA GLU A 88 -2.64 -2.24 -8.45
C GLU A 88 -3.12 -2.45 -7.02
N PHE A 89 -4.42 -2.22 -6.82
CA PHE A 89 -5.07 -2.34 -5.53
C PHE A 89 -5.45 -3.78 -5.23
N VAL A 90 -5.16 -4.10 -3.97
CA VAL A 90 -4.47 -5.33 -3.59
C VAL A 90 -4.78 -5.66 -2.15
N GLY A 91 -4.93 -4.64 -1.30
CA GLY A 91 -5.19 -4.85 0.11
C GLY A 91 -5.66 -3.63 0.89
N GLY A 92 -6.65 -3.82 1.75
CA GLY A 92 -6.83 -3.05 2.99
C GLY A 92 -6.42 -3.87 4.21
N CYS A 93 -6.23 -3.25 5.39
CA CYS A 93 -5.64 -3.93 6.54
C CYS A 93 -6.47 -5.06 7.20
N ASP A 94 -7.77 -5.12 6.94
CA ASP A 94 -8.58 -6.30 7.31
C ASP A 94 -8.43 -7.44 6.30
N ILE A 95 -8.30 -7.10 5.02
CA ILE A 95 -8.10 -8.05 3.91
C ILE A 95 -6.69 -8.67 3.97
N LEU A 96 -5.67 -7.86 4.29
CA LEU A 96 -4.28 -8.30 4.40
C LEU A 96 -4.11 -9.45 5.41
N LEU A 97 -4.92 -9.44 6.48
CA LEU A 97 -4.91 -10.51 7.50
C LEU A 97 -5.44 -11.83 6.90
N GLN A 98 -6.44 -11.78 6.02
CA GLN A 98 -6.93 -12.97 5.33
C GLN A 98 -5.84 -13.52 4.39
N MET A 99 -5.36 -12.64 3.50
CA MET A 99 -4.48 -13.01 2.39
C MET A 99 -3.11 -13.51 2.81
N HIS A 100 -2.59 -13.05 3.96
CA HIS A 100 -1.34 -13.53 4.56
C HIS A 100 -1.37 -15.04 4.76
N GLN A 101 -2.47 -15.45 5.38
CA GLN A 101 -2.61 -16.73 6.06
C GLN A 101 -3.21 -17.78 5.10
N ASN A 102 -3.93 -17.30 4.07
CA ASN A 102 -4.28 -18.00 2.85
C ASN A 102 -3.09 -18.13 1.87
N GLY A 103 -2.16 -17.15 1.87
CA GLY A 103 -0.90 -17.21 1.12
C GLY A 103 -1.00 -16.60 -0.29
N ASP A 104 -2.04 -15.84 -0.58
CA ASP A 104 -2.21 -15.15 -1.87
C ASP A 104 -1.28 -13.92 -1.99
N LEU A 105 -0.68 -13.46 -0.88
CA LEU A 105 0.30 -12.36 -0.89
C LEU A 105 1.62 -12.80 -1.54
N VAL A 106 1.89 -14.08 -1.46
CA VAL A 106 3.10 -14.79 -1.85
C VAL A 106 3.13 -14.94 -3.37
N GLU A 107 1.95 -15.15 -3.96
CA GLU A 107 1.70 -15.09 -5.40
C GLU A 107 1.73 -13.65 -5.90
N GLU A 108 1.24 -12.70 -5.11
CA GLU A 108 1.34 -11.26 -5.42
C GLU A 108 2.80 -10.77 -5.44
N LEU A 109 3.64 -11.23 -4.48
CA LEU A 109 5.07 -10.93 -4.43
C LEU A 109 5.83 -11.48 -5.64
N LYS A 110 5.41 -12.65 -6.15
CA LYS A 110 5.99 -13.29 -7.35
C LYS A 110 5.76 -12.46 -8.64
N LYS A 111 4.69 -11.65 -8.72
CA LYS A 111 4.47 -10.66 -9.81
C LYS A 111 5.54 -9.56 -9.86
N LEU A 112 6.09 -9.19 -8.71
CA LEU A 112 7.11 -8.16 -8.53
C LEU A 112 8.55 -8.71 -8.56
N GLY A 113 8.70 -10.03 -8.71
CA GLY A 113 9.99 -10.71 -8.63
C GLY A 113 10.53 -10.91 -7.21
N ILE A 114 9.75 -10.56 -6.17
CA ILE A 114 10.13 -10.69 -4.76
C ILE A 114 9.93 -12.13 -4.29
N HIS A 115 10.80 -12.57 -3.38
CA HIS A 115 10.73 -13.83 -2.67
C HIS A 115 10.21 -13.62 -1.25
N SER A 116 9.07 -14.21 -0.89
CA SER A 116 8.61 -14.22 0.50
C SER A 116 9.67 -14.85 1.41
N ALA A 117 10.02 -14.17 2.49
CA ALA A 117 10.99 -14.67 3.47
C ALA A 117 10.47 -15.90 4.25
N LEU A 118 9.16 -16.19 4.18
CA LEU A 118 8.50 -17.37 4.72
C LEU A 118 8.70 -18.62 3.82
N LEU A 119 8.92 -18.40 2.52
CA LEU A 119 9.35 -19.41 1.55
C LEU A 119 10.82 -19.86 1.74
N ASP A 120 11.65 -19.00 2.35
CA ASP A 120 13.07 -19.26 2.63
C ASP A 120 13.32 -19.81 4.06
N GLU A 121 12.34 -20.57 4.56
CA GLU A 121 12.41 -21.37 5.80
C GLU A 121 11.54 -22.63 5.77
N GLY A 1 -7.07 2.96 -15.67
CA GLY A 1 -7.04 4.36 -16.10
C GLY A 1 -6.60 4.50 -17.55
N SER A 2 -6.56 5.73 -18.07
CA SER A 2 -6.02 6.07 -19.39
C SER A 2 -5.27 7.41 -19.47
N PHE A 3 -4.85 7.96 -18.33
CA PHE A 3 -4.00 9.15 -18.25
C PHE A 3 -2.52 8.76 -18.20
N THR A 4 -1.62 9.58 -18.75
CA THR A 4 -0.20 9.23 -18.89
C THR A 4 0.77 10.35 -18.49
N MET A 5 2.02 9.96 -18.20
CA MET A 5 3.23 10.78 -18.20
C MET A 5 3.18 12.19 -17.58
N GLY A 6 2.48 12.32 -16.46
CA GLY A 6 2.47 13.55 -15.65
C GLY A 6 1.48 13.57 -14.48
N ALA A 7 1.38 14.73 -13.83
CA ALA A 7 0.49 14.98 -12.70
C ALA A 7 -0.95 15.26 -13.14
N GLY A 8 -1.90 14.43 -12.69
CA GLY A 8 -3.33 14.54 -13.02
C GLY A 8 -4.14 15.59 -12.26
N GLY A 9 -3.47 16.48 -11.52
CA GLY A 9 -4.07 17.47 -10.62
C GLY A 9 -4.33 16.95 -9.19
N GLY A 10 -4.41 17.87 -8.23
CA GLY A 10 -4.47 17.56 -6.79
C GLY A 10 -5.56 16.55 -6.41
N GLY A 11 -5.15 15.41 -5.87
CA GLY A 11 -6.03 14.33 -5.42
C GLY A 11 -6.90 13.64 -6.49
N SER A 12 -6.69 13.94 -7.77
CA SER A 12 -7.40 13.31 -8.88
C SER A 12 -7.05 11.83 -9.00
N ALA A 13 -7.98 10.98 -9.44
CA ALA A 13 -7.73 9.54 -9.59
C ALA A 13 -6.58 9.22 -10.58
N GLU A 14 -6.41 10.05 -11.63
CA GLU A 14 -5.27 10.00 -12.55
C GLU A 14 -3.94 10.48 -11.96
N GLN A 15 -3.96 11.27 -10.88
CA GLN A 15 -2.77 11.62 -10.09
C GLN A 15 -2.46 10.51 -9.09
N LEU A 16 -3.44 10.05 -8.34
CA LEU A 16 -3.36 8.87 -7.47
C LEU A 16 -2.82 7.64 -8.20
N ASP A 17 -3.15 7.45 -9.49
CA ASP A 17 -2.56 6.44 -10.39
C ASP A 17 -1.03 6.57 -10.54
N ALA A 18 -0.59 7.81 -10.74
CA ALA A 18 0.81 8.15 -10.89
C ALA A 18 1.54 7.99 -9.54
N LEU A 19 0.81 8.23 -8.44
CA LEU A 19 1.23 8.12 -7.04
C LEU A 19 1.38 6.67 -6.58
N VAL A 20 0.42 5.78 -6.86
CA VAL A 20 0.66 4.33 -6.72
C VAL A 20 1.77 3.85 -7.64
N LYS A 21 2.07 4.60 -8.71
CA LYS A 21 3.29 4.38 -9.52
C LYS A 21 4.58 5.15 -9.12
N LYS A 22 4.62 5.87 -8.00
CA LYS A 22 5.86 6.48 -7.44
C LYS A 22 6.84 5.43 -6.89
N ASP A 23 6.33 4.29 -6.42
CA ASP A 23 7.13 3.13 -6.00
C ASP A 23 6.43 1.83 -6.42
N LYS A 24 7.05 0.68 -6.10
CA LYS A 24 6.46 -0.65 -6.29
C LYS A 24 5.65 -1.17 -5.12
N VAL A 25 5.83 -0.56 -3.95
CA VAL A 25 5.11 -0.90 -2.72
C VAL A 25 4.75 0.43 -2.11
N VAL A 26 3.56 0.88 -2.45
CA VAL A 26 3.12 2.20 -2.01
C VAL A 26 2.11 1.99 -0.91
N VAL A 27 2.48 2.41 0.30
CA VAL A 27 1.71 2.20 1.53
C VAL A 27 1.07 3.50 1.95
N PHE A 28 -0.10 3.44 2.56
CA PHE A 28 -1.01 4.59 2.60
C PHE A 28 -1.73 4.63 3.94
N LEU A 29 -1.28 5.49 4.87
CA LEU A 29 -1.79 5.46 6.23
C LEU A 29 -1.77 6.85 6.93
N LYS A 30 -2.66 7.04 7.91
CA LYS A 30 -2.75 8.26 8.74
C LYS A 30 -1.73 8.28 9.88
N GLY A 31 -0.44 8.24 9.53
CA GLY A 31 0.61 7.96 10.51
C GLY A 31 2.02 8.18 10.02
N THR A 32 2.84 7.16 10.28
CA THR A 32 4.19 6.80 9.81
C THR A 32 4.40 5.30 10.14
N PRO A 33 5.34 4.58 9.50
CA PRO A 33 5.50 3.14 9.72
C PRO A 33 6.09 2.78 11.10
N GLU A 34 6.77 3.71 11.75
CA GLU A 34 7.55 3.50 12.98
C GLU A 34 6.91 4.11 14.25
N GLN A 35 5.74 4.75 14.14
CA GLN A 35 4.94 5.22 15.25
C GLN A 35 3.46 4.81 15.05
N PRO A 36 2.86 3.97 15.91
CA PRO A 36 1.46 3.56 15.78
C PRO A 36 0.50 4.70 16.14
N GLN A 37 0.19 5.46 15.09
CA GLN A 37 -0.87 6.46 14.92
C GLN A 37 -2.24 6.09 15.54
N CYS A 38 -2.71 4.88 15.24
CA CYS A 38 -4.04 4.34 15.56
C CYS A 38 -3.96 2.81 15.51
N GLY A 39 -5.08 2.09 15.47
CA GLY A 39 -5.10 0.70 14.96
C GLY A 39 -4.56 0.60 13.53
N PHE A 40 -4.38 -0.63 13.06
CA PHE A 40 -4.09 -1.04 11.67
C PHE A 40 -2.71 -0.65 11.10
N SER A 41 -2.06 0.41 11.58
CA SER A 41 -0.81 0.94 11.00
C SER A 41 0.39 0.01 11.18
N ASN A 42 0.41 -0.78 12.27
CA ASN A 42 1.42 -1.80 12.48
C ASN A 42 1.06 -3.10 11.79
N ALA A 43 -0.22 -3.48 11.71
CA ALA A 43 -0.65 -4.72 11.05
C ALA A 43 -0.17 -4.78 9.60
N VAL A 44 -0.30 -3.68 8.86
CA VAL A 44 0.19 -3.58 7.50
C VAL A 44 1.72 -3.64 7.39
N VAL A 45 2.42 -3.00 8.31
CA VAL A 45 3.90 -2.93 8.32
C VAL A 45 4.54 -4.23 8.83
N GLN A 46 3.91 -4.90 9.80
CA GLN A 46 4.23 -6.26 10.25
C GLN A 46 4.07 -7.25 9.10
N ILE A 47 2.95 -7.25 8.38
CA ILE A 47 2.75 -8.22 7.29
C ILE A 47 3.78 -7.98 6.18
N LEU A 48 4.07 -6.71 5.84
CA LEU A 48 5.13 -6.37 4.86
C LEU A 48 6.52 -6.83 5.31
N ARG A 49 7.03 -6.45 6.49
CA ARG A 49 8.35 -6.82 6.96
C ARG A 49 8.51 -8.33 7.21
N LEU A 50 7.45 -9.02 7.63
CA LEU A 50 7.41 -10.49 7.74
C LEU A 50 7.60 -11.17 6.38
N HIS A 51 7.02 -10.60 5.33
CA HIS A 51 7.23 -11.03 3.95
C HIS A 51 8.57 -10.58 3.36
N GLY A 52 9.46 -9.93 4.11
CA GLY A 52 10.76 -9.44 3.62
C GLY A 52 10.71 -8.06 2.97
N VAL A 53 9.59 -7.34 3.08
CA VAL A 53 9.34 -6.06 2.40
C VAL A 53 9.41 -4.90 3.40
N ARG A 54 10.45 -4.08 3.26
CA ARG A 54 10.73 -2.84 3.99
C ARG A 54 11.09 -1.70 3.03
N ASP A 55 10.79 -1.98 1.76
CA ASP A 55 11.15 -1.26 0.55
C ASP A 55 9.99 -0.41 0.01
N TYR A 56 8.94 -0.27 0.81
CA TYR A 56 7.82 0.60 0.54
C TYR A 56 8.18 2.08 0.72
N ALA A 57 7.39 2.92 0.07
CA ALA A 57 7.21 4.32 0.46
C ALA A 57 5.92 4.40 1.29
N ALA A 58 6.03 4.80 2.56
CA ALA A 58 4.87 4.91 3.45
C ALA A 58 4.28 6.34 3.33
N TYR A 59 3.23 6.51 2.54
CA TYR A 59 2.53 7.79 2.36
C TYR A 59 1.74 8.20 3.60
N ASN A 60 2.01 9.44 4.00
CA ASN A 60 1.50 10.06 5.21
C ASN A 60 0.29 10.91 4.88
N VAL A 61 -0.91 10.35 5.00
CA VAL A 61 -2.12 11.12 4.66
C VAL A 61 -2.44 12.21 5.71
N LEU A 62 -1.70 12.19 6.83
CA LEU A 62 -1.62 13.25 7.84
C LEU A 62 -1.14 14.60 7.29
N ASP A 63 -0.24 14.56 6.31
CA ASP A 63 0.33 15.78 5.71
C ASP A 63 -0.60 16.41 4.66
N ASP A 64 -1.27 15.58 3.85
CA ASP A 64 -1.90 15.97 2.59
C ASP A 64 -3.39 15.58 2.49
N PRO A 65 -4.33 16.55 2.58
CA PRO A 65 -5.76 16.27 2.46
C PRO A 65 -6.18 15.80 1.07
N GLU A 66 -5.45 16.18 0.01
CA GLU A 66 -5.61 15.69 -1.34
C GLU A 66 -5.35 14.18 -1.45
N LEU A 67 -4.25 13.73 -0.84
CA LEU A 67 -3.89 12.31 -0.77
C LEU A 67 -4.94 11.55 0.04
N ARG A 68 -5.36 12.12 1.18
CA ARG A 68 -6.35 11.55 2.09
C ARG A 68 -7.70 11.32 1.42
N GLN A 69 -8.24 12.35 0.75
CA GLN A 69 -9.49 12.27 0.01
C GLN A 69 -9.37 11.36 -1.20
N GLY A 70 -8.29 11.54 -1.95
CA GLY A 70 -7.96 10.74 -3.10
C GLY A 70 -7.96 9.25 -2.76
N ILE A 71 -7.36 8.86 -1.63
CA ILE A 71 -7.21 7.45 -1.25
C ILE A 71 -8.46 6.87 -0.60
N LYS A 72 -9.23 7.68 0.15
CA LYS A 72 -10.54 7.30 0.68
C LYS A 72 -11.55 6.99 -0.42
N ASP A 73 -11.55 7.74 -1.53
CA ASP A 73 -12.37 7.38 -2.69
C ASP A 73 -11.81 6.17 -3.45
N TYR A 74 -10.53 6.21 -3.83
CA TYR A 74 -9.89 5.16 -4.64
C TYR A 74 -9.98 3.78 -3.99
N SER A 75 -9.83 3.74 -2.67
CA SER A 75 -9.88 2.53 -1.83
C SER A 75 -11.24 2.29 -1.17
N ASN A 76 -12.23 3.11 -1.51
CA ASN A 76 -13.65 2.99 -1.15
C ASN A 76 -13.99 2.85 0.36
N TRP A 77 -13.12 3.31 1.28
CA TRP A 77 -13.38 3.31 2.74
C TRP A 77 -13.29 4.70 3.37
N PRO A 78 -14.07 4.95 4.44
CA PRO A 78 -13.81 6.06 5.34
C PRO A 78 -12.57 5.85 6.24
N THR A 79 -12.25 4.61 6.67
CA THR A 79 -11.44 4.42 7.92
C THR A 79 -10.13 3.67 7.89
N ILE A 80 -9.89 2.88 6.86
CA ILE A 80 -8.79 1.91 6.83
C ILE A 80 -7.59 2.36 5.97
N PRO A 81 -6.36 1.87 6.24
CA PRO A 81 -5.16 2.09 5.42
C PRO A 81 -4.97 0.99 4.37
N GLN A 82 -4.09 1.23 3.38
CA GLN A 82 -3.91 0.38 2.20
C GLN A 82 -2.43 0.14 1.87
N VAL A 83 -2.19 -0.84 0.99
CA VAL A 83 -1.00 -0.88 0.14
C VAL A 83 -1.45 -1.03 -1.33
N TYR A 84 -0.66 -0.60 -2.31
CA TYR A 84 -0.75 -0.99 -3.73
C TYR A 84 0.60 -1.58 -4.19
N LEU A 85 0.56 -2.66 -4.97
CA LEU A 85 1.74 -3.37 -5.51
C LEU A 85 1.88 -3.18 -7.00
N ASN A 86 3.05 -2.68 -7.45
CA ASN A 86 3.28 -2.40 -8.86
C ASN A 86 2.19 -1.46 -9.45
N GLY A 87 1.81 -0.45 -8.66
CA GLY A 87 0.66 0.42 -8.82
C GLY A 87 -0.74 -0.19 -8.66
N GLU A 88 -0.91 -1.50 -8.48
CA GLU A 88 -2.22 -2.17 -8.58
C GLU A 88 -2.74 -2.64 -7.22
N PHE A 89 -4.07 -2.62 -7.10
CA PHE A 89 -4.77 -2.98 -5.89
C PHE A 89 -4.75 -4.47 -5.57
N VAL A 90 -4.70 -4.62 -4.26
CA VAL A 90 -4.30 -5.74 -3.44
C VAL A 90 -5.41 -5.85 -2.38
N GLY A 91 -5.54 -4.81 -1.55
CA GLY A 91 -6.69 -4.53 -0.70
C GLY A 91 -6.33 -3.62 0.47
N GLY A 92 -7.32 -3.13 1.21
CA GLY A 92 -7.09 -2.46 2.50
C GLY A 92 -6.64 -3.43 3.59
N CYS A 93 -6.29 -2.91 4.78
CA CYS A 93 -5.79 -3.72 5.89
C CYS A 93 -6.70 -4.92 6.27
N ASP A 94 -8.03 -4.80 6.14
CA ASP A 94 -8.97 -5.89 6.46
C ASP A 94 -8.83 -7.08 5.47
N ILE A 95 -8.40 -6.80 4.25
CA ILE A 95 -8.18 -7.74 3.14
C ILE A 95 -6.77 -8.35 3.23
N LEU A 96 -5.77 -7.52 3.49
CA LEU A 96 -4.37 -7.93 3.70
C LEU A 96 -4.27 -9.06 4.75
N LEU A 97 -5.10 -8.97 5.79
CA LEU A 97 -5.16 -9.90 6.93
C LEU A 97 -5.73 -11.27 6.52
N GLN A 98 -6.49 -11.36 5.44
CA GLN A 98 -6.93 -12.62 4.84
C GLN A 98 -5.88 -13.16 3.86
N MET A 99 -5.45 -12.30 2.93
CA MET A 99 -4.53 -12.66 1.85
C MET A 99 -3.17 -13.15 2.35
N HIS A 100 -2.72 -12.66 3.50
CA HIS A 100 -1.53 -13.14 4.22
C HIS A 100 -1.54 -14.66 4.38
N GLN A 101 -2.68 -15.11 4.88
CA GLN A 101 -2.88 -16.38 5.53
C GLN A 101 -3.33 -17.44 4.51
N ASN A 102 -4.08 -17.00 3.49
CA ASN A 102 -4.35 -17.70 2.25
C ASN A 102 -3.11 -17.76 1.31
N GLY A 103 -2.19 -16.79 1.41
CA GLY A 103 -0.91 -16.84 0.70
C GLY A 103 -0.94 -16.15 -0.65
N ASP A 104 -1.98 -15.37 -0.93
CA ASP A 104 -2.16 -14.65 -2.19
C ASP A 104 -1.31 -13.37 -2.26
N LEU A 105 -0.72 -12.94 -1.13
CA LEU A 105 0.29 -11.86 -1.15
C LEU A 105 1.59 -12.38 -1.74
N VAL A 106 1.88 -13.63 -1.46
CA VAL A 106 3.08 -14.38 -1.82
C VAL A 106 3.11 -14.59 -3.34
N GLU A 107 1.94 -14.81 -3.96
CA GLU A 107 1.81 -14.88 -5.42
C GLU A 107 1.94 -13.50 -6.05
N GLU A 108 1.34 -12.49 -5.42
CA GLU A 108 1.51 -11.08 -5.83
C GLU A 108 2.96 -10.60 -5.70
N LEU A 109 3.74 -11.16 -4.77
CA LEU A 109 5.19 -10.93 -4.65
C LEU A 109 5.96 -11.73 -5.72
N LYS A 110 5.63 -13.01 -5.98
CA LYS A 110 6.22 -13.81 -7.08
C LYS A 110 6.01 -13.17 -8.46
N LYS A 111 4.84 -12.54 -8.69
CA LYS A 111 4.51 -11.72 -9.87
C LYS A 111 5.31 -10.41 -9.95
N LEU A 112 5.74 -9.87 -8.81
CA LEU A 112 6.69 -8.75 -8.67
C LEU A 112 8.16 -9.17 -8.84
N GLY A 113 8.44 -10.46 -8.69
CA GLY A 113 9.79 -11.03 -8.50
C GLY A 113 10.26 -11.07 -7.04
N ILE A 114 9.59 -10.39 -6.12
CA ILE A 114 9.95 -10.36 -4.69
C ILE A 114 9.72 -11.73 -4.04
N HIS A 115 10.63 -12.11 -3.15
CA HIS A 115 10.65 -13.37 -2.41
C HIS A 115 10.08 -13.19 -1.00
N SER A 116 8.92 -13.79 -0.72
CA SER A 116 8.40 -13.88 0.65
C SER A 116 9.42 -14.56 1.57
N ALA A 117 9.76 -13.89 2.66
CA ALA A 117 10.74 -14.38 3.64
C ALA A 117 10.21 -15.52 4.52
N LEU A 118 8.88 -15.70 4.58
CA LEU A 118 8.16 -16.73 5.32
C LEU A 118 8.33 -18.13 4.72
N LEU A 119 8.46 -18.19 3.40
CA LEU A 119 8.90 -19.37 2.63
C LEU A 119 10.24 -19.90 3.16
N ASP A 120 11.15 -19.00 3.50
CA ASP A 120 12.55 -19.25 3.83
C ASP A 120 12.85 -19.26 5.34
N GLU A 121 11.81 -19.47 6.16
CA GLU A 121 11.79 -19.41 7.63
C GLU A 121 12.31 -20.68 8.32
#